data_6ZC6
# 
_entry.id   6ZC6 
# 
_audit_conform.dict_name       mmcif_pdbx.dic 
_audit_conform.dict_version    5.383 
_audit_conform.dict_location   http://mmcif.pdb.org/dictionaries/ascii/mmcif_pdbx.dic 
# 
loop_
_database_2.database_id 
_database_2.database_code 
_database_2.pdbx_database_accession 
_database_2.pdbx_DOI 
PDB   6ZC6         pdb_00006zc6 10.2210/pdb6zc6/pdb 
WWPDB D_1292109267 ?            ?                   
# 
loop_
_pdbx_audit_revision_history.ordinal 
_pdbx_audit_revision_history.data_content_type 
_pdbx_audit_revision_history.major_revision 
_pdbx_audit_revision_history.minor_revision 
_pdbx_audit_revision_history.revision_date 
1 'Structure model' 1 0 2021-06-23 
2 'Structure model' 1 1 2022-07-20 
3 'Structure model' 1 2 2024-01-24 
# 
_pdbx_audit_revision_details.ordinal             1 
_pdbx_audit_revision_details.revision_ordinal    1 
_pdbx_audit_revision_details.data_content_type   'Structure model' 
_pdbx_audit_revision_details.provider            repository 
_pdbx_audit_revision_details.type                'Initial release' 
_pdbx_audit_revision_details.description         ? 
_pdbx_audit_revision_details.details             ? 
# 
loop_
_pdbx_audit_revision_group.ordinal 
_pdbx_audit_revision_group.revision_ordinal 
_pdbx_audit_revision_group.data_content_type 
_pdbx_audit_revision_group.group 
1 2 'Structure model' 'Database references'    
2 3 'Structure model' 'Data collection'        
3 3 'Structure model' 'Refinement description' 
# 
loop_
_pdbx_audit_revision_category.ordinal 
_pdbx_audit_revision_category.revision_ordinal 
_pdbx_audit_revision_category.data_content_type 
_pdbx_audit_revision_category.category 
1 2 'Structure model' citation                      
2 2 'Structure model' database_2                    
3 3 'Structure model' chem_comp_atom                
4 3 'Structure model' chem_comp_bond                
5 3 'Structure model' pdbx_initial_refinement_model 
# 
loop_
_pdbx_audit_revision_item.ordinal 
_pdbx_audit_revision_item.revision_ordinal 
_pdbx_audit_revision_item.data_content_type 
_pdbx_audit_revision_item.item 
1 2 'Structure model' '_citation.country'                   
2 2 'Structure model' '_citation.journal_abbrev'            
3 2 'Structure model' '_citation.journal_id_ASTM'           
4 2 'Structure model' '_citation.journal_id_CSD'            
5 2 'Structure model' '_citation.journal_id_ISSN'           
6 2 'Structure model' '_citation.pdbx_database_id_DOI'      
7 2 'Structure model' '_citation.year'                      
8 2 'Structure model' '_database_2.pdbx_DOI'                
9 2 'Structure model' '_database_2.pdbx_database_accession' 
# 
_pdbx_database_status.status_code                     REL 
_pdbx_database_status.status_code_sf                  REL 
_pdbx_database_status.status_code_mr                  ? 
_pdbx_database_status.entry_id                        6ZC6 
_pdbx_database_status.recvd_initial_deposition_date   2020-06-09 
_pdbx_database_status.SG_entry                        N 
_pdbx_database_status.deposit_site                    PDBE 
_pdbx_database_status.process_site                    PDBE 
_pdbx_database_status.status_code_cs                  ? 
_pdbx_database_status.status_code_nmr_data            ? 
_pdbx_database_status.methods_development_category    ? 
_pdbx_database_status.pdb_format_compatible           Y 
# 
loop_
_audit_author.name 
_audit_author.pdbx_ordinal 
_audit_author.identifier_ORCID 
'Roske, Y.'     1 0000-0001-6237-388X 
'Heinemann, U.' 2 0000-0002-8191-3850 
'Oschkinat, H.' 3 0000-0002-4384-9544 
# 
_citation.abstract                  ? 
_citation.abstract_id_CAS           ? 
_citation.book_id_ISBN              ? 
_citation.book_publisher            ? 
_citation.book_publisher_city       ? 
_citation.book_title                ? 
_citation.coordinate_linkage        ? 
_citation.country                   US 
_citation.database_id_Medline       ? 
_citation.details                   ? 
_citation.id                        primary 
_citation.journal_abbrev            J.Magn.Reson. 
_citation.journal_id_ASTM           JOMRA4 
_citation.journal_id_CSD            0624 
_citation.journal_id_ISSN           0022-2364 
_citation.journal_full              ? 
_citation.journal_issue             ? 
_citation.journal_volume            ? 
_citation.language                  ? 
_citation.page_first                ? 
_citation.page_last                 ? 
_citation.title                     'Small-molecule inhibitors of the PDZ domain of Dishevelled proteins interrupt Wnt signalling' 
_citation.year                      2021 
_citation.database_id_CSD           ? 
_citation.pdbx_database_id_DOI      10.5194/mr-2-355-2021 
_citation.pdbx_database_id_PubMed   ? 
_citation.unpublished_flag          ? 
# 
loop_
_citation_author.citation_id 
_citation_author.name 
_citation_author.ordinal 
_citation_author.identifier_ORCID 
primary 'Roske, Y.'       1  0000-0001-6237-388X 
primary 'Heinemann, U.'   2  0000-0002-8191-3850 
primary 'Oschkinat, H.'   3  0000-0002-4384-9544 
primary 'Kamdem, N.'      4  ?                   
primary 'Kovalskyy, D.'   5  0000-0002-1143-8724 
primary 'Platonov, M.O.'  6  0000-0002-3205-3305 
primary 'Balinskyi, O.M.' 7  ?                   
primary 'Kreuchwig, A.'   8  ?                   
primary 'Saupe, J.'       9  0000-0003-4110-9881 
primary 'Fang, L.'        10 ?                   
primary 'Diehl, A.'       11 0000-0001-7295-9972 
primary 'Schmieder, P.'   12 0000-0001-9968-9327 
primary 'Krause, G.'      13 ?                   
primary 'Rademann, J.'    14 0000-0001-6678-3165 
primary 'Birchmeier, W.'  15 0000-0003-1173-0829 
# 
loop_
_entity.id 
_entity.type 
_entity.src_method 
_entity.pdbx_description 
_entity.formula_weight 
_entity.pdbx_number_of_molecules 
_entity.pdbx_ec 
_entity.pdbx_mutation 
_entity.pdbx_fragment 
_entity.details 
1 polymer     man 'Segment polarity protein dishevelled homolog DVL-3'      10199.681 1   ? ? ? ? 
2 non-polymer syn '5-bromanyl-2-(naphthalen-2-ylsulfonylamino)benzoic acid' 406.250   2   ? ? ? ? 
3 non-polymer syn 1,2-ETHANEDIOL                                            62.068    3   ? ? ? ? 
4 water       nat water                                                     18.015    103 ? ? ? ? 
# 
_entity_name_com.entity_id   1 
_entity_name_com.name        'Dishevelled-3,DSH homolog 3' 
# 
_entity_poly.entity_id                      1 
_entity_poly.type                           'polypeptide(L)' 
_entity_poly.nstd_linkage                   no 
_entity_poly.nstd_monomer                   no 
_entity_poly.pdbx_seq_one_letter_code       
;AMSLNIITVTLNMEKYNFLGISIVGQSNERGDGGIYIGSIMKGGAVAADGRIEPGDMLLQVNEINFENMSNDDAVRVLRE
IVHKPGPITLTVAKS
;
_entity_poly.pdbx_seq_one_letter_code_can   
;AMSLNIITVTLNMEKYNFLGISIVGQSNERGDGGIYIGSIMKGGAVAADGRIEPGDMLLQVNEINFENMSNDDAVRVLRE
IVHKPGPITLTVAKS
;
_entity_poly.pdbx_strand_id                 A 
_entity_poly.pdbx_target_identifier         ? 
# 
loop_
_pdbx_entity_nonpoly.entity_id 
_pdbx_entity_nonpoly.name 
_pdbx_entity_nonpoly.comp_id 
2 '5-bromanyl-2-(naphthalen-2-ylsulfonylamino)benzoic acid' QEN 
3 1,2-ETHANEDIOL                                            EDO 
4 water                                                     HOH 
# 
loop_
_entity_poly_seq.entity_id 
_entity_poly_seq.num 
_entity_poly_seq.mon_id 
_entity_poly_seq.hetero 
1 1  ALA n 
1 2  MET n 
1 3  SER n 
1 4  LEU n 
1 5  ASN n 
1 6  ILE n 
1 7  ILE n 
1 8  THR n 
1 9  VAL n 
1 10 THR n 
1 11 LEU n 
1 12 ASN n 
1 13 MET n 
1 14 GLU n 
1 15 LYS n 
1 16 TYR n 
1 17 ASN n 
1 18 PHE n 
1 19 LEU n 
1 20 GLY n 
1 21 ILE n 
1 22 SER n 
1 23 ILE n 
1 24 VAL n 
1 25 GLY n 
1 26 GLN n 
1 27 SER n 
1 28 ASN n 
1 29 GLU n 
1 30 ARG n 
1 31 GLY n 
1 32 ASP n 
1 33 GLY n 
1 34 GLY n 
1 35 ILE n 
1 36 TYR n 
1 37 ILE n 
1 38 GLY n 
1 39 SER n 
1 40 ILE n 
1 41 MET n 
1 42 LYS n 
1 43 GLY n 
1 44 GLY n 
1 45 ALA n 
1 46 VAL n 
1 47 ALA n 
1 48 ALA n 
1 49 ASP n 
1 50 GLY n 
1 51 ARG n 
1 52 ILE n 
1 53 GLU n 
1 54 PRO n 
1 55 GLY n 
1 56 ASP n 
1 57 MET n 
1 58 LEU n 
1 59 LEU n 
1 60 GLN n 
1 61 VAL n 
1 62 ASN n 
1 63 GLU n 
1 64 ILE n 
1 65 ASN n 
1 66 PHE n 
1 67 GLU n 
1 68 ASN n 
1 69 MET n 
1 70 SER n 
1 71 ASN n 
1 72 ASP n 
1 73 ASP n 
1 74 ALA n 
1 75 VAL n 
1 76 ARG n 
1 77 VAL n 
1 78 LEU n 
1 79 ARG n 
1 80 GLU n 
1 81 ILE n 
1 82 VAL n 
1 83 HIS n 
1 84 LYS n 
1 85 PRO n 
1 86 GLY n 
1 87 PRO n 
1 88 ILE n 
1 89 THR n 
1 90 LEU n 
1 91 THR n 
1 92 VAL n 
1 93 ALA n 
1 94 LYS n 
1 95 SER n 
# 
_entity_src_gen.entity_id                          1 
_entity_src_gen.pdbx_src_id                        1 
_entity_src_gen.pdbx_alt_source_flag               sample 
_entity_src_gen.pdbx_seq_type                      'Biological sequence' 
_entity_src_gen.pdbx_beg_seq_num                   1 
_entity_src_gen.pdbx_end_seq_num                   95 
_entity_src_gen.gene_src_common_name               Human 
_entity_src_gen.gene_src_genus                     ? 
_entity_src_gen.pdbx_gene_src_gene                 'DVL3, KIAA0208' 
_entity_src_gen.gene_src_species                   ? 
_entity_src_gen.gene_src_strain                    ? 
_entity_src_gen.gene_src_tissue                    ? 
_entity_src_gen.gene_src_tissue_fraction           ? 
_entity_src_gen.gene_src_details                   ? 
_entity_src_gen.pdbx_gene_src_fragment             ? 
_entity_src_gen.pdbx_gene_src_scientific_name      'Homo sapiens' 
_entity_src_gen.pdbx_gene_src_ncbi_taxonomy_id     9606 
_entity_src_gen.pdbx_gene_src_variant              ? 
_entity_src_gen.pdbx_gene_src_cell_line            ? 
_entity_src_gen.pdbx_gene_src_atcc                 ? 
_entity_src_gen.pdbx_gene_src_organ                ? 
_entity_src_gen.pdbx_gene_src_organelle            ? 
_entity_src_gen.pdbx_gene_src_cell                 ? 
_entity_src_gen.pdbx_gene_src_cellular_location    ? 
_entity_src_gen.host_org_common_name               ? 
_entity_src_gen.pdbx_host_org_scientific_name      'Escherichia coli' 
_entity_src_gen.pdbx_host_org_ncbi_taxonomy_id     562 
_entity_src_gen.host_org_genus                     ? 
_entity_src_gen.pdbx_host_org_gene                 ? 
_entity_src_gen.pdbx_host_org_organ                ? 
_entity_src_gen.host_org_species                   ? 
_entity_src_gen.pdbx_host_org_tissue               ? 
_entity_src_gen.pdbx_host_org_tissue_fraction      ? 
_entity_src_gen.pdbx_host_org_strain               ? 
_entity_src_gen.pdbx_host_org_variant              ? 
_entity_src_gen.pdbx_host_org_cell_line            ? 
_entity_src_gen.pdbx_host_org_atcc                 ? 
_entity_src_gen.pdbx_host_org_culture_collection   ? 
_entity_src_gen.pdbx_host_org_cell                 ? 
_entity_src_gen.pdbx_host_org_organelle            ? 
_entity_src_gen.pdbx_host_org_cellular_location    ? 
_entity_src_gen.pdbx_host_org_vector_type          Plasmid 
_entity_src_gen.pdbx_host_org_vector               pET32 
_entity_src_gen.host_org_details                   ? 
_entity_src_gen.expression_system_id               ? 
_entity_src_gen.plasmid_name                       ? 
_entity_src_gen.plasmid_details                    ? 
_entity_src_gen.pdbx_description                   ? 
# 
loop_
_chem_comp.id 
_chem_comp.type 
_chem_comp.mon_nstd_flag 
_chem_comp.name 
_chem_comp.pdbx_synonyms 
_chem_comp.formula 
_chem_comp.formula_weight 
ALA 'L-peptide linking' y ALANINE                                                   ?                 'C3 H7 N O2'        89.093  
ARG 'L-peptide linking' y ARGININE                                                  ?                 'C6 H15 N4 O2 1'    175.209 
ASN 'L-peptide linking' y ASPARAGINE                                                ?                 'C4 H8 N2 O3'       132.118 
ASP 'L-peptide linking' y 'ASPARTIC ACID'                                           ?                 'C4 H7 N O4'        133.103 
EDO non-polymer         . 1,2-ETHANEDIOL                                            'ETHYLENE GLYCOL' 'C2 H6 O2'          62.068  
GLN 'L-peptide linking' y GLUTAMINE                                                 ?                 'C5 H10 N2 O3'      146.144 
GLU 'L-peptide linking' y 'GLUTAMIC ACID'                                           ?                 'C5 H9 N O4'        147.129 
GLY 'peptide linking'   y GLYCINE                                                   ?                 'C2 H5 N O2'        75.067  
HIS 'L-peptide linking' y HISTIDINE                                                 ?                 'C6 H10 N3 O2 1'    156.162 
HOH non-polymer         . WATER                                                     ?                 'H2 O'              18.015  
ILE 'L-peptide linking' y ISOLEUCINE                                                ?                 'C6 H13 N O2'       131.173 
LEU 'L-peptide linking' y LEUCINE                                                   ?                 'C6 H13 N O2'       131.173 
LYS 'L-peptide linking' y LYSINE                                                    ?                 'C6 H15 N2 O2 1'    147.195 
MET 'L-peptide linking' y METHIONINE                                                ?                 'C5 H11 N O2 S'     149.211 
PHE 'L-peptide linking' y PHENYLALANINE                                             ?                 'C9 H11 N O2'       165.189 
PRO 'L-peptide linking' y PROLINE                                                   ?                 'C5 H9 N O2'        115.130 
QEN non-polymer         . '5-bromanyl-2-(naphthalen-2-ylsulfonylamino)benzoic acid' ?                 'C17 H12 Br N O4 S' 406.250 
SER 'L-peptide linking' y SERINE                                                    ?                 'C3 H7 N O3'        105.093 
THR 'L-peptide linking' y THREONINE                                                 ?                 'C4 H9 N O3'        119.119 
TYR 'L-peptide linking' y TYROSINE                                                  ?                 'C9 H11 N O3'       181.189 
VAL 'L-peptide linking' y VALINE                                                    ?                 'C5 H11 N O2'       117.146 
# 
loop_
_pdbx_poly_seq_scheme.asym_id 
_pdbx_poly_seq_scheme.entity_id 
_pdbx_poly_seq_scheme.seq_id 
_pdbx_poly_seq_scheme.mon_id 
_pdbx_poly_seq_scheme.ndb_seq_num 
_pdbx_poly_seq_scheme.pdb_seq_num 
_pdbx_poly_seq_scheme.auth_seq_num 
_pdbx_poly_seq_scheme.pdb_mon_id 
_pdbx_poly_seq_scheme.auth_mon_id 
_pdbx_poly_seq_scheme.pdb_strand_id 
_pdbx_poly_seq_scheme.pdb_ins_code 
_pdbx_poly_seq_scheme.hetero 
A 1 1  ALA 1  242 ?   ?   ?   A . n 
A 1 2  MET 2  243 243 MET MET A . n 
A 1 3  SER 3  244 244 SER SER A . n 
A 1 4  LEU 4  245 245 LEU LEU A . n 
A 1 5  ASN 5  246 246 ASN ASN A . n 
A 1 6  ILE 6  247 247 ILE ILE A . n 
A 1 7  ILE 7  248 248 ILE ILE A . n 
A 1 8  THR 8  249 249 THR THR A . n 
A 1 9  VAL 9  250 250 VAL VAL A . n 
A 1 10 THR 10 251 251 THR THR A . n 
A 1 11 LEU 11 252 252 LEU LEU A . n 
A 1 12 ASN 12 253 253 ASN ASN A . n 
A 1 13 MET 13 254 254 MET MET A . n 
A 1 14 GLU 14 255 255 GLU GLU A . n 
A 1 15 LYS 15 256 256 LYS LYS A . n 
A 1 16 TYR 16 257 257 TYR TYR A . n 
A 1 17 ASN 17 258 258 ASN ASN A . n 
A 1 18 PHE 18 259 259 PHE PHE A . n 
A 1 19 LEU 19 260 260 LEU LEU A . n 
A 1 20 GLY 20 261 261 GLY GLY A . n 
A 1 21 ILE 21 262 262 ILE ILE A . n 
A 1 22 SER 22 263 263 SER SER A . n 
A 1 23 ILE 23 264 264 ILE ILE A . n 
A 1 24 VAL 24 265 265 VAL VAL A . n 
A 1 25 GLY 25 266 266 GLY GLY A . n 
A 1 26 GLN 26 267 267 GLN GLN A . n 
A 1 27 SER 27 268 268 SER SER A . n 
A 1 28 ASN 28 269 269 ASN ASN A . n 
A 1 29 GLU 29 270 270 GLU ALA A . n 
A 1 30 ARG 30 271 ?   ?   ?   A . n 
A 1 31 GLY 31 272 ?   ?   ?   A . n 
A 1 32 ASP 32 273 ?   ?   ?   A . n 
A 1 33 GLY 33 274 ?   ?   ?   A . n 
A 1 34 GLY 34 275 275 GLY GLY A . n 
A 1 35 ILE 35 276 276 ILE ILE A . n 
A 1 36 TYR 36 277 277 TYR TYR A . n 
A 1 37 ILE 37 278 278 ILE ILE A . n 
A 1 38 GLY 38 279 279 GLY GLY A . n 
A 1 39 SER 39 280 280 SER SER A . n 
A 1 40 ILE 40 281 281 ILE ILE A . n 
A 1 41 MET 41 282 282 MET MET A . n 
A 1 42 LYS 42 283 283 LYS LYS A . n 
A 1 43 GLY 43 284 284 GLY GLY A . n 
A 1 44 GLY 44 285 285 GLY GLY A . n 
A 1 45 ALA 45 286 286 ALA ALA A . n 
A 1 46 VAL 46 287 287 VAL VAL A . n 
A 1 47 ALA 47 288 288 ALA ALA A . n 
A 1 48 ALA 48 289 289 ALA ALA A . n 
A 1 49 ASP 49 290 290 ASP ASP A . n 
A 1 50 GLY 50 291 291 GLY GLY A . n 
A 1 51 ARG 51 292 292 ARG ARG A . n 
A 1 52 ILE 52 293 293 ILE ILE A . n 
A 1 53 GLU 53 294 294 GLU GLU A . n 
A 1 54 PRO 54 295 295 PRO PRO A . n 
A 1 55 GLY 55 296 296 GLY GLY A . n 
A 1 56 ASP 56 297 297 ASP ASP A . n 
A 1 57 MET 57 298 298 MET MET A . n 
A 1 58 LEU 58 299 299 LEU LEU A . n 
A 1 59 LEU 59 300 300 LEU LEU A . n 
A 1 60 GLN 60 301 301 GLN GLN A . n 
A 1 61 VAL 61 302 302 VAL VAL A . n 
A 1 62 ASN 62 303 303 ASN ASN A . n 
A 1 63 GLU 63 304 304 GLU GLU A . n 
A 1 64 ILE 64 305 305 ILE ILE A . n 
A 1 65 ASN 65 306 306 ASN ASN A . n 
A 1 66 PHE 66 307 307 PHE PHE A . n 
A 1 67 GLU 67 308 308 GLU GLU A . n 
A 1 68 ASN 68 309 309 ASN ASN A . n 
A 1 69 MET 69 310 310 MET MET A . n 
A 1 70 SER 70 311 311 SER SER A . n 
A 1 71 ASN 71 312 312 ASN ASN A . n 
A 1 72 ASP 72 313 313 ASP ASP A . n 
A 1 73 ASP 73 314 314 ASP ASP A . n 
A 1 74 ALA 74 315 315 ALA ALA A . n 
A 1 75 VAL 75 316 316 VAL VAL A . n 
A 1 76 ARG 76 317 317 ARG ARG A . n 
A 1 77 VAL 77 318 318 VAL VAL A . n 
A 1 78 LEU 78 319 319 LEU LEU A . n 
A 1 79 ARG 79 320 320 ARG ARG A . n 
A 1 80 GLU 80 321 321 GLU GLU A . n 
A 1 81 ILE 81 322 322 ILE ILE A . n 
A 1 82 VAL 82 323 323 VAL VAL A . n 
A 1 83 HIS 83 324 324 HIS HIS A . n 
A 1 84 LYS 84 325 325 LYS LYS A . n 
A 1 85 PRO 85 326 326 PRO PRO A . n 
A 1 86 GLY 86 327 327 GLY GLY A . n 
A 1 87 PRO 87 328 328 PRO PRO A . n 
A 1 88 ILE 88 329 329 ILE ILE A . n 
A 1 89 THR 89 330 330 THR THR A . n 
A 1 90 LEU 90 331 331 LEU LEU A . n 
A 1 91 THR 91 332 332 THR THR A . n 
A 1 92 VAL 92 333 333 VAL VAL A . n 
A 1 93 ALA 93 334 334 ALA ALA A . n 
A 1 94 LYS 94 335 335 LYS LYS A . n 
A 1 95 SER 95 336 336 SER SER A . n 
# 
loop_
_pdbx_nonpoly_scheme.asym_id 
_pdbx_nonpoly_scheme.entity_id 
_pdbx_nonpoly_scheme.mon_id 
_pdbx_nonpoly_scheme.ndb_seq_num 
_pdbx_nonpoly_scheme.pdb_seq_num 
_pdbx_nonpoly_scheme.auth_seq_num 
_pdbx_nonpoly_scheme.pdb_mon_id 
_pdbx_nonpoly_scheme.auth_mon_id 
_pdbx_nonpoly_scheme.pdb_strand_id 
_pdbx_nonpoly_scheme.pdb_ins_code 
B 2 QEN 1   401 1   QEN V37 A . 
C 2 QEN 1   402 1   QEN V37 A . 
D 3 EDO 1   403 1   EDO EDO A . 
E 3 EDO 1   404 1   EDO EDO A . 
F 3 EDO 1   405 1   EDO EDO A . 
G 4 HOH 1   501 44  HOH HOH A . 
G 4 HOH 2   502 92  HOH HOH A . 
G 4 HOH 3   503 14  HOH HOH A . 
G 4 HOH 4   504 25  HOH HOH A . 
G 4 HOH 5   505 8   HOH HOH A . 
G 4 HOH 6   506 54  HOH HOH A . 
G 4 HOH 7   507 108 HOH HOH A . 
G 4 HOH 8   508 33  HOH HOH A . 
G 4 HOH 9   509 43  HOH HOH A . 
G 4 HOH 10  510 6   HOH HOH A . 
G 4 HOH 11  511 28  HOH HOH A . 
G 4 HOH 12  512 36  HOH HOH A . 
G 4 HOH 13  513 23  HOH HOH A . 
G 4 HOH 14  514 109 HOH HOH A . 
G 4 HOH 15  515 112 HOH HOH A . 
G 4 HOH 16  516 41  HOH HOH A . 
G 4 HOH 17  517 47  HOH HOH A . 
G 4 HOH 18  518 87  HOH HOH A . 
G 4 HOH 19  519 98  HOH HOH A . 
G 4 HOH 20  520 115 HOH HOH A . 
G 4 HOH 21  521 70  HOH HOH A . 
G 4 HOH 22  522 61  HOH HOH A . 
G 4 HOH 23  523 97  HOH HOH A . 
G 4 HOH 24  524 20  HOH HOH A . 
G 4 HOH 25  525 7   HOH HOH A . 
G 4 HOH 26  526 2   HOH HOH A . 
G 4 HOH 27  527 11  HOH HOH A . 
G 4 HOH 28  528 57  HOH HOH A . 
G 4 HOH 29  529 40  HOH HOH A . 
G 4 HOH 30  530 1   HOH HOH A . 
G 4 HOH 31  531 39  HOH HOH A . 
G 4 HOH 32  532 29  HOH HOH A . 
G 4 HOH 33  533 12  HOH HOH A . 
G 4 HOH 34  534 18  HOH HOH A . 
G 4 HOH 35  535 65  HOH HOH A . 
G 4 HOH 36  536 73  HOH HOH A . 
G 4 HOH 37  537 46  HOH HOH A . 
G 4 HOH 38  538 13  HOH HOH A . 
G 4 HOH 39  539 5   HOH HOH A . 
G 4 HOH 40  540 50  HOH HOH A . 
G 4 HOH 41  541 24  HOH HOH A . 
G 4 HOH 42  542 22  HOH HOH A . 
G 4 HOH 43  543 82  HOH HOH A . 
G 4 HOH 44  544 30  HOH HOH A . 
G 4 HOH 45  545 45  HOH HOH A . 
G 4 HOH 46  546 34  HOH HOH A . 
G 4 HOH 47  547 53  HOH HOH A . 
G 4 HOH 48  548 99  HOH HOH A . 
G 4 HOH 49  549 51  HOH HOH A . 
G 4 HOH 50  550 26  HOH HOH A . 
G 4 HOH 51  551 38  HOH HOH A . 
G 4 HOH 52  552 21  HOH HOH A . 
G 4 HOH 53  553 59  HOH HOH A . 
G 4 HOH 54  554 9   HOH HOH A . 
G 4 HOH 55  555 88  HOH HOH A . 
G 4 HOH 56  556 93  HOH HOH A . 
G 4 HOH 57  557 49  HOH HOH A . 
G 4 HOH 58  558 77  HOH HOH A . 
G 4 HOH 59  559 19  HOH HOH A . 
G 4 HOH 60  560 3   HOH HOH A . 
G 4 HOH 61  561 31  HOH HOH A . 
G 4 HOH 62  562 10  HOH HOH A . 
G 4 HOH 63  563 55  HOH HOH A . 
G 4 HOH 64  564 116 HOH HOH A . 
G 4 HOH 65  565 48  HOH HOH A . 
G 4 HOH 66  566 60  HOH HOH A . 
G 4 HOH 67  567 32  HOH HOH A . 
G 4 HOH 68  568 107 HOH HOH A . 
G 4 HOH 69  569 16  HOH HOH A . 
G 4 HOH 70  570 17  HOH HOH A . 
G 4 HOH 71  571 91  HOH HOH A . 
G 4 HOH 72  572 89  HOH HOH A . 
G 4 HOH 73  573 42  HOH HOH A . 
G 4 HOH 74  574 4   HOH HOH A . 
G 4 HOH 75  575 110 HOH HOH A . 
G 4 HOH 76  576 85  HOH HOH A . 
G 4 HOH 77  577 86  HOH HOH A . 
G 4 HOH 78  578 27  HOH HOH A . 
G 4 HOH 79  579 37  HOH HOH A . 
G 4 HOH 80  580 117 HOH HOH A . 
G 4 HOH 81  581 96  HOH HOH A . 
G 4 HOH 82  582 71  HOH HOH A . 
G 4 HOH 83  583 79  HOH HOH A . 
G 4 HOH 84  584 72  HOH HOH A . 
G 4 HOH 85  585 95  HOH HOH A . 
G 4 HOH 86  586 80  HOH HOH A . 
G 4 HOH 87  587 94  HOH HOH A . 
G 4 HOH 88  588 74  HOH HOH A . 
G 4 HOH 89  589 111 HOH HOH A . 
G 4 HOH 90  590 90  HOH HOH A . 
G 4 HOH 91  591 113 HOH HOH A . 
G 4 HOH 92  592 76  HOH HOH A . 
G 4 HOH 93  593 83  HOH HOH A . 
G 4 HOH 94  594 66  HOH HOH A . 
G 4 HOH 95  595 104 HOH HOH A . 
G 4 HOH 96  596 84  HOH HOH A . 
G 4 HOH 97  597 78  HOH HOH A . 
G 4 HOH 98  598 114 HOH HOH A . 
G 4 HOH 99  599 102 HOH HOH A . 
G 4 HOH 100 600 100 HOH HOH A . 
G 4 HOH 101 601 106 HOH HOH A . 
G 4 HOH 102 602 103 HOH HOH A . 
G 4 HOH 103 603 105 HOH HOH A . 
# 
loop_
_pdbx_unobs_or_zero_occ_atoms.id 
_pdbx_unobs_or_zero_occ_atoms.PDB_model_num 
_pdbx_unobs_or_zero_occ_atoms.polymer_flag 
_pdbx_unobs_or_zero_occ_atoms.occupancy_flag 
_pdbx_unobs_or_zero_occ_atoms.auth_asym_id 
_pdbx_unobs_or_zero_occ_atoms.auth_comp_id 
_pdbx_unobs_or_zero_occ_atoms.auth_seq_id 
_pdbx_unobs_or_zero_occ_atoms.PDB_ins_code 
_pdbx_unobs_or_zero_occ_atoms.auth_atom_id 
_pdbx_unobs_or_zero_occ_atoms.label_alt_id 
_pdbx_unobs_or_zero_occ_atoms.label_asym_id 
_pdbx_unobs_or_zero_occ_atoms.label_comp_id 
_pdbx_unobs_or_zero_occ_atoms.label_seq_id 
_pdbx_unobs_or_zero_occ_atoms.label_atom_id 
1 1 Y 1 A GLU 270 ? CG  ? A GLU 29 CG  
2 1 Y 1 A GLU 270 ? CD  ? A GLU 29 CD  
3 1 Y 1 A GLU 270 ? OE1 ? A GLU 29 OE1 
4 1 Y 1 A GLU 270 ? OE2 ? A GLU 29 OE2 
5 1 Y 1 A ARG 317 ? CD  ? A ARG 76 CD  
6 1 Y 1 A ARG 317 ? NE  ? A ARG 76 NE  
7 1 Y 1 A ARG 317 ? CZ  ? A ARG 76 CZ  
8 1 Y 1 A ARG 317 ? NH1 ? A ARG 76 NH1 
9 1 Y 1 A ARG 317 ? NH2 ? A ARG 76 NH2 
# 
loop_
_software.citation_id 
_software.classification 
_software.compiler_name 
_software.compiler_version 
_software.contact_author 
_software.contact_author_email 
_software.date 
_software.description 
_software.dependencies 
_software.hardware 
_software.language 
_software.location 
_software.mods 
_software.name 
_software.os 
_software.os_version 
_software.type 
_software.version 
_software.pdbx_ordinal 
? 'data reduction'  ? ? ? ? ? ? ? ? ? ? ? XDS         ? ? ? .        1 
? 'data scaling'    ? ? ? ? ? ? ? ? ? ? ? XSCALE      ? ? ? .        2 
? refinement        ? ? ? ? ? ? ? ? ? ? ? REFMAC      ? ? ? 5.8.0258 3 
? 'data extraction' ? ? ? ? ? ? ? ? ? ? ? PDB_EXTRACT ? ? ? 3.25     4 
? phasing           ? ? ? ? ? ? ? ? ? ? ? PHASER      ? ? ? .        5 
# 
_cell.angle_alpha                  90.000 
_cell.angle_alpha_esd              ? 
_cell.angle_beta                   90.000 
_cell.angle_beta_esd               ? 
_cell.angle_gamma                  90.000 
_cell.angle_gamma_esd              ? 
_cell.entry_id                     6ZC6 
_cell.details                      ? 
_cell.formula_units_Z              ? 
_cell.length_a                     78.608 
_cell.length_a_esd                 ? 
_cell.length_b                     78.608 
_cell.length_b_esd                 ? 
_cell.length_c                     77.818 
_cell.length_c_esd                 ? 
_cell.volume                       ? 
_cell.volume_esd                   ? 
_cell.Z_PDB                        16 
_cell.reciprocal_angle_alpha       ? 
_cell.reciprocal_angle_beta        ? 
_cell.reciprocal_angle_gamma       ? 
_cell.reciprocal_angle_alpha_esd   ? 
_cell.reciprocal_angle_beta_esd    ? 
_cell.reciprocal_angle_gamma_esd   ? 
_cell.reciprocal_length_a          ? 
_cell.reciprocal_length_b          ? 
_cell.reciprocal_length_c          ? 
_cell.reciprocal_length_a_esd      ? 
_cell.reciprocal_length_b_esd      ? 
_cell.reciprocal_length_c_esd      ? 
_cell.pdbx_unique_axis             ? 
# 
_symmetry.entry_id                         6ZC6 
_symmetry.cell_setting                     ? 
_symmetry.Int_Tables_number                97 
_symmetry.space_group_name_Hall            ? 
_symmetry.space_group_name_H-M             'I 4 2 2' 
_symmetry.pdbx_full_space_group_name_H-M   ? 
# 
_exptl.absorpt_coefficient_mu     ? 
_exptl.absorpt_correction_T_max   ? 
_exptl.absorpt_correction_T_min   ? 
_exptl.absorpt_correction_type    ? 
_exptl.absorpt_process_details    ? 
_exptl.entry_id                   6ZC6 
_exptl.crystals_number            1 
_exptl.details                    ? 
_exptl.method                     'X-RAY DIFFRACTION' 
_exptl.method_details             ? 
# 
_exptl_crystal.colour                      ? 
_exptl_crystal.density_diffrn              ? 
_exptl_crystal.density_Matthews            2.95 
_exptl_crystal.density_method              ? 
_exptl_crystal.density_percent_sol         58.26 
_exptl_crystal.description                 ? 
_exptl_crystal.F_000                       ? 
_exptl_crystal.id                          1 
_exptl_crystal.preparation                 ? 
_exptl_crystal.size_max                    ? 
_exptl_crystal.size_mid                    ? 
_exptl_crystal.size_min                    ? 
_exptl_crystal.size_rad                    ? 
_exptl_crystal.colour_lustre               ? 
_exptl_crystal.colour_modifier             ? 
_exptl_crystal.colour_primary              ? 
_exptl_crystal.density_meas                ? 
_exptl_crystal.density_meas_esd            ? 
_exptl_crystal.density_meas_gt             ? 
_exptl_crystal.density_meas_lt             ? 
_exptl_crystal.density_meas_temp           ? 
_exptl_crystal.density_meas_temp_esd       ? 
_exptl_crystal.density_meas_temp_gt        ? 
_exptl_crystal.density_meas_temp_lt        ? 
_exptl_crystal.pdbx_crystal_image_url      ? 
_exptl_crystal.pdbx_crystal_image_format   ? 
_exptl_crystal.pdbx_mosaicity              ? 
_exptl_crystal.pdbx_mosaicity_esd          ? 
# 
_exptl_crystal_grow.apparatus       ? 
_exptl_crystal_grow.atmosphere      ? 
_exptl_crystal_grow.crystal_id      1 
_exptl_crystal_grow.details         ? 
_exptl_crystal_grow.method          'VAPOR DIFFUSION, SITTING DROP' 
_exptl_crystal_grow.method_ref      ? 
_exptl_crystal_grow.pH              ? 
_exptl_crystal_grow.pressure        ? 
_exptl_crystal_grow.pressure_esd    ? 
_exptl_crystal_grow.seeding         ? 
_exptl_crystal_grow.seeding_ref     ? 
_exptl_crystal_grow.temp            293 
_exptl_crystal_grow.temp_details    ? 
_exptl_crystal_grow.temp_esd        ? 
_exptl_crystal_grow.time            ? 
_exptl_crystal_grow.pdbx_details    '1 M ammonium sulphate, 1% PEG 3350, 0.1 M Bis-Tris pH 5.5' 
_exptl_crystal_grow.pdbx_pH_range   ? 
# 
_diffrn.ambient_environment              ? 
_diffrn.ambient_temp                     100 
_diffrn.ambient_temp_details             ? 
_diffrn.ambient_temp_esd                 ? 
_diffrn.crystal_id                       1 
_diffrn.crystal_support                  ? 
_diffrn.crystal_treatment                ? 
_diffrn.details                          ? 
_diffrn.id                               1 
_diffrn.ambient_pressure                 ? 
_diffrn.ambient_pressure_esd             ? 
_diffrn.ambient_pressure_gt              ? 
_diffrn.ambient_pressure_lt              ? 
_diffrn.ambient_temp_gt                  ? 
_diffrn.ambient_temp_lt                  ? 
_diffrn.pdbx_serial_crystal_experiment   N 
# 
_diffrn_detector.details                      ? 
_diffrn_detector.detector                     PIXEL 
_diffrn_detector.diffrn_id                    1 
_diffrn_detector.type                         'DECTRIS PILATUS3 6M' 
_diffrn_detector.area_resol_mean              ? 
_diffrn_detector.dtime                        ? 
_diffrn_detector.pdbx_frames_total            ? 
_diffrn_detector.pdbx_collection_time_total   ? 
_diffrn_detector.pdbx_collection_date         2009-05-26 
_diffrn_detector.pdbx_frequency               ? 
# 
_diffrn_radiation.collimation                      ? 
_diffrn_radiation.diffrn_id                        1 
_diffrn_radiation.filter_edge                      ? 
_diffrn_radiation.inhomogeneity                    ? 
_diffrn_radiation.monochromator                    ? 
_diffrn_radiation.polarisn_norm                    ? 
_diffrn_radiation.polarisn_ratio                   ? 
_diffrn_radiation.probe                            ? 
_diffrn_radiation.type                             ? 
_diffrn_radiation.xray_symbol                      ? 
_diffrn_radiation.wavelength_id                    1 
_diffrn_radiation.pdbx_monochromatic_or_laue_m_l   M 
_diffrn_radiation.pdbx_wavelength_list             ? 
_diffrn_radiation.pdbx_wavelength                  ? 
_diffrn_radiation.pdbx_diffrn_protocol             'SINGLE WAVELENGTH' 
_diffrn_radiation.pdbx_analyzer                    ? 
_diffrn_radiation.pdbx_scattering_type             x-ray 
# 
_diffrn_radiation_wavelength.id           1 
_diffrn_radiation_wavelength.wavelength   0.91841 
_diffrn_radiation_wavelength.wt           1.0 
# 
_diffrn_source.current                     ? 
_diffrn_source.details                     ? 
_diffrn_source.diffrn_id                   1 
_diffrn_source.power                       ? 
_diffrn_source.size                        ? 
_diffrn_source.source                      SYNCHROTRON 
_diffrn_source.target                      ? 
_diffrn_source.type                        'BESSY BEAMLINE 14.1' 
_diffrn_source.voltage                     ? 
_diffrn_source.take-off_angle              ? 
_diffrn_source.pdbx_wavelength_list        0.91841 
_diffrn_source.pdbx_wavelength             ? 
_diffrn_source.pdbx_synchrotron_beamline   14.1 
_diffrn_source.pdbx_synchrotron_site       BESSY 
# 
_reflns.B_iso_Wilson_estimate            ? 
_reflns.entry_id                         6ZC6 
_reflns.data_reduction_details           ? 
_reflns.data_reduction_method            ? 
_reflns.d_resolution_high                1.58 
_reflns.d_resolution_low                 32.040 
_reflns.details                          ? 
_reflns.limit_h_max                      ? 
_reflns.limit_h_min                      ? 
_reflns.limit_k_max                      ? 
_reflns.limit_k_min                      ? 
_reflns.limit_l_max                      ? 
_reflns.limit_l_min                      ? 
_reflns.number_all                       ? 
_reflns.number_obs                       16954 
_reflns.observed_criterion               ? 
_reflns.observed_criterion_F_max         ? 
_reflns.observed_criterion_F_min         ? 
_reflns.observed_criterion_I_max         ? 
_reflns.observed_criterion_I_min         ? 
_reflns.observed_criterion_sigma_F       ? 
_reflns.observed_criterion_sigma_I       ? 
_reflns.percent_possible_obs             99.5 
_reflns.R_free_details                   ? 
_reflns.Rmerge_F_all                     ? 
_reflns.Rmerge_F_obs                     ? 
_reflns.Friedel_coverage                 ? 
_reflns.number_gt                        ? 
_reflns.threshold_expression             ? 
_reflns.pdbx_redundancy                  7.1 
_reflns.pdbx_Rmerge_I_obs                ? 
_reflns.pdbx_Rmerge_I_all                ? 
_reflns.pdbx_Rsym_value                  ? 
_reflns.pdbx_netI_over_av_sigmaI         ? 
_reflns.pdbx_netI_over_sigmaI            18.1 
_reflns.pdbx_res_netI_over_av_sigmaI_2   ? 
_reflns.pdbx_res_netI_over_sigmaI_2      ? 
_reflns.pdbx_chi_squared                 ? 
_reflns.pdbx_scaling_rejects             ? 
_reflns.pdbx_d_res_high_opt              ? 
_reflns.pdbx_d_res_low_opt               ? 
_reflns.pdbx_d_res_opt_method            ? 
_reflns.phase_calculation_details        ? 
_reflns.pdbx_Rrim_I_all                  0.0064 
_reflns.pdbx_Rpim_I_all                  ? 
_reflns.pdbx_d_opt                       ? 
_reflns.pdbx_number_measured_all         ? 
_reflns.pdbx_diffrn_id                   1 
_reflns.pdbx_ordinal                     1 
_reflns.pdbx_CC_half                     ? 
_reflns.pdbx_CC_star                     ? 
_reflns.pdbx_R_split                     ? 
# 
_reflns_shell.d_res_high                  1.58 
_reflns_shell.d_res_low                   1.62 
_reflns_shell.meanI_over_sigI_all         ? 
_reflns_shell.meanI_over_sigI_obs         2.9 
_reflns_shell.number_measured_all         ? 
_reflns_shell.number_measured_obs         ? 
_reflns_shell.number_possible             ? 
_reflns_shell.number_unique_all           ? 
_reflns_shell.number_unique_obs           1229 
_reflns_shell.percent_possible_all        ? 
_reflns_shell.percent_possible_obs        ? 
_reflns_shell.Rmerge_F_all                ? 
_reflns_shell.Rmerge_F_obs                ? 
_reflns_shell.Rmerge_I_all                ? 
_reflns_shell.Rmerge_I_obs                ? 
_reflns_shell.meanI_over_sigI_gt          ? 
_reflns_shell.meanI_over_uI_all           ? 
_reflns_shell.meanI_over_uI_gt            ? 
_reflns_shell.number_measured_gt          ? 
_reflns_shell.number_unique_gt            ? 
_reflns_shell.percent_possible_gt         ? 
_reflns_shell.Rmerge_F_gt                 ? 
_reflns_shell.Rmerge_I_gt                 ? 
_reflns_shell.pdbx_redundancy             ? 
_reflns_shell.pdbx_Rsym_value             ? 
_reflns_shell.pdbx_chi_squared            ? 
_reflns_shell.pdbx_netI_over_sigmaI_all   ? 
_reflns_shell.pdbx_netI_over_sigmaI_obs   ? 
_reflns_shell.pdbx_Rrim_I_all             0.069 
_reflns_shell.pdbx_Rpim_I_all             ? 
_reflns_shell.pdbx_rejects                ? 
_reflns_shell.pdbx_ordinal                1 
_reflns_shell.pdbx_diffrn_id              1 
_reflns_shell.pdbx_CC_half                ? 
_reflns_shell.pdbx_CC_star                ? 
_reflns_shell.pdbx_R_split                ? 
# 
_refine.aniso_B[1][1]                            -0.8800 
_refine.aniso_B[1][2]                            0.0000 
_refine.aniso_B[1][3]                            -0.0000 
_refine.aniso_B[2][2]                            -0.8800 
_refine.aniso_B[2][3]                            0.0000 
_refine.aniso_B[3][3]                            1.7500 
_refine.B_iso_max                                67.910 
_refine.B_iso_mean                               22.9260 
_refine.B_iso_min                                12.270 
_refine.correlation_coeff_Fo_to_Fc               0.9670 
_refine.correlation_coeff_Fo_to_Fc_free          0.9560 
_refine.details                                  'HYDROGENS HAVE BEEN ADDED IN THE RIDING POSITIONS U VALUES      : WITH TLS ADDED' 
_refine.diff_density_max                         ? 
_refine.diff_density_max_esd                     ? 
_refine.diff_density_min                         ? 
_refine.diff_density_min_esd                     ? 
_refine.diff_density_rms                         ? 
_refine.diff_density_rms_esd                     ? 
_refine.entry_id                                 6ZC6 
_refine.pdbx_refine_id                           'X-RAY DIFFRACTION' 
_refine.ls_abs_structure_details                 ? 
_refine.ls_abs_structure_Flack                   ? 
_refine.ls_abs_structure_Flack_esd               ? 
_refine.ls_abs_structure_Rogers                  ? 
_refine.ls_abs_structure_Rogers_esd              ? 
_refine.ls_d_res_high                            1.5800 
_refine.ls_d_res_low                             32.0400 
_refine.ls_extinction_coef                       ? 
_refine.ls_extinction_coef_esd                   ? 
_refine.ls_extinction_expression                 ? 
_refine.ls_extinction_method                     ? 
_refine.ls_goodness_of_fit_all                   ? 
_refine.ls_goodness_of_fit_all_esd               ? 
_refine.ls_goodness_of_fit_obs                   ? 
_refine.ls_goodness_of_fit_obs_esd               ? 
_refine.ls_hydrogen_treatment                    ? 
_refine.ls_matrix_type                           ? 
_refine.ls_number_constraints                    ? 
_refine.ls_number_parameters                     ? 
_refine.ls_number_reflns_all                     ? 
_refine.ls_number_reflns_obs                     16106 
_refine.ls_number_reflns_R_free                  848 
_refine.ls_number_reflns_R_work                  ? 
_refine.ls_number_restraints                     ? 
_refine.ls_percent_reflns_obs                    99.5200 
_refine.ls_percent_reflns_R_free                 5.0000 
_refine.ls_R_factor_all                          ? 
_refine.ls_R_factor_obs                          0.1710 
_refine.ls_R_factor_R_free                       0.1980 
_refine.ls_R_factor_R_free_error                 ? 
_refine.ls_R_factor_R_free_error_details         ? 
_refine.ls_R_factor_R_work                       0.1696 
_refine.ls_R_Fsqd_factor_obs                     ? 
_refine.ls_R_I_factor_obs                        ? 
_refine.ls_redundancy_reflns_all                 ? 
_refine.ls_redundancy_reflns_obs                 ? 
_refine.ls_restrained_S_all                      ? 
_refine.ls_restrained_S_obs                      ? 
_refine.ls_shift_over_esd_max                    ? 
_refine.ls_shift_over_esd_mean                   ? 
_refine.ls_structure_factor_coef                 ? 
_refine.ls_weighting_details                     ? 
_refine.ls_weighting_scheme                      ? 
_refine.ls_wR_factor_all                         ? 
_refine.ls_wR_factor_obs                         ? 
_refine.ls_wR_factor_R_free                      ? 
_refine.ls_wR_factor_R_work                      ? 
_refine.occupancy_max                            ? 
_refine.occupancy_min                            ? 
_refine.solvent_model_details                    MASK 
_refine.solvent_model_param_bsol                 ? 
_refine.solvent_model_param_ksol                 ? 
_refine.pdbx_R_complete                          ? 
_refine.ls_R_factor_gt                           ? 
_refine.ls_goodness_of_fit_gt                    ? 
_refine.ls_goodness_of_fit_ref                   ? 
_refine.ls_shift_over_su_max                     ? 
_refine.ls_shift_over_su_max_lt                  ? 
_refine.ls_shift_over_su_mean                    ? 
_refine.ls_shift_over_su_mean_lt                 ? 
_refine.pdbx_ls_sigma_I                          ? 
_refine.pdbx_ls_sigma_F                          0.000 
_refine.pdbx_ls_sigma_Fsqd                       ? 
_refine.pdbx_data_cutoff_high_absF               ? 
_refine.pdbx_data_cutoff_high_rms_absF           ? 
_refine.pdbx_data_cutoff_low_absF                ? 
_refine.pdbx_isotropic_thermal_model             ? 
_refine.pdbx_ls_cross_valid_method               THROUGHOUT 
_refine.pdbx_method_to_determine_struct          'MOLECULAR REPLACEMENT' 
_refine.pdbx_starting_model                      2F0A 
_refine.pdbx_stereochemistry_target_values       'MAXIMUM LIKELIHOOD' 
_refine.pdbx_R_Free_selection_details            RANDOM 
_refine.pdbx_stereochem_target_val_spec_case     ? 
_refine.pdbx_overall_ESU_R                       0.0850 
_refine.pdbx_overall_ESU_R_Free                  0.0730 
_refine.pdbx_solvent_vdw_probe_radii             1.2000 
_refine.pdbx_solvent_ion_probe_radii             0.8000 
_refine.pdbx_solvent_shrinkage_radii             0.8000 
_refine.pdbx_real_space_R                        ? 
_refine.pdbx_density_correlation                 ? 
_refine.pdbx_pd_number_of_powder_patterns        ? 
_refine.pdbx_pd_number_of_points                 ? 
_refine.pdbx_pd_meas_number_of_points            ? 
_refine.pdbx_pd_proc_ls_prof_R_factor            ? 
_refine.pdbx_pd_proc_ls_prof_wR_factor           ? 
_refine.pdbx_pd_Marquardt_correlation_coeff      ? 
_refine.pdbx_pd_Fsqrd_R_factor                   ? 
_refine.pdbx_pd_ls_matrix_band_width             ? 
_refine.pdbx_overall_phase_error                 ? 
_refine.pdbx_overall_SU_R_free_Cruickshank_DPI   ? 
_refine.pdbx_overall_SU_R_free_Blow_DPI          ? 
_refine.pdbx_overall_SU_R_Blow_DPI               ? 
_refine.pdbx_TLS_residual_ADP_flag               ? 
_refine.pdbx_diffrn_id                           1 
_refine.overall_SU_B                             3.6280 
_refine.overall_SU_ML                            0.0550 
_refine.overall_SU_R_Cruickshank_DPI             ? 
_refine.overall_SU_R_free                        ? 
_refine.overall_FOM_free_R_set                   ? 
_refine.overall_FOM_work_R_set                   ? 
_refine.pdbx_average_fsc_overall                 ? 
_refine.pdbx_average_fsc_work                    ? 
_refine.pdbx_average_fsc_free                    ? 
# 
_refine_hist.pdbx_refine_id                   'X-RAY DIFFRACTION' 
_refine_hist.cycle_id                         final 
_refine_hist.details                          ? 
_refine_hist.d_res_high                       1.5800 
_refine_hist.d_res_low                        32.0400 
_refine_hist.number_atoms_solvent             103 
_refine_hist.number_atoms_total               834 
_refine_hist.number_reflns_all                ? 
_refine_hist.number_reflns_obs                ? 
_refine_hist.number_reflns_R_free             ? 
_refine_hist.number_reflns_R_work             ? 
_refine_hist.R_factor_all                     ? 
_refine_hist.R_factor_obs                     ? 
_refine_hist.R_factor_R_free                  ? 
_refine_hist.R_factor_R_work                  ? 
_refine_hist.pdbx_number_residues_total       90 
_refine_hist.pdbx_B_iso_mean_ligand           26.06 
_refine_hist.pdbx_B_iso_mean_solvent          40.06 
_refine_hist.pdbx_number_atoms_protein        671 
_refine_hist.pdbx_number_atoms_nucleic_acid   0 
_refine_hist.pdbx_number_atoms_ligand         60 
_refine_hist.pdbx_number_atoms_lipid          ? 
_refine_hist.pdbx_number_atoms_carb           ? 
_refine_hist.pdbx_pseudo_atom_details         ? 
# 
loop_
_refine_ls_restr.pdbx_refine_id 
_refine_ls_restr.criterion 
_refine_ls_restr.dev_ideal 
_refine_ls_restr.dev_ideal_target 
_refine_ls_restr.number 
_refine_ls_restr.rejects 
_refine_ls_restr.type 
_refine_ls_restr.weight 
_refine_ls_restr.pdbx_restraint_function 
'X-RAY DIFFRACTION' ? 0.001  0.014  738  ? r_bond_refined_d       ? ? 
'X-RAY DIFFRACTION' ? 0.001  0.017  695  ? r_bond_other_d         ? ? 
'X-RAY DIFFRACTION' ? 0.969  1.734  996  ? r_angle_refined_deg    ? ? 
'X-RAY DIFFRACTION' ? 0.979  1.598  1585 ? r_angle_other_deg      ? ? 
'X-RAY DIFFRACTION' ? 7.929  5.000  88   ? r_dihedral_angle_1_deg ? ? 
'X-RAY DIFFRACTION' ? 43.069 25.357 28   ? r_dihedral_angle_2_deg ? ? 
'X-RAY DIFFRACTION' ? 15.026 15.000 122  ? r_dihedral_angle_3_deg ? ? 
'X-RAY DIFFRACTION' ? 23.072 15.000 2    ? r_dihedral_angle_4_deg ? ? 
'X-RAY DIFFRACTION' ? 0.026  0.200  98   ? r_chiral_restr         ? ? 
'X-RAY DIFFRACTION' ? 0.019  0.020  805  ? r_gen_planes_refined   ? ? 
'X-RAY DIFFRACTION' ? 0.017  0.020  117  ? r_gen_planes_other     ? ? 
'X-RAY DIFFRACTION' ? 0.591  3.000  1432 ? r_rigid_bond_restr     ? ? 
# 
_refine_ls_shell.pdbx_refine_id                   'X-RAY DIFFRACTION' 
_refine_ls_shell.d_res_high                       1.5800 
_refine_ls_shell.d_res_low                        1.6210 
_refine_ls_shell.number_reflns_all                1228 
_refine_ls_shell.number_reflns_obs                ? 
_refine_ls_shell.number_reflns_R_free             61 
_refine_ls_shell.number_reflns_R_work             1167 
_refine_ls_shell.percent_reflns_obs               100.0000 
_refine_ls_shell.percent_reflns_R_free            ? 
_refine_ls_shell.R_factor_all                     ? 
_refine_ls_shell.R_factor_obs                     ? 
_refine_ls_shell.R_factor_R_free                  0.2580 
_refine_ls_shell.R_factor_R_free_error            0.0000 
_refine_ls_shell.R_factor_R_work                  0.2510 
_refine_ls_shell.redundancy_reflns_all            ? 
_refine_ls_shell.redundancy_reflns_obs            ? 
_refine_ls_shell.wR_factor_all                    ? 
_refine_ls_shell.wR_factor_obs                    ? 
_refine_ls_shell.wR_factor_R_free                 ? 
_refine_ls_shell.wR_factor_R_work                 ? 
_refine_ls_shell.pdbx_R_complete                  ? 
_refine_ls_shell.pdbx_total_number_of_bins_used   20 
_refine_ls_shell.pdbx_phase_error                 ? 
_refine_ls_shell.pdbx_fsc_work                    ? 
_refine_ls_shell.pdbx_fsc_free                    ? 
# 
_struct.entry_id                     6ZC6 
_struct.title                        'Small-molecule inhibitors of the PDZ domain of Dishevelled proteins interrupt Wnt signalling' 
_struct.pdbx_model_details           ? 
_struct.pdbx_formula_weight          ? 
_struct.pdbx_formula_weight_method   ? 
_struct.pdbx_model_type_details      ? 
_struct.pdbx_CASP_flag               N 
# 
_struct_keywords.entry_id        6ZC6 
_struct_keywords.text            'PDZ, DVL, Inhibitors, Wnt, signalling, PEPTIDE BINDING PROTEIN' 
_struct_keywords.pdbx_keywords   'PEPTIDE BINDING PROTEIN' 
# 
loop_
_struct_asym.id 
_struct_asym.pdbx_blank_PDB_chainid_flag 
_struct_asym.pdbx_modified 
_struct_asym.entity_id 
_struct_asym.details 
A N N 1 ? 
B N N 2 ? 
C N N 2 ? 
D N N 3 ? 
E N N 3 ? 
F N N 3 ? 
G N N 4 ? 
# 
_struct_ref.id                         1 
_struct_ref.db_name                    UNP 
_struct_ref.db_code                    DVL3_HUMAN 
_struct_ref.pdbx_db_accession          Q92997 
_struct_ref.pdbx_db_isoform            ? 
_struct_ref.entity_id                  1 
_struct_ref.pdbx_seq_one_letter_code   
;MSLNIITVTLNMEKYNFLGISIVGQSNERGDGGIYIGSIMKGGAVAADGRIEPGDMLLQVNEINFENMSNDDAVRVLREI
VHKPGPITLTVAK
;
_struct_ref.pdbx_align_begin           243 
# 
_struct_ref_seq.align_id                      1 
_struct_ref_seq.ref_id                        1 
_struct_ref_seq.pdbx_PDB_id_code              6ZC6 
_struct_ref_seq.pdbx_strand_id                A 
_struct_ref_seq.seq_align_beg                 2 
_struct_ref_seq.pdbx_seq_align_beg_ins_code   ? 
_struct_ref_seq.seq_align_end                 94 
_struct_ref_seq.pdbx_seq_align_end_ins_code   ? 
_struct_ref_seq.pdbx_db_accession             Q92997 
_struct_ref_seq.db_align_beg                  243 
_struct_ref_seq.pdbx_db_align_beg_ins_code    ? 
_struct_ref_seq.db_align_end                  335 
_struct_ref_seq.pdbx_db_align_end_ins_code    ? 
_struct_ref_seq.pdbx_auth_seq_align_beg       243 
_struct_ref_seq.pdbx_auth_seq_align_end       335 
# 
loop_
_struct_ref_seq_dif.align_id 
_struct_ref_seq_dif.pdbx_pdb_id_code 
_struct_ref_seq_dif.mon_id 
_struct_ref_seq_dif.pdbx_pdb_strand_id 
_struct_ref_seq_dif.seq_num 
_struct_ref_seq_dif.pdbx_pdb_ins_code 
_struct_ref_seq_dif.pdbx_seq_db_name 
_struct_ref_seq_dif.pdbx_seq_db_accession_code 
_struct_ref_seq_dif.db_mon_id 
_struct_ref_seq_dif.pdbx_seq_db_seq_num 
_struct_ref_seq_dif.details 
_struct_ref_seq_dif.pdbx_auth_seq_num 
_struct_ref_seq_dif.pdbx_ordinal 
1 6ZC6 ALA A 1  ? UNP Q92997 ? ? 'expression tag' 242 1 
1 6ZC6 SER A 95 ? UNP Q92997 ? ? 'expression tag' 336 2 
# 
_pdbx_struct_assembly.id                   1 
_pdbx_struct_assembly.details              author_and_software_defined_assembly 
_pdbx_struct_assembly.method_details       PISA 
_pdbx_struct_assembly.oligomeric_details   monomeric 
_pdbx_struct_assembly.oligomeric_count     1 
# 
loop_
_pdbx_struct_assembly_prop.biol_id 
_pdbx_struct_assembly_prop.type 
_pdbx_struct_assembly_prop.value 
_pdbx_struct_assembly_prop.details 
1 'ABSA (A^2)' 500  ? 
1 MORE         5    ? 
1 'SSA (A^2)'  5760 ? 
# 
_pdbx_struct_assembly_gen.assembly_id       1 
_pdbx_struct_assembly_gen.oper_expression   1 
_pdbx_struct_assembly_gen.asym_id_list      A,B,C,D,E,F,G 
# 
_pdbx_struct_assembly_auth_evidence.id                     1 
_pdbx_struct_assembly_auth_evidence.assembly_id            1 
_pdbx_struct_assembly_auth_evidence.experimental_support   'gel filtration' 
_pdbx_struct_assembly_auth_evidence.details                ? 
# 
_pdbx_struct_oper_list.id                   1 
_pdbx_struct_oper_list.type                 'identity operation' 
_pdbx_struct_oper_list.name                 1_555 
_pdbx_struct_oper_list.symmetry_operation   x,y,z 
_pdbx_struct_oper_list.matrix[1][1]         1.0000000000 
_pdbx_struct_oper_list.matrix[1][2]         0.0000000000 
_pdbx_struct_oper_list.matrix[1][3]         0.0000000000 
_pdbx_struct_oper_list.vector[1]            0.0000000000 
_pdbx_struct_oper_list.matrix[2][1]         0.0000000000 
_pdbx_struct_oper_list.matrix[2][2]         1.0000000000 
_pdbx_struct_oper_list.matrix[2][3]         0.0000000000 
_pdbx_struct_oper_list.vector[2]            0.0000000000 
_pdbx_struct_oper_list.matrix[3][1]         0.0000000000 
_pdbx_struct_oper_list.matrix[3][2]         0.0000000000 
_pdbx_struct_oper_list.matrix[3][3]         1.0000000000 
_pdbx_struct_oper_list.vector[3]            0.0000000000 
# 
loop_
_struct_conf.conf_type_id 
_struct_conf.id 
_struct_conf.pdbx_PDB_helix_id 
_struct_conf.beg_label_comp_id 
_struct_conf.beg_label_asym_id 
_struct_conf.beg_label_seq_id 
_struct_conf.pdbx_beg_PDB_ins_code 
_struct_conf.end_label_comp_id 
_struct_conf.end_label_asym_id 
_struct_conf.end_label_seq_id 
_struct_conf.pdbx_end_PDB_ins_code 
_struct_conf.beg_auth_comp_id 
_struct_conf.beg_auth_asym_id 
_struct_conf.beg_auth_seq_id 
_struct_conf.end_auth_comp_id 
_struct_conf.end_auth_asym_id 
_struct_conf.end_auth_seq_id 
_struct_conf.pdbx_PDB_helix_class 
_struct_conf.details 
_struct_conf.pdbx_PDB_helix_length 
HELX_P HELX_P1 AA1 GLY A 44 ? GLY A 50 ? GLY A 285 GLY A 291 1 ? 7  
HELX_P HELX_P2 AA2 SER A 70 ? HIS A 83 ? SER A 311 HIS A 324 1 ? 14 
# 
_struct_conf_type.id          HELX_P 
_struct_conf_type.criteria    ? 
_struct_conf_type.reference   ? 
# 
loop_
_struct_sheet.id 
_struct_sheet.type 
_struct_sheet.number_strands 
_struct_sheet.details 
AA1 ? 4 ? 
AA2 ? 2 ? 
# 
loop_
_struct_sheet_order.sheet_id 
_struct_sheet_order.range_id_1 
_struct_sheet_order.range_id_2 
_struct_sheet_order.offset 
_struct_sheet_order.sense 
AA1 1 2 ? anti-parallel 
AA1 2 3 ? anti-parallel 
AA1 3 4 ? anti-parallel 
AA2 1 2 ? anti-parallel 
# 
loop_
_struct_sheet_range.sheet_id 
_struct_sheet_range.id 
_struct_sheet_range.beg_label_comp_id 
_struct_sheet_range.beg_label_asym_id 
_struct_sheet_range.beg_label_seq_id 
_struct_sheet_range.pdbx_beg_PDB_ins_code 
_struct_sheet_range.end_label_comp_id 
_struct_sheet_range.end_label_asym_id 
_struct_sheet_range.end_label_seq_id 
_struct_sheet_range.pdbx_end_PDB_ins_code 
_struct_sheet_range.beg_auth_comp_id 
_struct_sheet_range.beg_auth_asym_id 
_struct_sheet_range.beg_auth_seq_id 
_struct_sheet_range.end_auth_comp_id 
_struct_sheet_range.end_auth_asym_id 
_struct_sheet_range.end_auth_seq_id 
AA1 1 ILE A 6  ? LEU A 11 ? ILE A 247 LEU A 252 
AA1 2 ILE A 88 ? ALA A 93 ? ILE A 329 ALA A 334 
AA1 3 MET A 57 ? VAL A 61 ? MET A 298 VAL A 302 
AA1 4 ILE A 64 ? ASN A 65 ? ILE A 305 ASN A 306 
AA2 1 ILE A 21 ? VAL A 24 ? ILE A 262 VAL A 265 
AA2 2 TYR A 36 ? ILE A 40 ? TYR A 277 ILE A 281 
# 
loop_
_pdbx_struct_sheet_hbond.sheet_id 
_pdbx_struct_sheet_hbond.range_id_1 
_pdbx_struct_sheet_hbond.range_id_2 
_pdbx_struct_sheet_hbond.range_1_label_atom_id 
_pdbx_struct_sheet_hbond.range_1_label_comp_id 
_pdbx_struct_sheet_hbond.range_1_label_asym_id 
_pdbx_struct_sheet_hbond.range_1_label_seq_id 
_pdbx_struct_sheet_hbond.range_1_PDB_ins_code 
_pdbx_struct_sheet_hbond.range_1_auth_atom_id 
_pdbx_struct_sheet_hbond.range_1_auth_comp_id 
_pdbx_struct_sheet_hbond.range_1_auth_asym_id 
_pdbx_struct_sheet_hbond.range_1_auth_seq_id 
_pdbx_struct_sheet_hbond.range_2_label_atom_id 
_pdbx_struct_sheet_hbond.range_2_label_comp_id 
_pdbx_struct_sheet_hbond.range_2_label_asym_id 
_pdbx_struct_sheet_hbond.range_2_label_seq_id 
_pdbx_struct_sheet_hbond.range_2_PDB_ins_code 
_pdbx_struct_sheet_hbond.range_2_auth_atom_id 
_pdbx_struct_sheet_hbond.range_2_auth_comp_id 
_pdbx_struct_sheet_hbond.range_2_auth_asym_id 
_pdbx_struct_sheet_hbond.range_2_auth_seq_id 
AA1 1 2 N VAL A 9  ? N VAL A 250 O LEU A 90 ? O LEU A 331 
AA1 2 3 O ALA A 93 ? O ALA A 334 N MET A 57 ? N MET A 298 
AA1 3 4 N VAL A 61 ? N VAL A 302 O ILE A 64 ? O ILE A 305 
AA2 1 2 N VAL A 24 ? N VAL A 265 O TYR A 36 ? O TYR A 277 
# 
loop_
_struct_site.id 
_struct_site.pdbx_evidence_code 
_struct_site.pdbx_auth_asym_id 
_struct_site.pdbx_auth_comp_id 
_struct_site.pdbx_auth_seq_id 
_struct_site.pdbx_auth_ins_code 
_struct_site.pdbx_num_residues 
_struct_site.details 
AC1 Software A QEN 401 ? 10 'binding site for residue QEN A 401' 
AC2 Software A QEN 402 ? 13 'binding site for residue QEN A 402' 
AC3 Software A EDO 403 ? 2  'binding site for residue EDO A 403' 
AC4 Software A EDO 404 ? 3  'binding site for residue EDO A 404' 
AC5 Software A EDO 405 ? 4  'binding site for residue EDO A 405' 
# 
loop_
_struct_site_gen.id 
_struct_site_gen.site_id 
_struct_site_gen.pdbx_num_res 
_struct_site_gen.label_comp_id 
_struct_site_gen.label_asym_id 
_struct_site_gen.label_seq_id 
_struct_site_gen.pdbx_auth_ins_code 
_struct_site_gen.auth_comp_id 
_struct_site_gen.auth_asym_id 
_struct_site_gen.auth_seq_id 
_struct_site_gen.label_atom_id 
_struct_site_gen.label_alt_id 
_struct_site_gen.symmetry 
_struct_site_gen.details 
1  AC1 10 PHE A 18 ? PHE A 259 . ? 1_555 ? 
2  AC1 10 LEU A 19 ? LEU A 260 . ? 1_555 ? 
3  AC1 10 GLY A 20 ? GLY A 261 . ? 1_555 ? 
4  AC1 10 ILE A 21 ? ILE A 262 . ? 1_555 ? 
5  AC1 10 VAL A 75 ? VAL A 316 . ? 1_555 ? 
6  AC1 10 ARG A 79 ? ARG A 320 . ? 1_555 ? 
7  AC1 10 VAL A 82 ? VAL A 323 . ? 1_555 ? 
8  AC1 10 HIS A 83 ? HIS A 324 . ? 1_555 ? 
9  AC1 10 QEN C .  ? QEN A 402 . ? 1_555 ? 
10 AC1 10 EDO E .  ? EDO A 404 . ? 1_555 ? 
11 AC2 13 TYR A 16 ? TYR A 257 . ? 1_555 ? 
12 AC2 13 ASN A 17 ? ASN A 258 . ? 1_555 ? 
13 AC2 13 PHE A 18 ? PHE A 259 . ? 1_555 ? 
14 AC2 13 PHE A 18 ? PHE A 259 . ? 3_555 ? 
15 AC2 13 GLY A 20 ? GLY A 261 . ? 1_555 ? 
16 AC2 13 MET A 41 ? MET A 282 . ? 4_555 ? 
17 AC2 13 MET A 41 ? MET A 282 . ? 1_555 ? 
18 AC2 13 GLY A 43 ? GLY A 284 . ? 4_555 ? 
19 AC2 13 GLY A 43 ? GLY A 284 . ? 1_555 ? 
20 AC2 13 GLY A 44 ? GLY A 285 . ? 1_555 ? 
21 AC2 13 QEN B .  ? QEN A 401 . ? 1_555 ? 
22 AC2 13 EDO D .  ? EDO A 403 . ? 3_555 ? 
23 AC2 13 HOH G .  ? HOH A 533 . ? 1_555 ? 
24 AC3 2  QEN C .  ? QEN A 402 . ? 4_555 ? 
25 AC3 2  HOH G .  ? HOH A 507 . ? 1_555 ? 
26 AC4 3  ASN A 17 ? ASN A 258 . ? 3_555 ? 
27 AC4 3  ILE A 21 ? ILE A 262 . ? 1_555 ? 
28 AC4 3  QEN B .  ? QEN A 401 . ? 1_555 ? 
29 AC5 4  VAL A 24 ? VAL A 265 . ? 1_555 ? 
30 AC5 4  ILE A 37 ? ILE A 278 . ? 1_555 ? 
31 AC5 4  GLY A 55 ? GLY A 296 . ? 1_555 ? 
32 AC5 4  HOH G .  ? HOH A 521 . ? 1_555 ? 
# 
loop_
_pdbx_validate_symm_contact.id 
_pdbx_validate_symm_contact.PDB_model_num 
_pdbx_validate_symm_contact.auth_atom_id_1 
_pdbx_validate_symm_contact.auth_asym_id_1 
_pdbx_validate_symm_contact.auth_comp_id_1 
_pdbx_validate_symm_contact.auth_seq_id_1 
_pdbx_validate_symm_contact.PDB_ins_code_1 
_pdbx_validate_symm_contact.label_alt_id_1 
_pdbx_validate_symm_contact.site_symmetry_1 
_pdbx_validate_symm_contact.auth_atom_id_2 
_pdbx_validate_symm_contact.auth_asym_id_2 
_pdbx_validate_symm_contact.auth_comp_id_2 
_pdbx_validate_symm_contact.auth_seq_id_2 
_pdbx_validate_symm_contact.PDB_ins_code_2 
_pdbx_validate_symm_contact.label_alt_id_2 
_pdbx_validate_symm_contact.site_symmetry_2 
_pdbx_validate_symm_contact.dist 
1 1 O A HOH 540 ? ? 1_555 O A HOH 540 ? ? 16_554 1.64 
2 1 O A HOH 594 ? ? 1_555 O A HOH 594 ? ? 2_565  1.66 
3 1 O A HOH 575 ? ? 1_555 O A HOH 575 ? ? 5_554  1.81 
# 
_pdbx_validate_torsion.id              1 
_pdbx_validate_torsion.PDB_model_num   1 
_pdbx_validate_torsion.auth_comp_id    ASN 
_pdbx_validate_torsion.auth_asym_id    A 
_pdbx_validate_torsion.auth_seq_id     303 
_pdbx_validate_torsion.PDB_ins_code    ? 
_pdbx_validate_torsion.label_alt_id    ? 
_pdbx_validate_torsion.phi             49.71 
_pdbx_validate_torsion.psi             -119.25 
# 
loop_
_pdbx_struct_special_symmetry.id 
_pdbx_struct_special_symmetry.PDB_model_num 
_pdbx_struct_special_symmetry.auth_asym_id 
_pdbx_struct_special_symmetry.auth_comp_id 
_pdbx_struct_special_symmetry.auth_seq_id 
_pdbx_struct_special_symmetry.PDB_ins_code 
_pdbx_struct_special_symmetry.label_asym_id 
_pdbx_struct_special_symmetry.label_comp_id 
_pdbx_struct_special_symmetry.label_seq_id 
1 1 A HOH 514 ? G HOH . 
2 1 A HOH 595 ? G HOH . 
3 1 A HOH 599 ? G HOH . 
4 1 A HOH 600 ? G HOH . 
# 
_pdbx_refine_tls.id               1 
_pdbx_refine_tls.pdbx_refine_id   'X-RAY DIFFRACTION' 
_pdbx_refine_tls.details          ? 
_pdbx_refine_tls.method           refined 
_pdbx_refine_tls.origin_x         0.2477 
_pdbx_refine_tls.origin_y         -0.1009 
_pdbx_refine_tls.origin_z         0.2430 
_pdbx_refine_tls.T[1][1]          0.0284 
_pdbx_refine_tls.T[1][1]_esd      ? 
_pdbx_refine_tls.T[1][2]          0.0159 
_pdbx_refine_tls.T[1][2]_esd      ? 
_pdbx_refine_tls.T[1][3]          0.0082 
_pdbx_refine_tls.T[1][3]_esd      ? 
_pdbx_refine_tls.T[2][2]          0.0295 
_pdbx_refine_tls.T[2][2]_esd      ? 
_pdbx_refine_tls.T[2][3]          0.0107 
_pdbx_refine_tls.T[2][3]_esd      ? 
_pdbx_refine_tls.T[3][3]          0.0316 
_pdbx_refine_tls.T[3][3]_esd      ? 
_pdbx_refine_tls.L[1][1]          1.0265 
_pdbx_refine_tls.L[1][1]_esd      ? 
_pdbx_refine_tls.L[1][2]          0.2718 
_pdbx_refine_tls.L[1][2]_esd      ? 
_pdbx_refine_tls.L[1][3]          -0.1946 
_pdbx_refine_tls.L[1][3]_esd      ? 
_pdbx_refine_tls.L[2][2]          0.6521 
_pdbx_refine_tls.L[2][2]_esd      ? 
_pdbx_refine_tls.L[2][3]          -0.7769 
_pdbx_refine_tls.L[2][3]_esd      ? 
_pdbx_refine_tls.L[3][3]          1.0375 
_pdbx_refine_tls.L[3][3]_esd      ? 
_pdbx_refine_tls.S[1][1]          0.0211 
_pdbx_refine_tls.S[1][1]_esd      ? 
_pdbx_refine_tls.S[1][2]          -0.0206 
_pdbx_refine_tls.S[1][2]_esd      ? 
_pdbx_refine_tls.S[1][3]          0.0050 
_pdbx_refine_tls.S[1][3]_esd      ? 
_pdbx_refine_tls.S[2][1]          0.0238 
_pdbx_refine_tls.S[2][1]_esd      ? 
_pdbx_refine_tls.S[2][2]          0.0519 
_pdbx_refine_tls.S[2][2]_esd      ? 
_pdbx_refine_tls.S[2][3]          0.0219 
_pdbx_refine_tls.S[2][3]_esd      ? 
_pdbx_refine_tls.S[3][1]          -0.0654 
_pdbx_refine_tls.S[3][1]_esd      ? 
_pdbx_refine_tls.S[3][2]          -0.1054 
_pdbx_refine_tls.S[3][2]_esd      ? 
_pdbx_refine_tls.S[3][3]          -0.0730 
_pdbx_refine_tls.S[3][3]_esd      ? 
# 
_pdbx_refine_tls_group.id                  1 
_pdbx_refine_tls_group.pdbx_refine_id      'X-RAY DIFFRACTION' 
_pdbx_refine_tls_group.refine_tls_id       1 
_pdbx_refine_tls_group.beg_label_asym_id   ? 
_pdbx_refine_tls_group.beg_label_seq_id    ? 
_pdbx_refine_tls_group.beg_auth_asym_id    A 
_pdbx_refine_tls_group.beg_auth_seq_id     243 
_pdbx_refine_tls_group.beg_PDB_ins_code    ? 
_pdbx_refine_tls_group.end_label_asym_id   ? 
_pdbx_refine_tls_group.end_label_seq_id    ? 
_pdbx_refine_tls_group.end_auth_asym_id    A 
_pdbx_refine_tls_group.end_auth_seq_id     336 
_pdbx_refine_tls_group.end_PDB_ins_code    ? 
_pdbx_refine_tls_group.selection           ? 
_pdbx_refine_tls_group.selection_details   ? 
# 
_pdbx_entry_details.entry_id                 6ZC6 
_pdbx_entry_details.has_ligand_of_interest   Y 
_pdbx_entry_details.compound_details         ? 
_pdbx_entry_details.source_details           ? 
_pdbx_entry_details.nonpolymer_details       ? 
_pdbx_entry_details.sequence_details         ? 
# 
loop_
_pdbx_distant_solvent_atoms.id 
_pdbx_distant_solvent_atoms.PDB_model_num 
_pdbx_distant_solvent_atoms.auth_atom_id 
_pdbx_distant_solvent_atoms.label_alt_id 
_pdbx_distant_solvent_atoms.auth_asym_id 
_pdbx_distant_solvent_atoms.auth_comp_id 
_pdbx_distant_solvent_atoms.auth_seq_id 
_pdbx_distant_solvent_atoms.PDB_ins_code 
_pdbx_distant_solvent_atoms.neighbor_macromolecule_distance 
_pdbx_distant_solvent_atoms.neighbor_ligand_distance 
1 1 O ? A HOH 597 ? 6.04  .    
2 1 O ? A HOH 598 ? 6.46  .    
3 1 O ? A HOH 599 ? .     6.89 
4 1 O ? A HOH 600 ? .     7.04 
5 1 O ? A HOH 601 ? 11.26 .    
6 1 O ? A HOH 602 ? 11.63 .    
7 1 O ? A HOH 603 ? 12.44 .    
# 
loop_
_pdbx_unobs_or_zero_occ_residues.id 
_pdbx_unobs_or_zero_occ_residues.PDB_model_num 
_pdbx_unobs_or_zero_occ_residues.polymer_flag 
_pdbx_unobs_or_zero_occ_residues.occupancy_flag 
_pdbx_unobs_or_zero_occ_residues.auth_asym_id 
_pdbx_unobs_or_zero_occ_residues.auth_comp_id 
_pdbx_unobs_or_zero_occ_residues.auth_seq_id 
_pdbx_unobs_or_zero_occ_residues.PDB_ins_code 
_pdbx_unobs_or_zero_occ_residues.label_asym_id 
_pdbx_unobs_or_zero_occ_residues.label_comp_id 
_pdbx_unobs_or_zero_occ_residues.label_seq_id 
1 1 Y 1 A ALA 242 ? A ALA 1  
2 1 Y 1 A ARG 271 ? A ARG 30 
3 1 Y 1 A GLY 272 ? A GLY 31 
4 1 Y 1 A ASP 273 ? A ASP 32 
5 1 Y 1 A GLY 274 ? A GLY 33 
# 
loop_
_chem_comp_atom.comp_id 
_chem_comp_atom.atom_id 
_chem_comp_atom.type_symbol 
_chem_comp_atom.pdbx_aromatic_flag 
_chem_comp_atom.pdbx_stereo_config 
_chem_comp_atom.pdbx_ordinal 
ALA N    N  N N 1   
ALA CA   C  N S 2   
ALA C    C  N N 3   
ALA O    O  N N 4   
ALA CB   C  N N 5   
ALA OXT  O  N N 6   
ALA H    H  N N 7   
ALA H2   H  N N 8   
ALA HA   H  N N 9   
ALA HB1  H  N N 10  
ALA HB2  H  N N 11  
ALA HB3  H  N N 12  
ALA HXT  H  N N 13  
ARG N    N  N N 14  
ARG CA   C  N S 15  
ARG C    C  N N 16  
ARG O    O  N N 17  
ARG CB   C  N N 18  
ARG CG   C  N N 19  
ARG CD   C  N N 20  
ARG NE   N  N N 21  
ARG CZ   C  N N 22  
ARG NH1  N  N N 23  
ARG NH2  N  N N 24  
ARG OXT  O  N N 25  
ARG H    H  N N 26  
ARG H2   H  N N 27  
ARG HA   H  N N 28  
ARG HB2  H  N N 29  
ARG HB3  H  N N 30  
ARG HG2  H  N N 31  
ARG HG3  H  N N 32  
ARG HD2  H  N N 33  
ARG HD3  H  N N 34  
ARG HE   H  N N 35  
ARG HH11 H  N N 36  
ARG HH12 H  N N 37  
ARG HH21 H  N N 38  
ARG HH22 H  N N 39  
ARG HXT  H  N N 40  
ASN N    N  N N 41  
ASN CA   C  N S 42  
ASN C    C  N N 43  
ASN O    O  N N 44  
ASN CB   C  N N 45  
ASN CG   C  N N 46  
ASN OD1  O  N N 47  
ASN ND2  N  N N 48  
ASN OXT  O  N N 49  
ASN H    H  N N 50  
ASN H2   H  N N 51  
ASN HA   H  N N 52  
ASN HB2  H  N N 53  
ASN HB3  H  N N 54  
ASN HD21 H  N N 55  
ASN HD22 H  N N 56  
ASN HXT  H  N N 57  
ASP N    N  N N 58  
ASP CA   C  N S 59  
ASP C    C  N N 60  
ASP O    O  N N 61  
ASP CB   C  N N 62  
ASP CG   C  N N 63  
ASP OD1  O  N N 64  
ASP OD2  O  N N 65  
ASP OXT  O  N N 66  
ASP H    H  N N 67  
ASP H2   H  N N 68  
ASP HA   H  N N 69  
ASP HB2  H  N N 70  
ASP HB3  H  N N 71  
ASP HD2  H  N N 72  
ASP HXT  H  N N 73  
EDO C1   C  N N 74  
EDO O1   O  N N 75  
EDO C2   C  N N 76  
EDO O2   O  N N 77  
EDO H11  H  N N 78  
EDO H12  H  N N 79  
EDO HO1  H  N N 80  
EDO H21  H  N N 81  
EDO H22  H  N N 82  
EDO HO2  H  N N 83  
GLN N    N  N N 84  
GLN CA   C  N S 85  
GLN C    C  N N 86  
GLN O    O  N N 87  
GLN CB   C  N N 88  
GLN CG   C  N N 89  
GLN CD   C  N N 90  
GLN OE1  O  N N 91  
GLN NE2  N  N N 92  
GLN OXT  O  N N 93  
GLN H    H  N N 94  
GLN H2   H  N N 95  
GLN HA   H  N N 96  
GLN HB2  H  N N 97  
GLN HB3  H  N N 98  
GLN HG2  H  N N 99  
GLN HG3  H  N N 100 
GLN HE21 H  N N 101 
GLN HE22 H  N N 102 
GLN HXT  H  N N 103 
GLU N    N  N N 104 
GLU CA   C  N S 105 
GLU C    C  N N 106 
GLU O    O  N N 107 
GLU CB   C  N N 108 
GLU CG   C  N N 109 
GLU CD   C  N N 110 
GLU OE1  O  N N 111 
GLU OE2  O  N N 112 
GLU OXT  O  N N 113 
GLU H    H  N N 114 
GLU H2   H  N N 115 
GLU HA   H  N N 116 
GLU HB2  H  N N 117 
GLU HB3  H  N N 118 
GLU HG2  H  N N 119 
GLU HG3  H  N N 120 
GLU HE2  H  N N 121 
GLU HXT  H  N N 122 
GLY N    N  N N 123 
GLY CA   C  N N 124 
GLY C    C  N N 125 
GLY O    O  N N 126 
GLY OXT  O  N N 127 
GLY H    H  N N 128 
GLY H2   H  N N 129 
GLY HA2  H  N N 130 
GLY HA3  H  N N 131 
GLY HXT  H  N N 132 
HIS N    N  N N 133 
HIS CA   C  N S 134 
HIS C    C  N N 135 
HIS O    O  N N 136 
HIS CB   C  N N 137 
HIS CG   C  Y N 138 
HIS ND1  N  Y N 139 
HIS CD2  C  Y N 140 
HIS CE1  C  Y N 141 
HIS NE2  N  Y N 142 
HIS OXT  O  N N 143 
HIS H    H  N N 144 
HIS H2   H  N N 145 
HIS HA   H  N N 146 
HIS HB2  H  N N 147 
HIS HB3  H  N N 148 
HIS HD1  H  N N 149 
HIS HD2  H  N N 150 
HIS HE1  H  N N 151 
HIS HE2  H  N N 152 
HIS HXT  H  N N 153 
HOH O    O  N N 154 
HOH H1   H  N N 155 
HOH H2   H  N N 156 
ILE N    N  N N 157 
ILE CA   C  N S 158 
ILE C    C  N N 159 
ILE O    O  N N 160 
ILE CB   C  N S 161 
ILE CG1  C  N N 162 
ILE CG2  C  N N 163 
ILE CD1  C  N N 164 
ILE OXT  O  N N 165 
ILE H    H  N N 166 
ILE H2   H  N N 167 
ILE HA   H  N N 168 
ILE HB   H  N N 169 
ILE HG12 H  N N 170 
ILE HG13 H  N N 171 
ILE HG21 H  N N 172 
ILE HG22 H  N N 173 
ILE HG23 H  N N 174 
ILE HD11 H  N N 175 
ILE HD12 H  N N 176 
ILE HD13 H  N N 177 
ILE HXT  H  N N 178 
LEU N    N  N N 179 
LEU CA   C  N S 180 
LEU C    C  N N 181 
LEU O    O  N N 182 
LEU CB   C  N N 183 
LEU CG   C  N N 184 
LEU CD1  C  N N 185 
LEU CD2  C  N N 186 
LEU OXT  O  N N 187 
LEU H    H  N N 188 
LEU H2   H  N N 189 
LEU HA   H  N N 190 
LEU HB2  H  N N 191 
LEU HB3  H  N N 192 
LEU HG   H  N N 193 
LEU HD11 H  N N 194 
LEU HD12 H  N N 195 
LEU HD13 H  N N 196 
LEU HD21 H  N N 197 
LEU HD22 H  N N 198 
LEU HD23 H  N N 199 
LEU HXT  H  N N 200 
LYS N    N  N N 201 
LYS CA   C  N S 202 
LYS C    C  N N 203 
LYS O    O  N N 204 
LYS CB   C  N N 205 
LYS CG   C  N N 206 
LYS CD   C  N N 207 
LYS CE   C  N N 208 
LYS NZ   N  N N 209 
LYS OXT  O  N N 210 
LYS H    H  N N 211 
LYS H2   H  N N 212 
LYS HA   H  N N 213 
LYS HB2  H  N N 214 
LYS HB3  H  N N 215 
LYS HG2  H  N N 216 
LYS HG3  H  N N 217 
LYS HD2  H  N N 218 
LYS HD3  H  N N 219 
LYS HE2  H  N N 220 
LYS HE3  H  N N 221 
LYS HZ1  H  N N 222 
LYS HZ2  H  N N 223 
LYS HZ3  H  N N 224 
LYS HXT  H  N N 225 
MET N    N  N N 226 
MET CA   C  N S 227 
MET C    C  N N 228 
MET O    O  N N 229 
MET CB   C  N N 230 
MET CG   C  N N 231 
MET SD   S  N N 232 
MET CE   C  N N 233 
MET OXT  O  N N 234 
MET H    H  N N 235 
MET H2   H  N N 236 
MET HA   H  N N 237 
MET HB2  H  N N 238 
MET HB3  H  N N 239 
MET HG2  H  N N 240 
MET HG3  H  N N 241 
MET HE1  H  N N 242 
MET HE2  H  N N 243 
MET HE3  H  N N 244 
MET HXT  H  N N 245 
PHE N    N  N N 246 
PHE CA   C  N S 247 
PHE C    C  N N 248 
PHE O    O  N N 249 
PHE CB   C  N N 250 
PHE CG   C  Y N 251 
PHE CD1  C  Y N 252 
PHE CD2  C  Y N 253 
PHE CE1  C  Y N 254 
PHE CE2  C  Y N 255 
PHE CZ   C  Y N 256 
PHE OXT  O  N N 257 
PHE H    H  N N 258 
PHE H2   H  N N 259 
PHE HA   H  N N 260 
PHE HB2  H  N N 261 
PHE HB3  H  N N 262 
PHE HD1  H  N N 263 
PHE HD2  H  N N 264 
PHE HE1  H  N N 265 
PHE HE2  H  N N 266 
PHE HZ   H  N N 267 
PHE HXT  H  N N 268 
PRO N    N  N N 269 
PRO CA   C  N S 270 
PRO C    C  N N 271 
PRO O    O  N N 272 
PRO CB   C  N N 273 
PRO CG   C  N N 274 
PRO CD   C  N N 275 
PRO OXT  O  N N 276 
PRO H    H  N N 277 
PRO HA   H  N N 278 
PRO HB2  H  N N 279 
PRO HB3  H  N N 280 
PRO HG2  H  N N 281 
PRO HG3  H  N N 282 
PRO HD2  H  N N 283 
PRO HD3  H  N N 284 
PRO HXT  H  N N 285 
QEN CAO  C  Y N 286 
QEN CAW  C  Y N 287 
QEN CAL  C  Y N 288 
QEN CAG  C  Y N 289 
QEN CAF  C  Y N 290 
QEN CAK  C  Y N 291 
QEN CAV  C  Y N 292 
QEN CAM  C  Y N 293 
QEN CAJ  C  Y N 294 
QEN CAS  C  Y N 295 
QEN SAX  S  N N 296 
QEN OAB  O  N N 297 
QEN OAC  O  N N 298 
QEN NAP  N  N N 299 
QEN CAT  C  Y N 300 
QEN CAI  C  Y N 301 
QEN CAH  C  Y N 302 
QEN CAR  C  Y N 303 
QEN BR1  BR N N 304 
QEN CAN  C  Y N 305 
QEN CAU  C  Y N 306 
QEN CAQ  C  N N 307 
QEN OAD  O  N N 308 
QEN OAA  O  N N 309 
QEN H1   H  N N 310 
QEN H2   H  N N 311 
QEN H3   H  N N 312 
QEN H4   H  N N 313 
QEN H5   H  N N 314 
QEN H6   H  N N 315 
QEN H7   H  N N 316 
QEN H8   H  N N 317 
QEN H9   H  N N 318 
QEN H10  H  N N 319 
QEN H11  H  N N 320 
QEN H12  H  N N 321 
SER N    N  N N 322 
SER CA   C  N S 323 
SER C    C  N N 324 
SER O    O  N N 325 
SER CB   C  N N 326 
SER OG   O  N N 327 
SER OXT  O  N N 328 
SER H    H  N N 329 
SER H2   H  N N 330 
SER HA   H  N N 331 
SER HB2  H  N N 332 
SER HB3  H  N N 333 
SER HG   H  N N 334 
SER HXT  H  N N 335 
THR N    N  N N 336 
THR CA   C  N S 337 
THR C    C  N N 338 
THR O    O  N N 339 
THR CB   C  N R 340 
THR OG1  O  N N 341 
THR CG2  C  N N 342 
THR OXT  O  N N 343 
THR H    H  N N 344 
THR H2   H  N N 345 
THR HA   H  N N 346 
THR HB   H  N N 347 
THR HG1  H  N N 348 
THR HG21 H  N N 349 
THR HG22 H  N N 350 
THR HG23 H  N N 351 
THR HXT  H  N N 352 
TYR N    N  N N 353 
TYR CA   C  N S 354 
TYR C    C  N N 355 
TYR O    O  N N 356 
TYR CB   C  N N 357 
TYR CG   C  Y N 358 
TYR CD1  C  Y N 359 
TYR CD2  C  Y N 360 
TYR CE1  C  Y N 361 
TYR CE2  C  Y N 362 
TYR CZ   C  Y N 363 
TYR OH   O  N N 364 
TYR OXT  O  N N 365 
TYR H    H  N N 366 
TYR H2   H  N N 367 
TYR HA   H  N N 368 
TYR HB2  H  N N 369 
TYR HB3  H  N N 370 
TYR HD1  H  N N 371 
TYR HD2  H  N N 372 
TYR HE1  H  N N 373 
TYR HE2  H  N N 374 
TYR HH   H  N N 375 
TYR HXT  H  N N 376 
VAL N    N  N N 377 
VAL CA   C  N S 378 
VAL C    C  N N 379 
VAL O    O  N N 380 
VAL CB   C  N N 381 
VAL CG1  C  N N 382 
VAL CG2  C  N N 383 
VAL OXT  O  N N 384 
VAL H    H  N N 385 
VAL H2   H  N N 386 
VAL HA   H  N N 387 
VAL HB   H  N N 388 
VAL HG11 H  N N 389 
VAL HG12 H  N N 390 
VAL HG13 H  N N 391 
VAL HG21 H  N N 392 
VAL HG22 H  N N 393 
VAL HG23 H  N N 394 
VAL HXT  H  N N 395 
# 
loop_
_chem_comp_bond.comp_id 
_chem_comp_bond.atom_id_1 
_chem_comp_bond.atom_id_2 
_chem_comp_bond.value_order 
_chem_comp_bond.pdbx_aromatic_flag 
_chem_comp_bond.pdbx_stereo_config 
_chem_comp_bond.pdbx_ordinal 
ALA N   CA   sing N N 1   
ALA N   H    sing N N 2   
ALA N   H2   sing N N 3   
ALA CA  C    sing N N 4   
ALA CA  CB   sing N N 5   
ALA CA  HA   sing N N 6   
ALA C   O    doub N N 7   
ALA C   OXT  sing N N 8   
ALA CB  HB1  sing N N 9   
ALA CB  HB2  sing N N 10  
ALA CB  HB3  sing N N 11  
ALA OXT HXT  sing N N 12  
ARG N   CA   sing N N 13  
ARG N   H    sing N N 14  
ARG N   H2   sing N N 15  
ARG CA  C    sing N N 16  
ARG CA  CB   sing N N 17  
ARG CA  HA   sing N N 18  
ARG C   O    doub N N 19  
ARG C   OXT  sing N N 20  
ARG CB  CG   sing N N 21  
ARG CB  HB2  sing N N 22  
ARG CB  HB3  sing N N 23  
ARG CG  CD   sing N N 24  
ARG CG  HG2  sing N N 25  
ARG CG  HG3  sing N N 26  
ARG CD  NE   sing N N 27  
ARG CD  HD2  sing N N 28  
ARG CD  HD3  sing N N 29  
ARG NE  CZ   sing N N 30  
ARG NE  HE   sing N N 31  
ARG CZ  NH1  sing N N 32  
ARG CZ  NH2  doub N N 33  
ARG NH1 HH11 sing N N 34  
ARG NH1 HH12 sing N N 35  
ARG NH2 HH21 sing N N 36  
ARG NH2 HH22 sing N N 37  
ARG OXT HXT  sing N N 38  
ASN N   CA   sing N N 39  
ASN N   H    sing N N 40  
ASN N   H2   sing N N 41  
ASN CA  C    sing N N 42  
ASN CA  CB   sing N N 43  
ASN CA  HA   sing N N 44  
ASN C   O    doub N N 45  
ASN C   OXT  sing N N 46  
ASN CB  CG   sing N N 47  
ASN CB  HB2  sing N N 48  
ASN CB  HB3  sing N N 49  
ASN CG  OD1  doub N N 50  
ASN CG  ND2  sing N N 51  
ASN ND2 HD21 sing N N 52  
ASN ND2 HD22 sing N N 53  
ASN OXT HXT  sing N N 54  
ASP N   CA   sing N N 55  
ASP N   H    sing N N 56  
ASP N   H2   sing N N 57  
ASP CA  C    sing N N 58  
ASP CA  CB   sing N N 59  
ASP CA  HA   sing N N 60  
ASP C   O    doub N N 61  
ASP C   OXT  sing N N 62  
ASP CB  CG   sing N N 63  
ASP CB  HB2  sing N N 64  
ASP CB  HB3  sing N N 65  
ASP CG  OD1  doub N N 66  
ASP CG  OD2  sing N N 67  
ASP OD2 HD2  sing N N 68  
ASP OXT HXT  sing N N 69  
EDO C1  O1   sing N N 70  
EDO C1  C2   sing N N 71  
EDO C1  H11  sing N N 72  
EDO C1  H12  sing N N 73  
EDO O1  HO1  sing N N 74  
EDO C2  O2   sing N N 75  
EDO C2  H21  sing N N 76  
EDO C2  H22  sing N N 77  
EDO O2  HO2  sing N N 78  
GLN N   CA   sing N N 79  
GLN N   H    sing N N 80  
GLN N   H2   sing N N 81  
GLN CA  C    sing N N 82  
GLN CA  CB   sing N N 83  
GLN CA  HA   sing N N 84  
GLN C   O    doub N N 85  
GLN C   OXT  sing N N 86  
GLN CB  CG   sing N N 87  
GLN CB  HB2  sing N N 88  
GLN CB  HB3  sing N N 89  
GLN CG  CD   sing N N 90  
GLN CG  HG2  sing N N 91  
GLN CG  HG3  sing N N 92  
GLN CD  OE1  doub N N 93  
GLN CD  NE2  sing N N 94  
GLN NE2 HE21 sing N N 95  
GLN NE2 HE22 sing N N 96  
GLN OXT HXT  sing N N 97  
GLU N   CA   sing N N 98  
GLU N   H    sing N N 99  
GLU N   H2   sing N N 100 
GLU CA  C    sing N N 101 
GLU CA  CB   sing N N 102 
GLU CA  HA   sing N N 103 
GLU C   O    doub N N 104 
GLU C   OXT  sing N N 105 
GLU CB  CG   sing N N 106 
GLU CB  HB2  sing N N 107 
GLU CB  HB3  sing N N 108 
GLU CG  CD   sing N N 109 
GLU CG  HG2  sing N N 110 
GLU CG  HG3  sing N N 111 
GLU CD  OE1  doub N N 112 
GLU CD  OE2  sing N N 113 
GLU OE2 HE2  sing N N 114 
GLU OXT HXT  sing N N 115 
GLY N   CA   sing N N 116 
GLY N   H    sing N N 117 
GLY N   H2   sing N N 118 
GLY CA  C    sing N N 119 
GLY CA  HA2  sing N N 120 
GLY CA  HA3  sing N N 121 
GLY C   O    doub N N 122 
GLY C   OXT  sing N N 123 
GLY OXT HXT  sing N N 124 
HIS N   CA   sing N N 125 
HIS N   H    sing N N 126 
HIS N   H2   sing N N 127 
HIS CA  C    sing N N 128 
HIS CA  CB   sing N N 129 
HIS CA  HA   sing N N 130 
HIS C   O    doub N N 131 
HIS C   OXT  sing N N 132 
HIS CB  CG   sing N N 133 
HIS CB  HB2  sing N N 134 
HIS CB  HB3  sing N N 135 
HIS CG  ND1  sing Y N 136 
HIS CG  CD2  doub Y N 137 
HIS ND1 CE1  doub Y N 138 
HIS ND1 HD1  sing N N 139 
HIS CD2 NE2  sing Y N 140 
HIS CD2 HD2  sing N N 141 
HIS CE1 NE2  sing Y N 142 
HIS CE1 HE1  sing N N 143 
HIS NE2 HE2  sing N N 144 
HIS OXT HXT  sing N N 145 
HOH O   H1   sing N N 146 
HOH O   H2   sing N N 147 
ILE N   CA   sing N N 148 
ILE N   H    sing N N 149 
ILE N   H2   sing N N 150 
ILE CA  C    sing N N 151 
ILE CA  CB   sing N N 152 
ILE CA  HA   sing N N 153 
ILE C   O    doub N N 154 
ILE C   OXT  sing N N 155 
ILE CB  CG1  sing N N 156 
ILE CB  CG2  sing N N 157 
ILE CB  HB   sing N N 158 
ILE CG1 CD1  sing N N 159 
ILE CG1 HG12 sing N N 160 
ILE CG1 HG13 sing N N 161 
ILE CG2 HG21 sing N N 162 
ILE CG2 HG22 sing N N 163 
ILE CG2 HG23 sing N N 164 
ILE CD1 HD11 sing N N 165 
ILE CD1 HD12 sing N N 166 
ILE CD1 HD13 sing N N 167 
ILE OXT HXT  sing N N 168 
LEU N   CA   sing N N 169 
LEU N   H    sing N N 170 
LEU N   H2   sing N N 171 
LEU CA  C    sing N N 172 
LEU CA  CB   sing N N 173 
LEU CA  HA   sing N N 174 
LEU C   O    doub N N 175 
LEU C   OXT  sing N N 176 
LEU CB  CG   sing N N 177 
LEU CB  HB2  sing N N 178 
LEU CB  HB3  sing N N 179 
LEU CG  CD1  sing N N 180 
LEU CG  CD2  sing N N 181 
LEU CG  HG   sing N N 182 
LEU CD1 HD11 sing N N 183 
LEU CD1 HD12 sing N N 184 
LEU CD1 HD13 sing N N 185 
LEU CD2 HD21 sing N N 186 
LEU CD2 HD22 sing N N 187 
LEU CD2 HD23 sing N N 188 
LEU OXT HXT  sing N N 189 
LYS N   CA   sing N N 190 
LYS N   H    sing N N 191 
LYS N   H2   sing N N 192 
LYS CA  C    sing N N 193 
LYS CA  CB   sing N N 194 
LYS CA  HA   sing N N 195 
LYS C   O    doub N N 196 
LYS C   OXT  sing N N 197 
LYS CB  CG   sing N N 198 
LYS CB  HB2  sing N N 199 
LYS CB  HB3  sing N N 200 
LYS CG  CD   sing N N 201 
LYS CG  HG2  sing N N 202 
LYS CG  HG3  sing N N 203 
LYS CD  CE   sing N N 204 
LYS CD  HD2  sing N N 205 
LYS CD  HD3  sing N N 206 
LYS CE  NZ   sing N N 207 
LYS CE  HE2  sing N N 208 
LYS CE  HE3  sing N N 209 
LYS NZ  HZ1  sing N N 210 
LYS NZ  HZ2  sing N N 211 
LYS NZ  HZ3  sing N N 212 
LYS OXT HXT  sing N N 213 
MET N   CA   sing N N 214 
MET N   H    sing N N 215 
MET N   H2   sing N N 216 
MET CA  C    sing N N 217 
MET CA  CB   sing N N 218 
MET CA  HA   sing N N 219 
MET C   O    doub N N 220 
MET C   OXT  sing N N 221 
MET CB  CG   sing N N 222 
MET CB  HB2  sing N N 223 
MET CB  HB3  sing N N 224 
MET CG  SD   sing N N 225 
MET CG  HG2  sing N N 226 
MET CG  HG3  sing N N 227 
MET SD  CE   sing N N 228 
MET CE  HE1  sing N N 229 
MET CE  HE2  sing N N 230 
MET CE  HE3  sing N N 231 
MET OXT HXT  sing N N 232 
PHE N   CA   sing N N 233 
PHE N   H    sing N N 234 
PHE N   H2   sing N N 235 
PHE CA  C    sing N N 236 
PHE CA  CB   sing N N 237 
PHE CA  HA   sing N N 238 
PHE C   O    doub N N 239 
PHE C   OXT  sing N N 240 
PHE CB  CG   sing N N 241 
PHE CB  HB2  sing N N 242 
PHE CB  HB3  sing N N 243 
PHE CG  CD1  doub Y N 244 
PHE CG  CD2  sing Y N 245 
PHE CD1 CE1  sing Y N 246 
PHE CD1 HD1  sing N N 247 
PHE CD2 CE2  doub Y N 248 
PHE CD2 HD2  sing N N 249 
PHE CE1 CZ   doub Y N 250 
PHE CE1 HE1  sing N N 251 
PHE CE2 CZ   sing Y N 252 
PHE CE2 HE2  sing N N 253 
PHE CZ  HZ   sing N N 254 
PHE OXT HXT  sing N N 255 
PRO N   CA   sing N N 256 
PRO N   CD   sing N N 257 
PRO N   H    sing N N 258 
PRO CA  C    sing N N 259 
PRO CA  CB   sing N N 260 
PRO CA  HA   sing N N 261 
PRO C   O    doub N N 262 
PRO C   OXT  sing N N 263 
PRO CB  CG   sing N N 264 
PRO CB  HB2  sing N N 265 
PRO CB  HB3  sing N N 266 
PRO CG  CD   sing N N 267 
PRO CG  HG2  sing N N 268 
PRO CG  HG3  sing N N 269 
PRO CD  HD2  sing N N 270 
PRO CD  HD3  sing N N 271 
PRO OXT HXT  sing N N 272 
QEN OAC SAX  doub N N 273 
QEN CAJ CAM  doub Y N 274 
QEN CAJ CAS  sing Y N 275 
QEN CAM CAV  sing Y N 276 
QEN CAH CAI  doub Y N 277 
QEN CAH CAR  sing Y N 278 
QEN CAI CAT  sing Y N 279 
QEN SAX CAS  sing N N 280 
QEN SAX OAB  doub N N 281 
QEN SAX NAP  sing N N 282 
QEN CAS CAO  doub Y N 283 
QEN CAV CAK  doub Y N 284 
QEN CAV CAW  sing Y N 285 
QEN CAK CAF  sing Y N 286 
QEN BR1 CAR  sing N N 287 
QEN CAR CAN  doub Y N 288 
QEN CAT NAP  sing N N 289 
QEN CAT CAU  doub Y N 290 
QEN CAO CAW  sing Y N 291 
QEN CAW CAL  doub Y N 292 
QEN CAF CAG  doub Y N 293 
QEN CAN CAU  sing Y N 294 
QEN CAU CAQ  sing N N 295 
QEN CAL CAG  sing Y N 296 
QEN CAQ OAD  doub N N 297 
QEN CAQ OAA  sing N N 298 
QEN CAO H1   sing N N 299 
QEN CAL H2   sing N N 300 
QEN CAG H3   sing N N 301 
QEN CAF H4   sing N N 302 
QEN CAK H5   sing N N 303 
QEN CAM H6   sing N N 304 
QEN CAJ H7   sing N N 305 
QEN NAP H8   sing N N 306 
QEN CAI H9   sing N N 307 
QEN CAH H10  sing N N 308 
QEN CAN H11  sing N N 309 
QEN OAA H12  sing N N 310 
SER N   CA   sing N N 311 
SER N   H    sing N N 312 
SER N   H2   sing N N 313 
SER CA  C    sing N N 314 
SER CA  CB   sing N N 315 
SER CA  HA   sing N N 316 
SER C   O    doub N N 317 
SER C   OXT  sing N N 318 
SER CB  OG   sing N N 319 
SER CB  HB2  sing N N 320 
SER CB  HB3  sing N N 321 
SER OG  HG   sing N N 322 
SER OXT HXT  sing N N 323 
THR N   CA   sing N N 324 
THR N   H    sing N N 325 
THR N   H2   sing N N 326 
THR CA  C    sing N N 327 
THR CA  CB   sing N N 328 
THR CA  HA   sing N N 329 
THR C   O    doub N N 330 
THR C   OXT  sing N N 331 
THR CB  OG1  sing N N 332 
THR CB  CG2  sing N N 333 
THR CB  HB   sing N N 334 
THR OG1 HG1  sing N N 335 
THR CG2 HG21 sing N N 336 
THR CG2 HG22 sing N N 337 
THR CG2 HG23 sing N N 338 
THR OXT HXT  sing N N 339 
TYR N   CA   sing N N 340 
TYR N   H    sing N N 341 
TYR N   H2   sing N N 342 
TYR CA  C    sing N N 343 
TYR CA  CB   sing N N 344 
TYR CA  HA   sing N N 345 
TYR C   O    doub N N 346 
TYR C   OXT  sing N N 347 
TYR CB  CG   sing N N 348 
TYR CB  HB2  sing N N 349 
TYR CB  HB3  sing N N 350 
TYR CG  CD1  doub Y N 351 
TYR CG  CD2  sing Y N 352 
TYR CD1 CE1  sing Y N 353 
TYR CD1 HD1  sing N N 354 
TYR CD2 CE2  doub Y N 355 
TYR CD2 HD2  sing N N 356 
TYR CE1 CZ   doub Y N 357 
TYR CE1 HE1  sing N N 358 
TYR CE2 CZ   sing Y N 359 
TYR CE2 HE2  sing N N 360 
TYR CZ  OH   sing N N 361 
TYR OH  HH   sing N N 362 
TYR OXT HXT  sing N N 363 
VAL N   CA   sing N N 364 
VAL N   H    sing N N 365 
VAL N   H2   sing N N 366 
VAL CA  C    sing N N 367 
VAL CA  CB   sing N N 368 
VAL CA  HA   sing N N 369 
VAL C   O    doub N N 370 
VAL C   OXT  sing N N 371 
VAL CB  CG1  sing N N 372 
VAL CB  CG2  sing N N 373 
VAL CB  HB   sing N N 374 
VAL CG1 HG11 sing N N 375 
VAL CG1 HG12 sing N N 376 
VAL CG1 HG13 sing N N 377 
VAL CG2 HG21 sing N N 378 
VAL CG2 HG22 sing N N 379 
VAL CG2 HG23 sing N N 380 
VAL OXT HXT  sing N N 381 
# 
_pdbx_audit_support.funding_organization   'German Research Foundation (DFG)' 
_pdbx_audit_support.country                Germany 
_pdbx_audit_support.grant_number           806 
_pdbx_audit_support.ordinal                1 
# 
_pdbx_entity_instance_feature.ordinal        1 
_pdbx_entity_instance_feature.comp_id        QEN 
_pdbx_entity_instance_feature.asym_id        ? 
_pdbx_entity_instance_feature.seq_num        ? 
_pdbx_entity_instance_feature.auth_comp_id   QEN 
_pdbx_entity_instance_feature.auth_asym_id   ? 
_pdbx_entity_instance_feature.auth_seq_num   ? 
_pdbx_entity_instance_feature.feature_type   'SUBJECT OF INVESTIGATION' 
_pdbx_entity_instance_feature.details        ? 
# 
_pdbx_initial_refinement_model.id               1 
_pdbx_initial_refinement_model.entity_id_list   ? 
_pdbx_initial_refinement_model.type             'experimental model' 
_pdbx_initial_refinement_model.source_name      PDB 
_pdbx_initial_refinement_model.accession_code   2F0A 
_pdbx_initial_refinement_model.details          ? 
# 
_atom_sites.entry_id                    6ZC6 
_atom_sites.Cartn_transf_matrix[1][1]   ? 
_atom_sites.Cartn_transf_matrix[1][2]   ? 
_atom_sites.Cartn_transf_matrix[1][3]   ? 
_atom_sites.Cartn_transf_matrix[2][1]   ? 
_atom_sites.Cartn_transf_matrix[2][2]   ? 
_atom_sites.Cartn_transf_matrix[2][3]   ? 
_atom_sites.Cartn_transf_matrix[3][1]   ? 
_atom_sites.Cartn_transf_matrix[3][2]   ? 
_atom_sites.Cartn_transf_matrix[3][3]   ? 
_atom_sites.Cartn_transf_vector[1]      ? 
_atom_sites.Cartn_transf_vector[2]      ? 
_atom_sites.Cartn_transf_vector[3]      ? 
_atom_sites.fract_transf_matrix[1][1]   0.00668843 
_atom_sites.fract_transf_matrix[1][2]   -0.00323205 
_atom_sites.fract_transf_matrix[1][3]   0.01032679 
_atom_sites.fract_transf_matrix[2][1]   -0.00893584 
_atom_sites.fract_transf_matrix[2][2]   -0.00849635 
_atom_sites.fract_transf_matrix[2][3]   0.00312837 
_atom_sites.fract_transf_matrix[3][1]   0.00616431 
_atom_sites.fract_transf_matrix[3][2]   -0.00898910 
_atom_sites.fract_transf_matrix[3][3]   -0.00680587 
_atom_sites.fract_transf_vector[1]      0.052043 
_atom_sites.fract_transf_vector[2]      0.252133 
_atom_sites.fract_transf_vector[3]      -0.289409 
_atom_sites.solution_primary            ? 
_atom_sites.solution_secondary          ? 
_atom_sites.solution_hydrogens          ? 
_atom_sites.special_details             ? 
# 
loop_
_atom_type.symbol 
BR 
C  
N  
O  
S  
# 
loop_
_atom_site.group_PDB 
_atom_site.id 
_atom_site.type_symbol 
_atom_site.label_atom_id 
_atom_site.label_alt_id 
_atom_site.label_comp_id 
_atom_site.label_asym_id 
_atom_site.label_entity_id 
_atom_site.label_seq_id 
_atom_site.pdbx_PDB_ins_code 
_atom_site.Cartn_x 
_atom_site.Cartn_y 
_atom_site.Cartn_z 
_atom_site.occupancy 
_atom_site.B_iso_or_equiv 
_atom_site.pdbx_formal_charge 
_atom_site.auth_seq_id 
_atom_site.auth_comp_id 
_atom_site.auth_asym_id 
_atom_site.auth_atom_id 
_atom_site.pdbx_PDB_model_num 
ATOM   1   N  N   . MET A 1 2  ? -14.911 -18.779 -6.781  1.00 50.82 ? 243 MET A N   1 
ATOM   2   C  CA  . MET A 1 2  ? -13.921 -17.670 -6.912  1.00 47.07 ? 243 MET A CA  1 
ATOM   3   C  C   . MET A 1 2  ? -12.820 -17.842 -5.858  1.00 45.38 ? 243 MET A C   1 
ATOM   4   O  O   . MET A 1 2  ? -13.118 -18.373 -4.770  1.00 44.86 ? 243 MET A O   1 
ATOM   5   C  CB  . MET A 1 2  ? -14.592 -16.303 -6.730  1.00 47.51 ? 243 MET A CB  1 
ATOM   6   C  CG  . MET A 1 2  ? -15.593 -16.258 -5.589  1.00 45.39 ? 243 MET A CG  1 
ATOM   7   S  SD  . MET A 1 2  ? -17.144 -15.450 -6.065  1.00 44.19 ? 243 MET A SD  1 
ATOM   8   C  CE  . MET A 1 2  ? -18.325 -16.448 -5.162  1.00 45.11 ? 243 MET A CE  1 
ATOM   9   N  N   . SER A 1 3  ? -11.598 -17.409 -6.184  1.00 43.32 ? 244 SER A N   1 
ATOM   10  C  CA  . SER A 1 3  ? -10.386 -17.549 -5.334  1.00 41.24 ? 244 SER A CA  1 
ATOM   11  C  C   . SER A 1 3  ? -9.903  -16.163 -4.894  1.00 38.52 ? 244 SER A C   1 
ATOM   12  O  O   . SER A 1 3  ? -9.873  -15.251 -5.744  1.00 40.92 ? 244 SER A O   1 
ATOM   13  C  CB  . SER A 1 3  ? -9.303  -18.302 -6.062  1.00 44.89 ? 244 SER A CB  1 
ATOM   14  O  OG  . SER A 1 3  ? -8.381  -18.873 -5.145  1.00 47.57 ? 244 SER A OG  1 
ATOM   15  N  N   . LEU A 1 4  ? -9.574  -16.011 -3.607  1.00 34.57 ? 245 LEU A N   1 
ATOM   16  C  CA  . LEU A 1 4  ? -8.978  -14.777 -3.030  1.00 32.41 ? 245 LEU A CA  1 
ATOM   17  C  C   . LEU A 1 4  ? -7.534  -15.062 -2.604  1.00 29.62 ? 245 LEU A C   1 
ATOM   18  O  O   . LEU A 1 4  ? -7.329  -15.975 -1.780  1.00 28.69 ? 245 LEU A O   1 
ATOM   19  C  CB  . LEU A 1 4  ? -9.824  -14.316 -1.839  1.00 35.25 ? 245 LEU A CB  1 
ATOM   20  C  CG  . LEU A 1 4  ? -9.528  -12.906 -1.330  1.00 37.10 ? 245 LEU A CG  1 
ATOM   21  C  CD1 . LEU A 1 4  ? -9.635  -11.887 -2.454  1.00 38.24 ? 245 LEU A CD1 1 
ATOM   22  C  CD2 . LEU A 1 4  ? -10.456 -12.536 -0.184  1.00 40.39 ? 245 LEU A CD2 1 
ATOM   23  N  N   . ASN A 1 5  ? -6.578  -14.301 -3.146  1.00 27.35 ? 246 ASN A N   1 
ATOM   24  C  CA  . ASN A 1 5  ? -5.125  -14.457 -2.871  1.00 25.97 ? 246 ASN A CA  1 
ATOM   25  C  C   . ASN A 1 5  ? -4.640  -13.254 -2.055  1.00 22.17 ? 246 ASN A C   1 
ATOM   26  O  O   . ASN A 1 5  ? -4.620  -12.134 -2.604  1.00 21.75 ? 246 ASN A O   1 
ATOM   27  C  CB  . ASN A 1 5  ? -4.326  -14.634 -4.165  1.00 29.38 ? 246 ASN A CB  1 
ATOM   28  C  CG  . ASN A 1 5  ? -4.643  -15.934 -4.873  1.00 33.67 ? 246 ASN A CG  1 
ATOM   29  O  OD1 . ASN A 1 5  ? -4.418  -17.014 -4.330  1.00 37.11 ? 246 ASN A OD1 1 
ATOM   30  N  ND2 . ASN A 1 5  ? -5.192  -15.842 -6.075  1.00 38.03 ? 246 ASN A ND2 1 
ATOM   31  N  N   . ILE A 1 6  ? -4.404  -13.464 -0.757  1.00 20.47 ? 247 ILE A N   1 
ATOM   32  C  CA  . ILE A 1 6  ? -3.834  -12.447 0.176   1.00 19.84 ? 247 ILE A CA  1 
ATOM   33  C  C   . ILE A 1 6  ? -2.314  -12.635 0.226   1.00 18.86 ? 247 ILE A C   1 
ATOM   34  O  O   . ILE A 1 6  ? -1.868  -13.784 0.407   1.00 20.45 ? 247 ILE A O   1 
ATOM   35  C  CB  . ILE A 1 6  ? -4.469  -12.575 1.576   1.00 20.83 ? 247 ILE A CB  1 
ATOM   36  C  CG1 . ILE A 1 6  ? -5.999  -12.599 1.509   1.00 21.69 ? 247 ILE A CG1 1 
ATOM   37  C  CG2 . ILE A 1 6  ? -3.961  -11.480 2.501   1.00 20.32 ? 247 ILE A CG2 1 
ATOM   38  C  CD1 . ILE A 1 6  ? -6.610  -11.350 0.918   1.00 21.74 ? 247 ILE A CD1 1 
ATOM   39  N  N   . ILE A 1 7  ? -1.551  -11.550 0.061   1.00 17.11 ? 248 ILE A N   1 
ATOM   40  C  CA  . ILE A 1 7  ? -0.070  -11.551 0.250   1.00 17.11 ? 248 ILE A CA  1 
ATOM   41  C  C   . ILE A 1 7  ? 0.314   -10.426 1.216   1.00 15.06 ? 248 ILE A C   1 
ATOM   42  O  O   . ILE A 1 7  ? -0.359  -9.376  1.213   1.00 14.95 ? 248 ILE A O   1 
ATOM   43  C  CB  . ILE A 1 7  ? 0.669   -11.435 -1.098  1.00 18.59 ? 248 ILE A CB  1 
ATOM   44  C  CG1 . ILE A 1 7  ? 0.467   -10.067 -1.752  1.00 19.26 ? 248 ILE A CG1 1 
ATOM   45  C  CG2 . ILE A 1 7  ? 0.268   -12.572 -2.025  1.00 20.11 ? 248 ILE A CG2 1 
ATOM   46  C  CD1 . ILE A 1 7  ? 1.473   -9.754  -2.836  1.00 20.52 ? 248 ILE A CD1 1 
ATOM   47  N  N   . THR A 1 8  ? 1.287   -10.703 2.085   1.00 14.51 ? 249 THR A N   1 
ATOM   48  C  CA  . THR A 1 8  ? 1.890   -9.720  3.020   1.00 14.33 ? 249 THR A CA  1 
ATOM   49  C  C   . THR A 1 8  ? 3.340   -9.462  2.596   1.00 14.44 ? 249 THR A C   1 
ATOM   50  O  O   . THR A 1 8  ? 4.078   -10.443 2.374   1.00 15.12 ? 249 THR A O   1 
ATOM   51  C  CB  . THR A 1 8  ? 1.779   -10.209 4.469   1.00 14.94 ? 249 THR A CB  1 
ATOM   52  O  OG1 . THR A 1 8  ? 0.388   -10.357 4.754   1.00 16.70 ? 249 THR A OG1 1 
ATOM   53  C  CG2 . THR A 1 8  ? 2.420   -9.267  5.465   1.00 15.34 ? 249 THR A CG2 1 
ATOM   54  N  N   . VAL A 1 9  ? 3.668   -8.192  2.354   1.00 13.97 ? 250 VAL A N   1 
ATOM   55  C  CA  . VAL A 1 9  ? 4.959   -7.736  1.760   1.00 14.67 ? 250 VAL A CA  1 
ATOM   56  C  C   . VAL A 1 9  ? 5.639   -6.805  2.769   1.00 14.43 ? 250 VAL A C   1 
ATOM   57  O  O   . VAL A 1 9  ? 5.009   -5.804  3.155   1.00 15.70 ? 250 VAL A O   1 
ATOM   58  C  CB  . VAL A 1 9  ? 4.718   -7.029  0.412   1.00 16.14 ? 250 VAL A CB  1 
ATOM   59  C  CG1 . VAL A 1 9  ? 5.956   -6.293  -0.076  1.00 17.25 ? 250 VAL A CG1 1 
ATOM   60  C  CG2 . VAL A 1 9  ? 4.212   -7.996  -0.647  1.00 16.81 ? 250 VAL A CG2 1 
ATOM   61  N  N   . THR A 1 10 ? 6.828   -7.176  3.252   1.00 14.74 ? 251 THR A N   1 
ATOM   62  C  CA  . THR A 1 10 ? 7.627   -6.321  4.170   1.00 14.96 ? 251 THR A CA  1 
ATOM   63  C  C   . THR A 1 10 ? 8.793   -5.698  3.396   1.00 14.52 ? 251 THR A C   1 
ATOM   64  O  O   . THR A 1 10 ? 9.639   -6.457  2.881   1.00 16.16 ? 251 THR A O   1 
ATOM   65  C  CB  . THR A 1 10 ? 8.111   -7.102  5.396   1.00 16.46 ? 251 THR A CB  1 
ATOM   66  O  OG1 . THR A 1 10 ? 6.966   -7.671  6.033   1.00 18.36 ? 251 THR A OG1 1 
ATOM   67  C  CG2 . THR A 1 10 ? 8.865   -6.232  6.379   1.00 17.03 ? 251 THR A CG2 1 
ATOM   68  N  N   . LEU A 1 11 ? 8.810   -4.365  3.321   1.00 14.23 ? 252 LEU A N   1 
ATOM   69  C  CA  . LEU A 1 11 ? 9.863   -3.558  2.651   1.00 14.52 ? 252 LEU A CA  1 
ATOM   70  C  C   . LEU A 1 11 ? 10.748  -2.910  3.722   1.00 14.79 ? 252 LEU A C   1 
ATOM   71  O  O   . LEU A 1 11 ? 10.202  -2.189  4.577   1.00 14.58 ? 252 LEU A O   1 
ATOM   72  C  CB  . LEU A 1 11 ? 9.188   -2.497  1.776   1.00 14.88 ? 252 LEU A CB  1 
ATOM   73  C  CG  . LEU A 1 11 ? 8.067   -3.009  0.872   1.00 15.28 ? 252 LEU A CG  1 
ATOM   74  C  CD1 . LEU A 1 11 ? 7.423   -1.865  0.104   1.00 15.82 ? 252 LEU A CD1 1 
ATOM   75  C  CD2 . LEU A 1 11 ? 8.584   -4.072  -0.085  1.00 15.41 ? 252 LEU A CD2 1 
ATOM   76  N  N   . ASN A 1 12 ? 12.062  -3.149  3.666   1.00 15.84 ? 253 ASN A N   1 
ATOM   77  C  CA  . ASN A 1 12 ? 13.025  -2.673  4.696   1.00 16.97 ? 253 ASN A CA  1 
ATOM   78  C  C   . ASN A 1 12 ? 13.340  -1.192  4.451   1.00 16.31 ? 253 ASN A C   1 
ATOM   79  O  O   . ASN A 1 12 ? 13.775  -0.522  5.405   1.00 18.29 ? 253 ASN A O   1 
ATOM   80  C  CB  . ASN A 1 12 ? 14.289  -3.538  4.742   1.00 18.82 ? 253 ASN A CB  1 
ATOM   81  C  CG  . ASN A 1 12 ? 15.078  -3.528  3.449   1.00 20.12 ? 253 ASN A CG  1 
ATOM   82  O  OD1 . ASN A 1 12 ? 15.234  -2.485  2.817   1.00 20.18 ? 253 ASN A OD1 1 
ATOM   83  N  ND2 . ASN A 1 12 ? 15.637  -4.670  3.085   1.00 23.65 ? 253 ASN A ND2 1 
ATOM   84  N  N   . MET A 1 13 ? 13.022  -0.682  3.255   1.00 15.10 ? 254 MET A N   1 
ATOM   85  C  CA  . MET A 1 13 ? 13.151  0.756   2.888   1.00 15.63 ? 254 MET A CA  1 
ATOM   86  C  C   . MET A 1 13 ? 14.594  1.227   3.116   1.00 16.85 ? 254 MET A C   1 
ATOM   87  O  O   . MET A 1 13 ? 14.777  2.422   3.424   1.00 19.82 ? 254 MET A O   1 
ATOM   88  C  CB  . MET A 1 13 ? 12.207  1.628   3.723   1.00 15.68 ? 254 MET A CB  1 
ATOM   89  C  CG  . MET A 1 13 ? 10.754  1.192   3.667   1.00 14.85 ? 254 MET A CG  1 
ATOM   90  S  SD  . MET A 1 13 ? 10.075  1.200   1.987   1.00 15.20 ? 254 MET A SD  1 
ATOM   91  C  CE  . MET A 1 13 ? 10.140  2.950   1.604   1.00 15.30 ? 254 MET A CE  1 
ATOM   92  N  N   . GLU A 1 14 ? 15.576  0.351   2.885   1.00 16.32 ? 255 GLU A N   1 
ATOM   93  C  CA  . GLU A 1 14 ? 17.020  0.661   3.074   1.00 17.37 ? 255 GLU A CA  1 
ATOM   94  C  C   . GLU A 1 14 ? 17.573  1.335   1.813   1.00 16.47 ? 255 GLU A C   1 
ATOM   95  O  O   . GLU A 1 14 ? 18.415  2.242   1.955   1.00 16.49 ? 255 GLU A O   1 
ATOM   96  C  CB  . GLU A 1 14 ? 17.801  -0.610  3.412   1.00 19.44 ? 255 GLU A CB  1 
ATOM   97  C  CG  . GLU A 1 14 ? 17.610  -1.066  4.846   1.00 21.92 ? 255 GLU A CG  1 
ATOM   98  C  CD  . GLU A 1 14 ? 18.341  -2.347  5.208   1.00 26.07 ? 255 GLU A CD  1 
ATOM   99  O  OE1 . GLU A 1 14 ? 19.129  -2.833  4.374   1.00 30.27 ? 255 GLU A OE1 1 
ATOM   100 O  OE2 . GLU A 1 14 ? 18.106  -2.864  6.317   1.00 31.78 ? 255 GLU A OE2 1 
ATOM   101 N  N   . LYS A 1 15 ? 17.113  0.910   0.630   1.00 17.08 ? 256 LYS A N   1 
ATOM   102 C  CA  . LYS A 1 15 ? 17.656  1.357   -0.683  1.00 17.59 ? 256 LYS A CA  1 
ATOM   103 C  C   . LYS A 1 15 ? 16.637  2.260   -1.390  1.00 16.54 ? 256 LYS A C   1 
ATOM   104 O  O   . LYS A 1 15 ? 16.884  2.616   -2.559  1.00 16.50 ? 256 LYS A O   1 
ATOM   105 C  CB  . LYS A 1 15 ? 17.989  0.156   -1.574  1.00 20.41 ? 256 LYS A CB  1 
ATOM   106 C  CG  . LYS A 1 15 ? 19.124  -0.733  -1.085  1.00 24.28 ? 256 LYS A CG  1 
ATOM   107 C  CD  . LYS A 1 15 ? 19.786  -1.517  -2.200  1.00 28.30 ? 256 LYS A CD  1 
ATOM   108 C  CE  . LYS A 1 15 ? 20.264  -2.887  -1.769  1.00 31.95 ? 256 LYS A CE  1 
ATOM   109 N  NZ  . LYS A 1 15 ? 21.311  -2.799  -0.724  1.00 35.10 ? 256 LYS A NZ  1 
ATOM   110 N  N   . TYR A 1 16 ? 15.483  2.499   -0.759  1.00 16.17 ? 257 TYR A N   1 
ATOM   111 C  CA  . TYR A 1 16 ? 14.365  3.309   -1.314  1.00 16.13 ? 257 TYR A CA  1 
ATOM   112 C  C   . TYR A 1 16 ? 13.787  4.201   -0.211  1.00 17.13 ? 257 TYR A C   1 
ATOM   113 O  O   . TYR A 1 16 ? 13.586  3.713   0.918   1.00 18.58 ? 257 TYR A O   1 
ATOM   114 C  CB  . TYR A 1 16 ? 13.287  2.402   -1.913  1.00 15.80 ? 257 TYR A CB  1 
ATOM   115 C  CG  . TYR A 1 16 ? 13.823  1.369   -2.870  1.00 16.40 ? 257 TYR A CG  1 
ATOM   116 C  CD1 . TYR A 1 16 ? 14.068  1.690   -4.194  1.00 16.90 ? 257 TYR A CD1 1 
ATOM   117 C  CD2 . TYR A 1 16 ? 14.226  0.124   -2.420  1.00 16.32 ? 257 TYR A CD2 1 
ATOM   118 C  CE1 . TYR A 1 16 ? 14.643  0.778   -5.063  1.00 18.30 ? 257 TYR A CE1 1 
ATOM   119 C  CE2 . TYR A 1 16 ? 14.807  -0.799  -3.273  1.00 17.72 ? 257 TYR A CE2 1 
ATOM   120 C  CZ  . TYR A 1 16 ? 15.014  -0.471  -4.601  1.00 17.91 ? 257 TYR A CZ  1 
ATOM   121 O  OH  . TYR A 1 16 ? 15.581  -1.374  -5.454  1.00 21.59 ? 257 TYR A OH  1 
ATOM   122 N  N   . ASN A 1 17 ? 13.477  5.453   -0.556  1.00 17.32 ? 258 ASN A N   1 
ATOM   123 C  CA  . ASN A 1 17 ? 12.878  6.452   0.369   1.00 18.83 ? 258 ASN A CA  1 
ATOM   124 C  C   . ASN A 1 17 ? 11.349  6.357   0.297   1.00 17.78 ? 258 ASN A C   1 
ATOM   125 O  O   . ASN A 1 17 ? 10.697  6.608   1.329   1.00 20.55 ? 258 ASN A O   1 
ATOM   126 C  CB  . ASN A 1 17 ? 13.362  7.869   0.060   1.00 21.51 ? 258 ASN A CB  1 
ATOM   127 C  CG  . ASN A 1 17 ? 13.123  8.830   1.205   1.00 25.83 ? 258 ASN A CG  1 
ATOM   128 O  OD1 . ASN A 1 17 ? 13.482  8.546   2.345   1.00 28.67 ? 258 ASN A OD1 1 
ATOM   129 N  ND2 . ASN A 1 17 ? 12.501  9.962   0.914   1.00 32.06 ? 258 ASN A ND2 1 
ATOM   130 N  N   . PHE A 1 18 ? 10.802  6.047   -0.884  1.00 15.97 ? 259 PHE A N   1 
ATOM   131 C  CA  . PHE A 1 18 ? 9.346   6.108   -1.178  1.00 14.87 ? 259 PHE A CA  1 
ATOM   132 C  C   . PHE A 1 18 ? 8.825   4.707   -1.518  1.00 13.44 ? 259 PHE A C   1 
ATOM   133 O  O   . PHE A 1 18 ? 9.578   3.899   -2.091  1.00 12.78 ? 259 PHE A O   1 
ATOM   134 C  CB  . PHE A 1 18 ? 9.070   7.086   -2.323  1.00 15.17 ? 259 PHE A CB  1 
ATOM   135 C  CG  . PHE A 1 18 ? 9.589   8.483   -2.090  1.00 17.12 ? 259 PHE A CG  1 
ATOM   136 C  CD1 . PHE A 1 18 ? 8.897   9.372   -1.282  1.00 19.43 ? 259 PHE A CD1 1 
ATOM   137 C  CD2 . PHE A 1 18 ? 10.775  8.904   -2.670  1.00 17.95 ? 259 PHE A CD2 1 
ATOM   138 C  CE1 . PHE A 1 18 ? 9.372   10.658  -1.076  1.00 20.95 ? 259 PHE A CE1 1 
ATOM   139 C  CE2 . PHE A 1 18 ? 11.248  10.190  -2.460  1.00 19.40 ? 259 PHE A CE2 1 
ATOM   140 C  CZ  . PHE A 1 18 ? 10.549  11.063  -1.660  1.00 20.46 ? 259 PHE A CZ  1 
ATOM   141 N  N   . LEU A 1 19 ? 7.544   4.460   -1.230  1.00 13.63 ? 260 LEU A N   1 
ATOM   142 C  CA  . LEU A 1 19 ? 6.794   3.277   -1.729  1.00 14.09 ? 260 LEU A CA  1 
ATOM   143 C  C   . LEU A 1 19 ? 6.679   3.363   -3.255  1.00 13.55 ? 260 LEU A C   1 
ATOM   144 O  O   . LEU A 1 19 ? 6.938   2.344   -3.927  1.00 13.85 ? 260 LEU A O   1 
ATOM   145 C  CB  . LEU A 1 19 ? 5.413   3.239   -1.069  1.00 14.46 ? 260 LEU A CB  1 
ATOM   146 C  CG  . LEU A 1 19 ? 5.410   2.957   0.433   1.00 15.14 ? 260 LEU A CG  1 
ATOM   147 C  CD1 . LEU A 1 19 ? 4.006   3.081   1.003   1.00 15.83 ? 260 LEU A CD1 1 
ATOM   148 C  CD2 . LEU A 1 19 ? 5.987   1.582   0.733   1.00 14.92 ? 260 LEU A CD2 1 
ATOM   149 N  N   . GLY A 1 20 ? 6.377   4.558   -3.771  1.00 14.01 ? 261 GLY A N   1 
ATOM   150 C  CA  . GLY A 1 20 ? 6.161   4.818   -5.207  1.00 14.13 ? 261 GLY A CA  1 
ATOM   151 C  C   . GLY A 1 20 ? 4.823   4.278   -5.681  1.00 14.72 ? 261 GLY A C   1 
ATOM   152 O  O   . GLY A 1 20 ? 4.802   3.564   -6.703  1.00 15.66 ? 261 GLY A O   1 
ATOM   153 N  N   . ILE A 1 21 ? 3.749   4.564   -4.939  1.00 15.51 ? 262 ILE A N   1 
ATOM   154 C  CA  . ILE A 1 21 ? 2.357   4.152   -5.292  1.00 15.72 ? 262 ILE A CA  1 
ATOM   155 C  C   . ILE A 1 21 ? 1.439   5.377   -5.242  1.00 16.90 ? 262 ILE A C   1 
ATOM   156 O  O   . ILE A 1 21 ? 1.724   6.308   -4.461  1.00 18.37 ? 262 ILE A O   1 
ATOM   157 C  CB  . ILE A 1 21 ? 1.857   3.024   -4.367  1.00 15.70 ? 262 ILE A CB  1 
ATOM   158 C  CG1 . ILE A 1 21 ? 1.749   3.480   -2.910  1.00 15.93 ? 262 ILE A CG1 1 
ATOM   159 C  CG2 . ILE A 1 21 ? 2.731   1.787   -4.510  1.00 15.87 ? 262 ILE A CG2 1 
ATOM   160 C  CD1 . ILE A 1 21 ? 1.067   2.481   -2.004  1.00 15.84 ? 262 ILE A CD1 1 
ATOM   161 N  N   . SER A 1 22 ? 0.418   5.390   -6.102  1.00 17.87 ? 263 SER A N   1 
ATOM   162 C  CA  . SER A 1 22 ? -0.854  6.126   -5.888  1.00 19.57 ? 263 SER A CA  1 
ATOM   163 C  C   . SER A 1 22 ? -1.950  5.132   -5.484  1.00 19.35 ? 263 SER A C   1 
ATOM   164 O  O   . SER A 1 22 ? -1.787  3.928   -5.765  1.00 18.75 ? 263 SER A O   1 
ATOM   165 C  CB  . SER A 1 22 ? -1.240  6.905   -7.118  1.00 21.15 ? 263 SER A CB  1 
ATOM   166 O  OG  . SER A 1 22 ? -1.858  6.060   -8.079  1.00 23.76 ? 263 SER A OG  1 
ATOM   167 N  N   . ILE A 1 23 ? -2.981  5.609   -4.784  1.00 20.23 ? 264 ILE A N   1 
ATOM   168 C  CA  . ILE A 1 23 ? -4.136  4.774   -4.338  1.00 20.85 ? 264 ILE A CA  1 
ATOM   169 C  C   . ILE A 1 23 ? -5.432  5.390   -4.874  1.00 22.12 ? 264 ILE A C   1 
ATOM   170 O  O   . ILE A 1 23 ? -5.480  6.625   -5.042  1.00 22.85 ? 264 ILE A O   1 
ATOM   171 C  CB  . ILE A 1 23 ? -4.153  4.626   -2.804  1.00 21.76 ? 264 ILE A CB  1 
ATOM   172 C  CG1 . ILE A 1 23 ? -4.190  5.985   -2.099  1.00 22.85 ? 264 ILE A CG1 1 
ATOM   173 C  CG2 . ILE A 1 23 ? -2.979  3.779   -2.337  1.00 21.35 ? 264 ILE A CG2 1 
ATOM   174 C  CD1 . ILE A 1 23 ? -4.545  5.902   -0.633  1.00 24.34 ? 264 ILE A CD1 1 
ATOM   175 N  N   . VAL A 1 24 ? -6.401  4.537   -5.219  1.00 22.43 ? 265 VAL A N   1 
ATOM   176 C  CA  . VAL A 1 24 ? -7.710  4.935   -5.819  1.00 24.94 ? 265 VAL A CA  1 
ATOM   177 C  C   . VAL A 1 24 ? -8.836  4.294   -5.001  1.00 24.72 ? 265 VAL A C   1 
ATOM   178 O  O   . VAL A 1 24 ? -8.610  3.210   -4.426  1.00 23.75 ? 265 VAL A O   1 
ATOM   179 C  CB  . VAL A 1 24 ? -7.793  4.534   -7.304  1.00 27.35 ? 265 VAL A CB  1 
ATOM   180 C  CG1 . VAL A 1 24 ? -6.703  5.203   -8.129  1.00 28.50 ? 265 VAL A CG1 1 
ATOM   181 C  CG2 . VAL A 1 24 ? -7.754  3.025   -7.489  1.00 27.39 ? 265 VAL A CG2 1 
ATOM   182 N  N   . GLY A 1 25 ? -9.993  4.959   -4.945  1.00 26.12 ? 266 GLY A N   1 
ATOM   183 C  CA  . GLY A 1 25 ? -11.204 4.463   -4.263  1.00 27.88 ? 266 GLY A CA  1 
ATOM   184 C  C   . GLY A 1 25 ? -11.253 4.907   -2.812  1.00 28.45 ? 266 GLY A C   1 
ATOM   185 O  O   . GLY A 1 25 ? -10.287 5.548   -2.353  1.00 27.80 ? 266 GLY A O   1 
ATOM   186 N  N   . GLN A 1 26 ? -12.361 4.607   -2.131  1.00 31.18 ? 267 GLN A N   1 
ATOM   187 C  CA  . GLN A 1 26 ? -12.592 4.922   -0.696  1.00 32.51 ? 267 GLN A CA  1 
ATOM   188 C  C   . GLN A 1 26 ? -13.325 3.742   -0.049  1.00 33.55 ? 267 GLN A C   1 
ATOM   189 O  O   . GLN A 1 26 ? -13.853 2.896   -0.796  1.00 33.62 ? 267 GLN A O   1 
ATOM   190 C  CB  . GLN A 1 26 ? -13.391 6.220   -0.562  1.00 36.38 ? 267 GLN A CB  1 
ATOM   191 C  CG  . GLN A 1 26 ? -14.710 6.208   -1.322  1.00 39.74 ? 267 GLN A CG  1 
ATOM   192 C  CD  . GLN A 1 26 ? -14.616 6.913   -2.654  1.00 43.31 ? 267 GLN A CD  1 
ATOM   193 O  OE1 . GLN A 1 26 ? -13.820 6.548   -3.517  1.00 46.72 ? 267 GLN A OE1 1 
ATOM   194 N  NE2 . GLN A 1 26 ? -15.447 7.926   -2.835  1.00 49.76 ? 267 GLN A NE2 1 
ATOM   195 N  N   . SER A 1 27 ? -13.292 3.659   1.284   1.00 34.16 ? 268 SER A N   1 
ATOM   196 C  CA  . SER A 1 27 ? -13.861 2.527   2.060   1.00 35.44 ? 268 SER A CA  1 
ATOM   197 C  C   . SER A 1 27 ? -14.818 3.056   3.135   1.00 38.12 ? 268 SER A C   1 
ATOM   198 O  O   . SER A 1 27 ? -15.263 2.251   3.976   1.00 39.04 ? 268 SER A O   1 
ATOM   199 C  CB  . SER A 1 27 ? -12.766 1.687   2.665   1.00 34.62 ? 268 SER A CB  1 
ATOM   200 O  OG  . SER A 1 27 ? -11.865 2.493   3.410   1.00 34.68 ? 268 SER A OG  1 
ATOM   201 N  N   . ASN A 1 28 ? -15.154 4.349   3.073   1.00 42.30 ? 269 ASN A N   1 
ATOM   202 C  CA  . ASN A 1 28 ? -16.075 5.026   4.024   1.00 47.53 ? 269 ASN A CA  1 
ATOM   203 C  C   . ASN A 1 28 ? -17.381 5.376   3.301   1.00 52.35 ? 269 ASN A C   1 
ATOM   204 O  O   . ASN A 1 28 ? -18.169 6.169   3.855   1.00 57.10 ? 269 ASN A O   1 
ATOM   205 C  CB  . ASN A 1 28 ? -15.428 6.264   4.653   1.00 47.80 ? 269 ASN A CB  1 
ATOM   206 C  CG  . ASN A 1 28 ? -15.413 7.464   3.730   1.00 49.36 ? 269 ASN A CG  1 
ATOM   207 O  OD1 . ASN A 1 28 ? -15.207 7.326   2.526   1.00 47.90 ? 269 ASN A OD1 1 
ATOM   208 N  ND2 . ASN A 1 28 ? -15.607 8.648   4.288   1.00 51.70 ? 269 ASN A ND2 1 
ATOM   209 N  N   . GLU A 1 29 ? -17.628 4.747   2.147   1.00 57.21 ? 270 GLU A N   1 
ATOM   210 C  CA  . GLU A 1 29 ? -18.891 4.846   1.377   1.00 59.33 ? 270 GLU A CA  1 
ATOM   211 C  C   . GLU A 1 29 ? -19.950 3.936   2.007   1.00 61.26 ? 270 GLU A C   1 
ATOM   212 O  O   . GLU A 1 29 ? -19.693 2.716   2.060   1.00 62.13 ? 270 GLU A O   1 
ATOM   213 C  CB  . GLU A 1 29 ? -18.644 4.487   -0.068  1.00 60.20 ? 270 GLU A CB  1 
ATOM   214 N  N   . GLY A 1 34 ? -13.629 -0.341  -1.745  1.00 33.03 ? 275 GLY A N   1 
ATOM   215 C  CA  . GLY A 1 34 ? -12.369 -0.359  -0.978  1.00 30.36 ? 275 GLY A CA  1 
ATOM   216 C  C   . GLY A 1 34 ? -11.308 0.524   -1.614  1.00 28.12 ? 275 GLY A C   1 
ATOM   217 O  O   . GLY A 1 34 ? -11.623 1.204   -2.610  1.00 28.19 ? 275 GLY A O   1 
ATOM   218 N  N   . ILE A 1 35 ? -10.094 0.515   -1.054  1.00 24.74 ? 276 ILE A N   1 
ATOM   219 C  CA  . ILE A 1 35 ? -8.931  1.318   -1.539  1.00 23.28 ? 276 ILE A CA  1 
ATOM   220 C  C   . ILE A 1 35 ? -7.965  0.385   -2.277  1.00 20.85 ? 276 ILE A C   1 
ATOM   221 O  O   . ILE A 1 35 ? -7.637  -0.685  -1.725  1.00 20.33 ? 276 ILE A O   1 
ATOM   222 C  CB  . ILE A 1 35 ? -8.248  2.052   -0.368  1.00 25.16 ? 276 ILE A CB  1 
ATOM   223 C  CG1 . ILE A 1 35 ? -9.169  3.111   0.243   1.00 27.25 ? 276 ILE A CG1 1 
ATOM   224 C  CG2 . ILE A 1 35 ? -6.915  2.643   -0.802  1.00 24.89 ? 276 ILE A CG2 1 
ATOM   225 C  CD1 . ILE A 1 35 ? -8.657  3.703   1.534   1.00 28.75 ? 276 ILE A CD1 1 
ATOM   226 N  N   . TYR A 1 36 ? -7.579  0.754   -3.502  1.00 19.68 ? 277 TYR A N   1 
ATOM   227 C  CA  . TYR A 1 36 ? -6.760  -0.075  -4.422  1.00 18.73 ? 277 TYR A CA  1 
ATOM   228 C  C   . TYR A 1 36 ? -5.460  0.662   -4.761  1.00 17.77 ? 277 TYR A C   1 
ATOM   229 O  O   . TYR A 1 36 ? -5.446  1.908   -4.739  1.00 18.46 ? 277 TYR A O   1 
ATOM   230 C  CB  . TYR A 1 36 ? -7.542  -0.404  -5.696  1.00 20.14 ? 277 TYR A CB  1 
ATOM   231 C  CG  . TYR A 1 36 ? -8.867  -1.082  -5.460  1.00 21.87 ? 277 TYR A CG  1 
ATOM   232 C  CD1 . TYR A 1 36 ? -10.007 -0.345  -5.183  1.00 23.82 ? 277 TYR A CD1 1 
ATOM   233 C  CD2 . TYR A 1 36 ? -8.983  -2.461  -5.501  1.00 23.20 ? 277 TYR A CD2 1 
ATOM   234 C  CE1 . TYR A 1 36 ? -11.227 -0.959  -4.957  1.00 26.10 ? 277 TYR A CE1 1 
ATOM   235 C  CE2 . TYR A 1 36 ? -10.196 -3.091  -5.282  1.00 25.06 ? 277 TYR A CE2 1 
ATOM   236 C  CZ  . TYR A 1 36 ? -11.322 -2.337  -5.004  1.00 26.78 ? 277 TYR A CZ  1 
ATOM   237 O  OH  . TYR A 1 36 ? -12.523 -2.950  -4.791  1.00 30.10 ? 277 TYR A OH  1 
ATOM   238 N  N   . ILE A 1 37 ? -4.411  -0.099  -5.078  1.00 17.16 ? 278 ILE A N   1 
ATOM   239 C  CA  . ILE A 1 37 ? -3.179  0.410   -5.751  1.00 17.50 ? 278 ILE A CA  1 
ATOM   240 C  C   . ILE A 1 37 ? -3.564  0.912   -7.148  1.00 18.32 ? 278 ILE A C   1 
ATOM   241 O  O   . ILE A 1 37 ? -4.164  0.130   -7.910  1.00 18.73 ? 278 ILE A O   1 
ATOM   242 C  CB  . ILE A 1 37 ? -2.097  -0.686  -5.815  1.00 17.20 ? 278 ILE A CB  1 
ATOM   243 C  CG1 . ILE A 1 37 ? -1.852  -1.329  -4.447  1.00 17.18 ? 278 ILE A CG1 1 
ATOM   244 C  CG2 . ILE A 1 37 ? -0.813  -0.140  -6.422  1.00 17.27 ? 278 ILE A CG2 1 
ATOM   245 C  CD1 . ILE A 1 37 ? -1.419  -0.356  -3.374  1.00 17.97 ? 278 ILE A CD1 1 
ATOM   246 N  N   . GLY A 1 38 ? -3.270  2.182   -7.443  1.00 19.77 ? 279 GLY A N   1 
ATOM   247 C  CA  . GLY A 1 38 ? -3.582  2.825   -8.735  1.00 21.54 ? 279 GLY A CA  1 
ATOM   248 C  C   . GLY A 1 38 ? -2.399  2.780   -9.688  1.00 23.51 ? 279 GLY A C   1 
ATOM   249 O  O   . GLY A 1 38 ? -2.520  2.125   -10.744 1.00 28.14 ? 279 GLY A O   1 
ATOM   250 N  N   . SER A 1 39 ? -1.374  3.592   -9.411  1.00 21.57 ? 280 SER A N   1 
ATOM   251 C  CA  . SER A 1 39 ? -0.085  3.629   -10.154 1.00 20.19 ? 280 SER A CA  1 
ATOM   252 C  C   . SER A 1 39 ? 1.015   3.004   -9.290  1.00 18.48 ? 280 SER A C   1 
ATOM   253 O  O   . SER A 1 39 ? 0.960   3.174   -8.058  1.00 19.73 ? 280 SER A O   1 
ATOM   254 C  CB  . SER A 1 39 ? 0.273   5.044   -10.544 1.00 21.53 ? 280 SER A CB  1 
ATOM   255 O  OG  . SER A 1 39 ? -0.648  5.566   -11.491 1.00 23.18 ? 280 SER A OG  1 
ATOM   256 N  N   . ILE A 1 40 ? 2.012   2.375   -9.920  1.00 15.63 ? 281 ILE A N   1 
ATOM   257 C  CA  . ILE A 1 40 ? 3.304   1.997   -9.271  1.00 14.92 ? 281 ILE A CA  1 
ATOM   258 C  C   . ILE A 1 40 ? 4.455   2.611   -10.074 1.00 14.86 ? 281 ILE A C   1 
ATOM   259 O  O   . ILE A 1 40 ? 4.634   2.227   -11.245 1.00 15.83 ? 281 ILE A O   1 
ATOM   260 C  CB  . ILE A 1 40 ? 3.446   0.467   -9.145  1.00 15.37 ? 281 ILE A CB  1 
ATOM   261 C  CG1 . ILE A 1 40 ? 2.271   -0.150  -8.383  1.00 16.08 ? 281 ILE A CG1 1 
ATOM   262 C  CG2 . ILE A 1 40 ? 4.781   0.105   -8.510  1.00 15.78 ? 281 ILE A CG2 1 
ATOM   263 C  CD1 . ILE A 1 40 ? 2.378   -1.646  -8.191  1.00 16.49 ? 281 ILE A CD1 1 
ATOM   264 N  N   . MET A 1 41 ? 5.214   3.516   -9.451  1.00 14.88 ? 282 MET A N   1 
ATOM   265 C  CA  . MET A 1 41 ? 6.367   4.210   -10.082 1.00 16.02 ? 282 MET A CA  1 
ATOM   266 C  C   . MET A 1 41 ? 7.600   3.304   -10.017 1.00 15.77 ? 282 MET A C   1 
ATOM   267 O  O   . MET A 1 41 ? 7.715   2.525   -9.053  1.00 16.06 ? 282 MET A O   1 
ATOM   268 C  CB  . MET A 1 41 ? 6.659   5.536   -9.375  1.00 16.86 ? 282 MET A CB  1 
ATOM   269 C  CG  . MET A 1 41 ? 5.619   6.599   -9.660  1.00 19.47 ? 282 MET A CG  1 
ATOM   270 S  SD  . MET A 1 41 ? 6.086   8.216   -9.004  1.00 24.46 ? 282 MET A SD  1 
ATOM   271 C  CE  . MET A 1 41 ? 5.681   7.994   -7.273  1.00 23.96 ? 282 MET A CE  1 
ATOM   272 N  N   . LYS A 1 42 ? 8.464   3.380   -11.031 1.00 16.06 ? 283 LYS A N   1 
ATOM   273 C  CA  . LYS A 1 42 ? 9.448   2.312   -11.354 1.00 17.13 ? 283 LYS A CA  1 
ATOM   274 C  C   . LYS A 1 42 ? 10.619  2.372   -10.366 1.00 16.01 ? 283 LYS A C   1 
ATOM   275 O  O   . LYS A 1 42 ? 11.305  1.343   -10.215 1.00 16.35 ? 283 LYS A O   1 
ATOM   276 C  CB  . LYS A 1 42 ? 9.912   2.451   -12.806 1.00 19.06 ? 283 LYS A CB  1 
ATOM   277 C  CG  . LYS A 1 42 ? 8.824   2.189   -13.837 1.00 21.40 ? 283 LYS A CG  1 
ATOM   278 C  CD  . LYS A 1 42 ? 9.335   1.999   -15.247 1.00 24.57 ? 283 LYS A CD  1 
ATOM   279 C  CE  . LYS A 1 42 ? 8.228   1.650   -16.219 1.00 27.60 ? 283 LYS A CE  1 
ATOM   280 N  NZ  . LYS A 1 42 ? 8.690   0.707   -17.264 1.00 32.68 ? 283 LYS A NZ  1 
ATOM   281 N  N   . GLY A 1 43 ? 10.761  3.487   -9.639  1.00 15.32 ? 284 GLY A N   1 
ATOM   282 C  CA  . GLY A 1 43 ? 11.971  3.809   -8.859  1.00 14.83 ? 284 GLY A CA  1 
ATOM   283 C  C   . GLY A 1 43 ? 11.801  3.536   -7.372  1.00 14.32 ? 284 GLY A C   1 
ATOM   284 O  O   . GLY A 1 43 ? 12.789  3.710   -6.629  1.00 14.31 ? 284 GLY A O   1 
ATOM   285 N  N   . GLY A 1 44 ? 10.616  3.080   -6.954  1.00 13.74 ? 285 GLY A N   1 
ATOM   286 C  CA  . GLY A 1 44 ? 10.214  3.002   -5.534  1.00 13.32 ? 285 GLY A CA  1 
ATOM   287 C  C   . GLY A 1 44 ? 10.368  1.600   -4.965  1.00 12.56 ? 285 GLY A C   1 
ATOM   288 O  O   . GLY A 1 44 ? 10.731  0.682   -5.727  1.00 12.27 ? 285 GLY A O   1 
ATOM   289 N  N   . ALA A 1 45 ? 10.080  1.434   -3.672  1.00 12.45 ? 286 ALA A N   1 
ATOM   290 C  CA  . ALA A 1 45 ? 10.269  0.173   -2.916  1.00 12.38 ? 286 ALA A CA  1 
ATOM   291 C  C   . ALA A 1 45 ? 9.293   -0.893  -3.432  1.00 12.63 ? 286 ALA A C   1 
ATOM   292 O  O   . ALA A 1 45 ? 9.676   -2.079  -3.471  1.00 13.50 ? 286 ALA A O   1 
ATOM   293 C  CB  . ALA A 1 45 ? 10.087  0.423   -1.440  1.00 12.36 ? 286 ALA A CB  1 
ATOM   294 N  N   . VAL A 1 46 ? 8.074   -0.488  -3.799  1.00 12.63 ? 287 VAL A N   1 
ATOM   295 C  CA  . VAL A 1 46 ? 6.978   -1.433  -4.170  1.00 13.05 ? 287 VAL A CA  1 
ATOM   296 C  C   . VAL A 1 46 ? 7.319   -2.077  -5.519  1.00 13.36 ? 287 VAL A C   1 
ATOM   297 O  O   . VAL A 1 46 ? 7.196   -3.312  -5.627  1.00 14.14 ? 287 VAL A O   1 
ATOM   298 C  CB  . VAL A 1 46 ? 5.604   -0.737  -4.197  1.00 13.22 ? 287 VAL A CB  1 
ATOM   299 C  CG1 . VAL A 1 46 ? 4.541   -1.619  -4.835  1.00 13.75 ? 287 VAL A CG1 1 
ATOM   300 C  CG2 . VAL A 1 46 ? 5.169   -0.304  -2.805  1.00 13.60 ? 287 VAL A CG2 1 
ATOM   301 N  N   . ALA A 1 47 ? 7.828   -1.287  -6.470  1.00 13.45 ? 288 ALA A N   1 
ATOM   302 C  CA  . ALA A 1 47 ? 8.277   -1.753  -7.803  1.00 14.14 ? 288 ALA A CA  1 
ATOM   303 C  C   . ALA A 1 47 ? 9.465   -2.710  -7.643  1.00 14.48 ? 288 ALA A C   1 
ATOM   304 O  O   . ALA A 1 47 ? 9.476   -3.762  -8.314  1.00 16.04 ? 288 ALA A O   1 
ATOM   305 C  CB  . ALA A 1 47 ? 8.632   -0.572  -8.673  1.00 14.29 ? 288 ALA A CB  1 
ATOM   306 N  N   . ALA A 1 48 ? 10.432  -2.350  -6.794  1.00 14.10 ? 289 ALA A N   1 
ATOM   307 C  CA  . ALA A 1 48 ? 11.665  -3.136  -6.546  1.00 15.29 ? 289 ALA A CA  1 
ATOM   308 C  C   . ALA A 1 48 ? 11.287  -4.538  -6.057  1.00 15.61 ? 289 ALA A C   1 
ATOM   309 O  O   . ALA A 1 48 ? 11.917  -5.516  -6.509  1.00 17.31 ? 289 ALA A O   1 
ATOM   310 C  CB  . ALA A 1 48 ? 12.542  -2.422  -5.548  1.00 15.59 ? 289 ALA A CB  1 
ATOM   311 N  N   . ASP A 1 49 ? 10.293  -4.622  -5.169  1.00 15.27 ? 290 ASP A N   1 
ATOM   312 C  CA  . ASP A 1 49 ? 9.808   -5.892  -4.566  1.00 16.26 ? 290 ASP A CA  1 
ATOM   313 C  C   . ASP A 1 49 ? 9.062   -6.701  -5.635  1.00 16.81 ? 290 ASP A C   1 
ATOM   314 O  O   . ASP A 1 49 ? 9.317   -7.916  -5.740  1.00 18.45 ? 290 ASP A O   1 
ATOM   315 C  CB  . ASP A 1 49 ? 8.922   -5.617  -3.349  1.00 16.14 ? 290 ASP A CB  1 
ATOM   316 C  CG  . ASP A 1 49 ? 8.293   -6.870  -2.768  1.00 17.04 ? 290 ASP A CG  1 
ATOM   317 O  OD1 . ASP A 1 49 ? 8.954   -7.519  -1.932  1.00 19.72 ? 290 ASP A OD1 1 
ATOM   318 O  OD2 . ASP A 1 49 ? 7.174   -7.213  -3.198  1.00 17.05 ? 290 ASP A OD2 1 
ATOM   319 N  N   . GLY A 1 50 ? 8.110   -6.064  -6.326  1.00 16.56 ? 291 GLY A N   1 
ATOM   320 C  CA  . GLY A 1 50 ? 7.554   -6.540  -7.607  1.00 17.26 ? 291 GLY A CA  1 
ATOM   321 C  C   . GLY A 1 50 ? 6.294   -7.372  -7.426  1.00 17.92 ? 291 GLY A C   1 
ATOM   322 O  O   . GLY A 1 50 ? 5.692   -7.750  -8.450  1.00 20.09 ? 291 GLY A O   1 
ATOM   323 N  N   . ARG A 1 51 ? 5.901   -7.654  -6.179  1.00 17.56 ? 292 ARG A N   1 
ATOM   324 C  CA  . ARG A 1 51 ? 4.797   -8.602  -5.865  1.00 18.10 ? 292 ARG A CA  1 
ATOM   325 C  C   . ARG A 1 51 ? 3.447   -7.879  -5.954  1.00 17.68 ? 292 ARG A C   1 
ATOM   326 O  O   . ARG A 1 51 ? 2.468   -8.514  -6.389  1.00 19.49 ? 292 ARG A O   1 
ATOM   327 C  CB  . ARG A 1 51 ? 4.999   -9.228  -4.482  1.00 19.17 ? 292 ARG A CB  1 
ATOM   328 C  CG  . ARG A 1 51 ? 6.057   -10.323 -4.450  1.00 20.70 ? 292 ARG A CG  1 
ATOM   329 C  CD  . ARG A 1 51 ? 6.244   -10.906 -3.064  1.00 22.51 ? 292 ARG A CD  1 
ATOM   330 N  NE  . ARG A 1 51 ? 6.959   -10.001 -2.177  1.00 22.89 ? 292 ARG A NE  1 
ATOM   331 C  CZ  . ARG A 1 51 ? 7.297   -10.284 -0.924  1.00 24.40 ? 292 ARG A CZ  1 
ATOM   332 N  NH1 . ARG A 1 51 ? 6.978   -11.455 -0.400  1.00 26.35 ? 292 ARG A NH1 1 
ATOM   333 N  NH2 . ARG A 1 51 ? 7.950   -9.394  -0.198  1.00 24.89 ? 292 ARG A NH2 1 
ATOM   334 N  N   . ILE A 1 52 ? 3.389   -6.620  -5.507  1.00 16.65 ? 293 ILE A N   1 
ATOM   335 C  CA  . ILE A 1 52 ? 2.152   -5.783  -5.526  1.00 16.68 ? 293 ILE A CA  1 
ATOM   336 C  C   . ILE A 1 52 ? 1.982   -5.185  -6.927  1.00 17.21 ? 293 ILE A C   1 
ATOM   337 O  O   . ILE A 1 52 ? 2.999   -4.789  -7.530  1.00 17.67 ? 293 ILE A O   1 
ATOM   338 C  CB  . ILE A 1 52 ? 2.201   -4.697  -4.433  1.00 16.64 ? 293 ILE A CB  1 
ATOM   339 C  CG1 . ILE A 1 52 ? 2.242   -5.312  -3.031  1.00 17.23 ? 293 ILE A CG1 1 
ATOM   340 C  CG2 . ILE A 1 52 ? 1.043   -3.722  -4.586  1.00 16.88 ? 293 ILE A CG2 1 
ATOM   341 C  CD1 . ILE A 1 52 ? 2.579   -4.328  -1.936  1.00 17.91 ? 293 ILE A CD1 1 
ATOM   342 N  N   . GLU A 1 53 ? 0.753   -5.207  -7.450  1.00 17.26 ? 294 GLU A N   1 
ATOM   343 C  CA  . GLU A 1 53 ? 0.415   -4.759  -8.828  1.00 18.61 ? 294 GLU A CA  1 
ATOM   344 C  C   . GLU A 1 53 ? -0.745  -3.770  -8.766  1.00 18.13 ? 294 GLU A C   1 
ATOM   345 O  O   . GLU A 1 53 ? -1.561  -3.820  -7.849  1.00 17.14 ? 294 GLU A O   1 
ATOM   346 C  CB  . GLU A 1 53 ? 0.058   -5.961  -9.706  1.00 21.09 ? 294 GLU A CB  1 
ATOM   347 C  CG  . GLU A 1 53 ? 1.224   -6.896  -9.961  1.00 23.45 ? 294 GLU A CG  1 
ATOM   348 C  CD  . GLU A 1 53 ? 0.839   -8.217  -10.605 1.00 27.09 ? 294 GLU A CD  1 
ATOM   349 O  OE1 . GLU A 1 53 ? 0.148   -9.017  -9.943  1.00 29.15 ? 294 GLU A OE1 1 
ATOM   350 O  OE2 . GLU A 1 53 ? 1.208   -8.430  -11.777 1.00 32.12 ? 294 GLU A OE2 1 
ATOM   351 N  N   . PRO A 1 54 ? -0.885  -2.877  -9.769  1.00 18.46 ? 295 PRO A N   1 
ATOM   352 C  CA  . PRO A 1 54 ? -2.046  -1.992  -9.850  1.00 18.74 ? 295 PRO A CA  1 
ATOM   353 C  C   . PRO A 1 54 ? -3.355  -2.795  -9.820  1.00 18.90 ? 295 PRO A C   1 
ATOM   354 O  O   . PRO A 1 54 ? -3.412  -3.836  -10.455 1.00 20.10 ? 295 PRO A O   1 
ATOM   355 C  CB  . PRO A 1 54 ? -1.872  -1.264  -11.192 1.00 19.81 ? 295 PRO A CB  1 
ATOM   356 C  CG  . PRO A 1 54 ? -0.393  -1.393  -11.501 1.00 20.01 ? 295 PRO A CG  1 
ATOM   357 C  CD  . PRO A 1 54 ? 0.012   -2.734  -10.925 1.00 19.38 ? 295 PRO A CD  1 
ATOM   358 N  N   . GLY A 1 55 ? -4.319  -2.354  -9.007  1.00 18.71 ? 296 GLY A N   1 
ATOM   359 C  CA  . GLY A 1 55 ? -5.654  -2.971  -8.891  1.00 20.47 ? 296 GLY A CA  1 
ATOM   360 C  C   . GLY A 1 55 ? -5.747  -3.908  -7.699  1.00 20.21 ? 296 GLY A C   1 
ATOM   361 O  O   . GLY A 1 55 ? -6.874  -4.325  -7.365  1.00 21.26 ? 296 GLY A O   1 
ATOM   362 N  N   . ASP A 1 56 ? -4.610  -4.228  -7.074  1.00 19.00 ? 297 ASP A N   1 
ATOM   363 C  CA  . ASP A 1 56 ? -4.574  -4.937  -5.766  1.00 18.43 ? 297 ASP A CA  1 
ATOM   364 C  C   . ASP A 1 56 ? -5.287  -4.069  -4.723  1.00 17.77 ? 297 ASP A C   1 
ATOM   365 O  O   . ASP A 1 56 ? -5.135  -2.835  -4.783  1.00 17.90 ? 297 ASP A O   1 
ATOM   366 C  CB  . ASP A 1 56 ? -3.139  -5.254  -5.337  1.00 17.91 ? 297 ASP A CB  1 
ATOM   367 C  CG  . ASP A 1 56 ? -2.478  -6.353  -6.151  1.00 18.33 ? 297 ASP A CG  1 
ATOM   368 O  OD1 . ASP A 1 56 ? -3.170  -6.959  -6.993  1.00 19.74 ? 297 ASP A OD1 1 
ATOM   369 O  OD2 . ASP A 1 56 ? -1.272  -6.589  -5.939  1.00 19.36 ? 297 ASP A OD2 1 
ATOM   370 N  N   . MET A 1 57 ? -6.099  -4.688  -3.861  1.00 18.26 ? 298 MET A N   1 
ATOM   371 C  CA  . MET A 1 57 ? -6.840  -3.990  -2.778  1.00 18.52 ? 298 MET A CA  1 
ATOM   372 C  C   . MET A 1 57 ? -5.948  -3.894  -1.536  1.00 17.67 ? 298 MET A C   1 
ATOM   373 O  O   . MET A 1 57 ? -5.430  -4.938  -1.097  1.00 17.79 ? 298 MET A O   1 
ATOM   374 C  CB  . MET A 1 57 ? -8.133  -4.728  -2.421  1.00 20.36 ? 298 MET A CB  1 
ATOM   375 C  CG  . MET A 1 57 ? -9.024  -3.947  -1.475  1.00 23.41 ? 298 MET A CG  1 
ATOM   376 S  SD  . MET A 1 57 ? -10.510 -4.864  -0.999  1.00 30.61 ? 298 MET A SD  1 
ATOM   377 C  CE  . MET A 1 57 ? -11.329 -5.008  -2.586  1.00 31.31 ? 298 MET A CE  1 
ATOM   378 N  N   . LEU A 1 58 ? -5.772  -2.678  -1.010  1.00 17.24 ? 299 LEU A N   1 
ATOM   379 C  CA  . LEU A 1 58 ? -4.936  -2.389  0.187   1.00 17.62 ? 299 LEU A CA  1 
ATOM   380 C  C   . LEU A 1 58 ? -5.765  -2.625  1.454   1.00 17.97 ? 299 LEU A C   1 
ATOM   381 O  O   . LEU A 1 58 ? -6.744  -1.885  1.666   1.00 20.36 ? 299 LEU A O   1 
ATOM   382 C  CB  . LEU A 1 58 ? -4.446  -0.940  0.105   1.00 18.82 ? 299 LEU A CB  1 
ATOM   383 C  CG  . LEU A 1 58 ? -3.342  -0.562  1.092   1.00 20.11 ? 299 LEU A CG  1 
ATOM   384 C  CD1 . LEU A 1 58 ? -2.114  -1.438  0.897   1.00 19.61 ? 299 LEU A CD1 1 
ATOM   385 C  CD2 . LEU A 1 58 ? -2.978  0.908   0.955   1.00 21.88 ? 299 LEU A CD2 1 
ATOM   386 N  N   . LEU A 1 59 ? -5.366  -3.605  2.272   1.00 17.12 ? 300 LEU A N   1 
ATOM   387 C  CA  . LEU A 1 59 ? -6.115  -4.039  3.483   1.00 17.45 ? 300 LEU A CA  1 
ATOM   388 C  C   . LEU A 1 59 ? -5.501  -3.389  4.727   1.00 16.91 ? 300 LEU A C   1 
ATOM   389 O  O   . LEU A 1 59 ? -6.266  -2.881  5.567   1.00 17.34 ? 300 LEU A O   1 
ATOM   390 C  CB  . LEU A 1 59 ? -6.073  -5.567  3.577   1.00 17.92 ? 300 LEU A CB  1 
ATOM   391 C  CG  . LEU A 1 59 ? -6.731  -6.312  2.417   1.00 19.44 ? 300 LEU A CG  1 
ATOM   392 C  CD1 . LEU A 1 59 ? -6.723  -7.813  2.664   1.00 20.03 ? 300 LEU A CD1 1 
ATOM   393 C  CD2 . LEU A 1 59 ? -8.151  -5.816  2.186   1.00 21.39 ? 300 LEU A CD2 1 
ATOM   394 N  N   . GLN A 1 60 ? -4.171  -3.431  4.845   1.00 16.43 ? 301 GLN A N   1 
ATOM   395 C  CA  . GLN A 1 60 ? -3.437  -2.996  6.063   1.00 16.25 ? 301 GLN A CA  1 
ATOM   396 C  C   . GLN A 1 60 ? -2.028  -2.541  5.671   1.00 15.25 ? 301 GLN A C   1 
ATOM   397 O  O   . GLN A 1 60 ? -1.405  -3.202  4.818   1.00 14.60 ? 301 GLN A O   1 
ATOM   398 C  CB  . GLN A 1 60 ? -3.384  -4.136  7.082   1.00 17.05 ? 301 GLN A CB  1 
ATOM   399 C  CG  . GLN A 1 60 ? -3.031  -3.679  8.490   1.00 18.00 ? 301 GLN A CG  1 
ATOM   400 C  CD  . GLN A 1 60 ? -2.989  -4.831  9.466   1.00 18.28 ? 301 GLN A CD  1 
ATOM   401 O  OE1 . GLN A 1 60 ? -3.785  -5.764  9.390   1.00 18.99 ? 301 GLN A OE1 1 
ATOM   402 N  NE2 . GLN A 1 60 ? -2.046  -4.776  10.392  1.00 17.86 ? 301 GLN A NE2 1 
ATOM   403 N  N   . VAL A 1 61 ? -1.549  -1.458  6.286   1.00 15.43 ? 302 VAL A N   1 
ATOM   404 C  CA  . VAL A 1 61 ? -0.118  -1.034  6.247   1.00 15.41 ? 302 VAL A CA  1 
ATOM   405 C  C   . VAL A 1 61 ? 0.344   -0.771  7.682   1.00 15.31 ? 302 VAL A C   1 
ATOM   406 O  O   . VAL A 1 61 ? -0.338  -0.007  8.394   1.00 15.23 ? 302 VAL A O   1 
ATOM   407 C  CB  . VAL A 1 61 ? 0.087   0.202   5.352   1.00 16.56 ? 302 VAL A CB  1 
ATOM   408 C  CG1 . VAL A 1 61 ? 1.554   0.593   5.267   1.00 16.86 ? 302 VAL A CG1 1 
ATOM   409 C  CG2 . VAL A 1 61 ? -0.492  -0.008  3.961   1.00 17.04 ? 302 VAL A CG2 1 
ATOM   410 N  N   . ASN A 1 62 ? 1.390   -1.479  8.116   1.00 15.90 ? 303 ASN A N   1 
ATOM   411 C  CA  . ASN A 1 62 ? 1.831   -1.525  9.534   1.00 16.88 ? 303 ASN A CA  1 
ATOM   412 C  C   . ASN A 1 62 ? 0.598   -1.830  10.396  1.00 18.30 ? 303 ASN A C   1 
ATOM   413 O  O   . ASN A 1 62 ? -0.046  -2.860  10.129  1.00 19.37 ? 303 ASN A O   1 
ATOM   414 C  CB  . ASN A 1 62 ? 2.601   -0.254  9.901   1.00 17.82 ? 303 ASN A CB  1 
ATOM   415 C  CG  . ASN A 1 62 ? 3.953   -0.194  9.222   1.00 18.17 ? 303 ASN A CG  1 
ATOM   416 O  OD1 . ASN A 1 62 ? 4.324   -1.115  8.495   1.00 18.65 ? 303 ASN A OD1 1 
ATOM   417 N  ND2 . ASN A 1 62 ? 4.699   0.874   9.451   1.00 19.64 ? 303 ASN A ND2 1 
ATOM   418 N  N   . GLU A 1 63 ? 0.221   -0.940  11.318  1.00 20.95 ? 304 GLU A N   1 
ATOM   419 C  CA  . GLU A 1 63 ? -0.837  -1.225  12.327  1.00 23.68 ? 304 GLU A CA  1 
ATOM   420 C  C   . GLU A 1 63 ? -2.153  -0.548  11.920  1.00 23.58 ? 304 GLU A C   1 
ATOM   421 O  O   . GLU A 1 63 ? -3.129  -0.674  12.685  1.00 25.25 ? 304 GLU A O   1 
ATOM   422 C  CB  . GLU A 1 63 ? -0.392  -0.778  13.721  1.00 27.19 ? 304 GLU A CB  1 
ATOM   423 C  CG  . GLU A 1 63 ? 0.804   -1.550  14.254  1.00 29.65 ? 304 GLU A CG  1 
ATOM   424 C  CD  . GLU A 1 63 ? 0.666   -3.064  14.213  1.00 33.02 ? 304 GLU A CD  1 
ATOM   425 O  OE1 . GLU A 1 63 ? -0.367  -3.573  14.694  1.00 36.04 ? 304 GLU A OE1 1 
ATOM   426 O  OE2 . GLU A 1 63 ? 1.600   -3.732  13.717  1.00 36.15 ? 304 GLU A OE2 1 
ATOM   427 N  N   . ILE A 1 64 ? -2.227  0.004   10.705  1.00 22.45 ? 305 ILE A N   1 
ATOM   428 C  CA  . ILE A 1 64 ? -3.408  0.785   10.223  1.00 22.72 ? 305 ILE A CA  1 
ATOM   429 C  C   . ILE A 1 64 ? -4.213  -0.062  9.232   1.00 21.16 ? 305 ILE A C   1 
ATOM   430 O  O   . ILE A 1 64 ? -3.656  -0.446  8.183   1.00 18.65 ? 305 ILE A O   1 
ATOM   431 C  CB  . ILE A 1 64 ? -2.980  2.135   9.614   1.00 24.84 ? 305 ILE A CB  1 
ATOM   432 C  CG1 . ILE A 1 64 ? -2.085  2.931   10.567  1.00 27.01 ? 305 ILE A CG1 1 
ATOM   433 C  CG2 . ILE A 1 64 ? -4.202  2.936   9.188   1.00 26.27 ? 305 ILE A CG2 1 
ATOM   434 C  CD1 . ILE A 1 64 ? -2.707  3.194   11.920  1.00 28.60 ? 305 ILE A CD1 1 
ATOM   435 N  N   . ASN A 1 65 ? -5.507  -0.241  9.516   1.00 22.46 ? 306 ASN A N   1 
ATOM   436 C  CA  . ASN A 1 65 ? -6.507  -0.873  8.613   1.00 23.38 ? 306 ASN A CA  1 
ATOM   437 C  C   . ASN A 1 65 ? -7.104  0.205   7.700   1.00 23.64 ? 306 ASN A C   1 
ATOM   438 O  O   . ASN A 1 65 ? -7.299  1.339   8.178   1.00 24.80 ? 306 ASN A O   1 
ATOM   439 C  CB  . ASN A 1 65 ? -7.592  -1.594  9.416   1.00 25.93 ? 306 ASN A CB  1 
ATOM   440 C  CG  . ASN A 1 65 ? -8.682  -2.178  8.545   1.00 28.48 ? 306 ASN A CG  1 
ATOM   441 O  OD1 . ASN A 1 65 ? -9.708  -1.540  8.317   1.00 34.76 ? 306 ASN A OD1 1 
ATOM   442 N  ND2 . ASN A 1 65 ? -8.460  -3.377  8.032   1.00 30.59 ? 306 ASN A ND2 1 
ATOM   443 N  N   . PHE A 1 66 ? -7.378  -0.140  6.437   1.00 24.13 ? 307 PHE A N   1 
ATOM   444 C  CA  . PHE A 1 66 ? -7.707  0.835   5.361   1.00 26.30 ? 307 PHE A CA  1 
ATOM   445 C  C   . PHE A 1 66 ? -9.152  0.635   4.885   1.00 29.61 ? 307 PHE A C   1 
ATOM   446 O  O   . PHE A 1 66 ? -9.473  1.080   3.765   1.00 31.19 ? 307 PHE A O   1 
ATOM   447 C  CB  . PHE A 1 66 ? -6.733  0.689   4.190   1.00 25.84 ? 307 PHE A CB  1 
ATOM   448 C  CG  . PHE A 1 66 ? -5.438  1.443   4.352   1.00 25.01 ? 307 PHE A CG  1 
ATOM   449 C  CD1 . PHE A 1 66 ? -4.444  0.968   5.191   1.00 25.13 ? 307 PHE A CD1 1 
ATOM   450 C  CD2 . PHE A 1 66 ? -5.219  2.634   3.679   1.00 25.67 ? 307 PHE A CD2 1 
ATOM   451 C  CE1 . PHE A 1 66 ? -3.257  1.666   5.349   1.00 25.51 ? 307 PHE A CE1 1 
ATOM   452 C  CE2 . PHE A 1 66 ? -4.029  3.328   3.835   1.00 25.67 ? 307 PHE A CE2 1 
ATOM   453 C  CZ  . PHE A 1 66 ? -3.049  2.841   4.666   1.00 25.38 ? 307 PHE A CZ  1 
ATOM   454 N  N   . GLU A 1 67 ? -10.004 0.041   5.727   1.00 32.29 ? 308 GLU A N   1 
ATOM   455 C  CA  . GLU A 1 67 ? -11.320 -0.522  5.310   1.00 35.84 ? 308 GLU A CA  1 
ATOM   456 C  C   . GLU A 1 67 ? -12.459 0.384   5.796   1.00 37.75 ? 308 GLU A C   1 
ATOM   457 O  O   . GLU A 1 67 ? -13.630 0.038   5.536   1.00 41.57 ? 308 GLU A O   1 
ATOM   458 C  CB  . GLU A 1 67 ? -11.490 -1.944  5.847   1.00 38.86 ? 308 GLU A CB  1 
ATOM   459 C  CG  . GLU A 1 67 ? -10.706 -2.983  5.066   1.00 40.46 ? 308 GLU A CG  1 
ATOM   460 C  CD  . GLU A 1 67 ? -10.896 -4.412  5.547   1.00 42.79 ? 308 GLU A CD  1 
ATOM   461 O  OE1 . GLU A 1 67 ? -11.664 -5.153  4.902   1.00 47.42 ? 308 GLU A OE1 1 
ATOM   462 O  OE2 . GLU A 1 67 ? -10.270 -4.781  6.559   1.00 44.73 ? 308 GLU A OE2 1 
ATOM   463 N  N   . ASN A 1 68 ? -12.133 1.521   6.420   1.00 36.38 ? 309 ASN A N   1 
ATOM   464 C  CA  . ASN A 1 68 ? -13.111 2.593   6.754   1.00 37.69 ? 309 ASN A CA  1 
ATOM   465 C  C   . ASN A 1 68 ? -12.418 3.959   6.674   1.00 36.35 ? 309 ASN A C   1 
ATOM   466 O  O   . ASN A 1 68 ? -12.386 4.666   7.701   1.00 38.75 ? 309 ASN A O   1 
ATOM   467 C  CB  . ASN A 1 68 ? -13.747 2.378   8.131   1.00 40.94 ? 309 ASN A CB  1 
ATOM   468 C  CG  . ASN A 1 68 ? -14.888 3.336   8.404   1.00 44.26 ? 309 ASN A CG  1 
ATOM   469 O  OD1 . ASN A 1 68 ? -15.619 3.717   7.492   1.00 46.78 ? 309 ASN A OD1 1 
ATOM   470 N  ND2 . ASN A 1 68 ? -15.038 3.745   9.654   1.00 47.93 ? 309 ASN A ND2 1 
ATOM   471 N  N   . MET A 1 69 ? -12.020 4.364   5.464   1.00 33.21 ? 310 MET A N   1 
ATOM   472 C  CA  . MET A 1 69 ? -11.242 5.605   5.206   1.00 31.26 ? 310 MET A CA  1 
ATOM   473 C  C   . MET A 1 69 ? -11.705 6.234   3.889   1.00 28.56 ? 310 MET A C   1 
ATOM   474 O  O   . MET A 1 69 ? -11.888 5.484   2.911   1.00 28.76 ? 310 MET A O   1 
ATOM   475 C  CB  . MET A 1 69 ? -9.743  5.300   5.114   1.00 33.57 ? 310 MET A CB  1 
ATOM   476 C  CG  . MET A 1 69 ? -8.981  5.599   6.387   1.00 36.59 ? 310 MET A CG  1 
ATOM   477 S  SD  . MET A 1 69 ? -7.190  5.522   6.141   1.00 40.56 ? 310 MET A SD  1 
ATOM   478 C  CE  . MET A 1 69 ? -6.684  4.736   7.670   1.00 41.01 ? 310 MET A CE  1 
ATOM   479 N  N   . SER A 1 70 ? -11.721 7.569   3.830   1.00 27.07 ? 311 SER A N   1 
ATOM   480 C  CA  . SER A 1 70 ? -11.724 8.341   2.560   1.00 25.67 ? 311 SER A CA  1 
ATOM   481 C  C   . SER A 1 70 ? -10.377 8.164   1.852   1.00 23.96 ? 311 SER A C   1 
ATOM   482 O  O   . SER A 1 70 ? -9.403  7.764   2.521   1.00 22.54 ? 311 SER A O   1 
ATOM   483 C  CB  . SER A 1 70 ? -12.025 9.794   2.813   1.00 26.46 ? 311 SER A CB  1 
ATOM   484 O  OG  . SER A 1 70 ? -10.932 10.432  3.458   1.00 26.19 ? 311 SER A OG  1 
ATOM   485 N  N   . ASN A 1 71 ? -10.327 8.456   0.548   1.00 23.61 ? 312 ASN A N   1 
ATOM   486 C  CA  . ASN A 1 71 ? -9.083  8.419   -0.266  1.00 23.95 ? 312 ASN A CA  1 
ATOM   487 C  C   . ASN A 1 71 ? -8.056  9.376   0.351   1.00 23.48 ? 312 ASN A C   1 
ATOM   488 O  O   . ASN A 1 71 ? -6.891  8.965   0.512   1.00 23.26 ? 312 ASN A O   1 
ATOM   489 C  CB  . ASN A 1 71 ? -9.351  8.761   -1.733  1.00 25.18 ? 312 ASN A CB  1 
ATOM   490 C  CG  . ASN A 1 71 ? -8.174  8.440   -2.629  1.00 25.56 ? 312 ASN A CG  1 
ATOM   491 O  OD1 . ASN A 1 71 ? -7.306  9.283   -2.847  1.00 27.70 ? 312 ASN A OD1 1 
ATOM   492 N  ND2 . ASN A 1 71 ? -8.098  7.202   -3.092  1.00 25.81 ? 312 ASN A ND2 1 
ATOM   493 N  N   . ASP A 1 72 ? -8.501  10.570  0.756   1.00 24.91 ? 313 ASP A N   1 
ATOM   494 C  CA  . ASP A 1 72 ? -7.631  11.657  1.279   1.00 26.54 ? 313 ASP A CA  1 
ATOM   495 C  C   . ASP A 1 72 ? -6.985  11.203  2.594   1.00 25.86 ? 313 ASP A C   1 
ATOM   496 O  O   . ASP A 1 72 ? -5.796  11.511  2.805   1.00 26.94 ? 313 ASP A O   1 
ATOM   497 C  CB  . ASP A 1 72 ? -8.418  12.957  1.467   1.00 28.45 ? 313 ASP A CB  1 
ATOM   498 C  CG  . ASP A 1 72 ? -8.677  13.709  0.173   1.00 31.06 ? 313 ASP A CG  1 
ATOM   499 O  OD1 . ASP A 1 72 ? -7.999  13.405  -0.828  1.00 33.59 ? 313 ASP A OD1 1 
ATOM   500 O  OD2 . ASP A 1 72 ? -9.558  14.590  0.176   1.00 34.05 ? 313 ASP A OD2 1 
ATOM   501 N  N   . ASP A 1 73 ? -7.743  10.514  3.452   1.00 26.18 ? 314 ASP A N   1 
ATOM   502 C  CA  . ASP A 1 73 ? -7.273  10.062  4.789   1.00 27.00 ? 314 ASP A CA  1 
ATOM   503 C  C   . ASP A 1 73 ? -6.291  8.897   4.613   1.00 24.46 ? 314 ASP A C   1 
ATOM   504 O  O   . ASP A 1 73 ? -5.318  8.830   5.388   1.00 25.35 ? 314 ASP A O   1 
ATOM   505 C  CB  . ASP A 1 73 ? -8.445  9.683   5.696   1.00 29.15 ? 314 ASP A CB  1 
ATOM   506 C  CG  . ASP A 1 73 ? -8.980  10.847  6.514   1.00 32.31 ? 314 ASP A CG  1 
ATOM   507 O  OD1 . ASP A 1 73 ? -8.228  11.823  6.711   1.00 36.33 ? 314 ASP A OD1 1 
ATOM   508 O  OD2 . ASP A 1 73 ? -10.139 10.761  6.960   1.00 36.50 ? 314 ASP A OD2 1 
ATOM   509 N  N   . ALA A 1 74 ? -6.501  8.058   3.594   1.00 23.23 ? 315 ALA A N   1 
ATOM   510 C  CA  . ALA A 1 74 ? -5.619  6.921   3.237   1.00 22.61 ? 315 ALA A CA  1 
ATOM   511 C  C   . ALA A 1 74 ? -4.270  7.455   2.741   1.00 21.96 ? 315 ALA A C   1 
ATOM   512 O  O   . ALA A 1 74 ? -3.230  6.901   3.147   1.00 22.45 ? 315 ALA A O   1 
ATOM   513 C  CB  . ALA A 1 74 ? -6.287  6.050   2.203   1.00 22.69 ? 315 ALA A CB  1 
ATOM   514 N  N   . VAL A 1 75 ? -4.289  8.540   1.962   1.00 22.26 ? 316 VAL A N   1 
ATOM   515 C  CA  . VAL A 1 75 ? -3.059  9.226   1.464   1.00 22.75 ? 316 VAL A CA  1 
ATOM   516 C  C   . VAL A 1 75 ? -2.322  9.834   2.662   1.00 23.33 ? 316 VAL A C   1 
ATOM   517 O  O   . VAL A 1 75 ? -1.086  9.693   2.728   1.00 23.38 ? 316 VAL A O   1 
ATOM   518 C  CB  . VAL A 1 75 ? -3.391  10.296  0.405   1.00 24.07 ? 316 VAL A CB  1 
ATOM   519 C  CG1 . VAL A 1 75 ? -2.176  11.148  0.067   1.00 24.88 ? 316 VAL A CG1 1 
ATOM   520 C  CG2 . VAL A 1 75 ? -3.977  9.677   -0.856  1.00 24.18 ? 316 VAL A CG2 1 
ATOM   521 N  N   . ARG A 1 76 ? -3.069  10.407  3.611   1.00 24.62 ? 317 ARG A N   1 
ATOM   522 C  CA  . ARG A 1 76 ? -2.514  11.104  4.803   1.00 26.37 ? 317 ARG A CA  1 
ATOM   523 C  C   . ARG A 1 76 ? -1.779  10.091  5.689   1.00 25.65 ? 317 ARG A C   1 
ATOM   524 O  O   . ARG A 1 76 ? -0.667  10.412  6.148   1.00 27.08 ? 317 ARG A O   1 
ATOM   525 C  CB  . ARG A 1 76 ? -3.629  11.817  5.576   1.00 28.36 ? 317 ARG A CB  1 
ATOM   526 C  CG  . ARG A 1 76 ? -4.116  13.100  4.918   1.00 30.76 ? 317 ARG A CG  1 
ATOM   527 N  N   . VAL A 1 77 ? -2.369  8.910   5.905   1.00 25.28 ? 318 VAL A N   1 
ATOM   528 C  CA  . VAL A 1 77 ? -1.824  7.870   6.827   1.00 26.15 ? 318 VAL A CA  1 
ATOM   529 C  C   . VAL A 1 77 ? -0.604  7.212   6.171   1.00 23.44 ? 318 VAL A C   1 
ATOM   530 O  O   . VAL A 1 77 ? 0.365   6.926   6.898   1.00 23.28 ? 318 VAL A O   1 
ATOM   531 C  CB  . VAL A 1 77 ? -2.886  6.828   7.230   1.00 29.91 ? 318 VAL A CB  1 
ATOM   532 C  CG1 . VAL A 1 77 ? -3.286  5.932   6.069   1.00 30.50 ? 318 VAL A CG1 1 
ATOM   533 C  CG2 . VAL A 1 77 ? -2.420  5.994   8.414   1.00 32.69 ? 318 VAL A CG2 1 
ATOM   534 N  N   . LEU A 1 78 ? -0.605  7.086   4.839   1.00 21.16 ? 319 LEU A N   1 
ATOM   535 C  CA  . LEU A 1 78 ? 0.545   6.548   4.063   1.00 19.97 ? 319 LEU A CA  1 
ATOM   536 C  C   . LEU A 1 78 ? 1.717   7.533   4.145   1.00 20.53 ? 319 LEU A C   1 
ATOM   537 O  O   . LEU A 1 78 ? 2.851   7.073   4.388   1.00 20.48 ? 319 LEU A O   1 
ATOM   538 C  CB  . LEU A 1 78 ? 0.119   6.299   2.611   1.00 20.49 ? 319 LEU A CB  1 
ATOM   539 C  CG  . LEU A 1 78 ? -0.622  4.985   2.362   1.00 21.15 ? 319 LEU A CG  1 
ATOM   540 C  CD1 . LEU A 1 78 ? -1.051  4.870   0.907   1.00 21.87 ? 319 LEU A CD1 1 
ATOM   541 C  CD2 . LEU A 1 78 ? 0.231   3.789   2.759   1.00 21.21 ? 319 LEU A CD2 1 
ATOM   542 N  N   . ARG A 1 79 ? 1.439   8.839   4.084   1.00 21.37 ? 320 ARG A N   1 
ATOM   543 C  CA  . ARG A 1 79 ? 2.458   9.908   4.266   1.00 22.98 ? 320 ARG A CA  1 
ATOM   544 C  C   . ARG A 1 79 ? 3.119   9.743   5.639   1.00 22.73 ? 320 ARG A C   1 
ATOM   545 O  O   . ARG A 1 79 ? 4.363   9.767   5.701   1.00 23.51 ? 320 ARG A O   1 
ATOM   546 C  CB  . ARG A 1 79 ? 1.840   11.303  4.128   1.00 26.19 ? 320 ARG A CB  1 
ATOM   547 C  CG  . ARG A 1 79 ? 2.830   12.434  4.362   1.00 30.22 ? 320 ARG A CG  1 
ATOM   548 C  CD  . ARG A 1 79 ? 2.291   13.799  3.978   1.00 35.31 ? 320 ARG A CD  1 
ATOM   549 N  NE  . ARG A 1 79 ? 1.819   13.845  2.601   1.00 40.58 ? 320 ARG A NE  1 
ATOM   550 C  CZ  . ARG A 1 79 ? 0.586   14.179  2.235   1.00 44.33 ? 320 ARG A CZ  1 
ATOM   551 N  NH1 . ARG A 1 79 ? -0.315  14.505  3.147   1.00 47.36 ? 320 ARG A NH1 1 
ATOM   552 N  NH2 . ARG A 1 79 ? 0.260   14.199  0.955   1.00 47.04 ? 320 ARG A NH2 1 
ATOM   553 N  N   . GLU A 1 80 ? 2.315   9.563   6.691   1.00 23.38 ? 321 GLU A N   1 
ATOM   554 C  CA  . GLU A 1 80 ? 2.793   9.441   8.095   1.00 24.66 ? 321 GLU A CA  1 
ATOM   555 C  C   . GLU A 1 80 ? 3.676   8.195   8.222   1.00 22.45 ? 321 GLU A C   1 
ATOM   556 O  O   . GLU A 1 80 ? 4.768   8.305   8.813   1.00 23.01 ? 321 GLU A O   1 
ATOM   557 C  CB  . GLU A 1 80 ? 1.611   9.392   9.064   1.00 27.58 ? 321 GLU A CB  1 
ATOM   558 C  CG  . GLU A 1 80 ? 1.062   10.764  9.415   1.00 31.61 ? 321 GLU A CG  1 
ATOM   559 C  CD  . GLU A 1 80 ? -0.214  10.747  10.237  1.00 36.01 ? 321 GLU A CD  1 
ATOM   560 O  OE1 . GLU A 1 80 ? -0.660  9.645   10.614  1.00 39.59 ? 321 GLU A OE1 1 
ATOM   561 O  OE2 . GLU A 1 80 ? -0.760  11.837  10.499  1.00 42.00 ? 321 GLU A OE2 1 
ATOM   562 N  N   . ILE A 1 81 ? 3.252   7.076   7.622   1.00 21.05 ? 322 ILE A N   1 
ATOM   563 C  CA  . ILE A 1 81 ? 3.943   5.755   7.725   1.00 20.84 ? 322 ILE A CA  1 
ATOM   564 C  C   . ILE A 1 81 ? 5.304   5.847   7.024   1.00 20.15 ? 322 ILE A C   1 
ATOM   565 O  O   . ILE A 1 81 ? 6.294   5.356   7.597   1.00 20.86 ? 322 ILE A O   1 
ATOM   566 C  CB  . ILE A 1 81 ? 3.069   4.623   7.148   1.00 20.84 ? 322 ILE A CB  1 
ATOM   567 C  CG1 . ILE A 1 81 ? 1.866   4.330   8.049   1.00 21.90 ? 322 ILE A CG1 1 
ATOM   568 C  CG2 . ILE A 1 81 ? 3.902   3.374   6.898   1.00 21.76 ? 322 ILE A CG2 1 
ATOM   569 C  CD1 . ILE A 1 81 ? 0.877   3.350   7.460   1.00 22.35 ? 322 ILE A CD1 1 
ATOM   570 N  N   . VAL A 1 82 ? 5.355   6.466   5.839   1.00 19.66 ? 323 VAL A N   1 
ATOM   571 C  CA  . VAL A 1 82 ? 6.587   6.532   4.997   1.00 20.01 ? 323 VAL A CA  1 
ATOM   572 C  C   . VAL A 1 82 ? 7.606   7.454   5.681   1.00 21.58 ? 323 VAL A C   1 
ATOM   573 O  O   . VAL A 1 82 ? 8.816   7.194   5.542   1.00 21.60 ? 323 VAL A O   1 
ATOM   574 C  CB  . VAL A 1 82 ? 6.277   6.993   3.559   1.00 20.12 ? 323 VAL A CB  1 
ATOM   575 C  CG1 . VAL A 1 82 ? 7.549   7.231   2.757   1.00 21.27 ? 323 VAL A CG1 1 
ATOM   576 C  CG2 . VAL A 1 82 ? 5.370   6.008   2.838   1.00 19.24 ? 323 VAL A CG2 1 
ATOM   577 N  N   . HIS A 1 83 ? 7.130   8.417   6.477   1.00 23.48 ? 324 HIS A N   1 
ATOM   578 C  CA  . HIS A 1 83 ? 7.987   9.430   7.151   1.00 26.16 ? 324 HIS A CA  1 
ATOM   579 C  C   . HIS A 1 83 ? 8.443   8.911   8.519   1.00 26.58 ? 324 HIS A C   1 
ATOM   580 O  O   . HIS A 1 83 ? 9.296   9.572   9.141   1.00 29.44 ? 324 HIS A O   1 
ATOM   581 C  CB  . HIS A 1 83 ? 7.251   10.774  7.258   1.00 28.08 ? 324 HIS A CB  1 
ATOM   582 C  CG  . HIS A 1 83 ? 7.344   11.607  6.025   1.00 30.96 ? 324 HIS A CG  1 
ATOM   583 N  ND1 . HIS A 1 83 ? 8.293   12.600  5.875   1.00 34.43 ? 324 HIS A ND1 1 
ATOM   584 C  CD2 . HIS A 1 83 ? 6.634   11.584  4.875   1.00 31.68 ? 324 HIS A CD2 1 
ATOM   585 C  CE1 . HIS A 1 83 ? 8.153   13.163  4.692   1.00 35.78 ? 324 HIS A CE1 1 
ATOM   586 N  NE2 . HIS A 1 83 ? 7.141   12.558  4.059   1.00 34.87 ? 324 HIS A NE2 1 
ATOM   587 N  N   . LYS A 1 84 ? 7.917   7.760   8.952   1.00 26.13 ? 325 LYS A N   1 
ATOM   588 C  CA  . LYS A 1 84 ? 8.329   7.079   10.210  1.00 28.62 ? 325 LYS A CA  1 
ATOM   589 C  C   . LYS A 1 84 ? 9.434   6.074   9.896   1.00 27.76 ? 325 LYS A C   1 
ATOM   590 O  O   . LYS A 1 84 ? 9.501   5.543   8.789   1.00 26.90 ? 325 LYS A O   1 
ATOM   591 C  CB  . LYS A 1 84 ? 7.130   6.393   10.873  1.00 29.94 ? 325 LYS A CB  1 
ATOM   592 C  CG  . LYS A 1 84 ? 6.143   7.334   11.552  1.00 34.42 ? 325 LYS A CG  1 
ATOM   593 C  CD  . LYS A 1 84 ? 5.831   6.960   12.987  1.00 39.40 ? 325 LYS A CD  1 
ATOM   594 C  CE  . LYS A 1 84 ? 4.894   5.777   13.104  1.00 43.27 ? 325 LYS A CE  1 
ATOM   595 N  NZ  . LYS A 1 84 ? 4.678   5.388   14.518  1.00 47.54 ? 325 LYS A NZ  1 
ATOM   596 N  N   . PRO A 1 85 ? 10.344  5.796   10.856  1.00 28.96 ? 326 PRO A N   1 
ATOM   597 C  CA  . PRO A 1 85 ? 11.452  4.869   10.623  1.00 28.89 ? 326 PRO A CA  1 
ATOM   598 C  C   . PRO A 1 85 ? 10.995  3.404   10.579  1.00 28.29 ? 326 PRO A C   1 
ATOM   599 O  O   . PRO A 1 85 ? 9.875   3.125   10.969  1.00 29.80 ? 326 PRO A O   1 
ATOM   600 C  CB  . PRO A 1 85 ? 12.380  5.118   11.821  1.00 30.80 ? 326 PRO A CB  1 
ATOM   601 C  CG  . PRO A 1 85 ? 11.451  5.593   12.920  1.00 31.72 ? 326 PRO A CG  1 
ATOM   602 C  CD  . PRO A 1 85 ? 10.362  6.370   12.209  1.00 30.85 ? 326 PRO A CD  1 
ATOM   603 N  N   . GLY A 1 86 ? 11.867  2.518   10.089  1.00 27.57 ? 327 GLY A N   1 
ATOM   604 C  CA  . GLY A 1 86 ? 11.707  1.054   10.182  1.00 25.77 ? 327 GLY A CA  1 
ATOM   605 C  C   . GLY A 1 86 ? 11.007  0.482   8.952   1.00 24.26 ? 327 GLY A C   1 
ATOM   606 O  O   . GLY A 1 86 ? 10.639  1.219   8.039   1.00 23.07 ? 327 GLY A O   1 
ATOM   607 N  N   . PRO A 1 87 ? 10.802  -0.853  8.897   1.00 21.67 ? 328 PRO A N   1 
ATOM   608 C  CA  . PRO A 1 87 ? 10.206  -1.493  7.727   1.00 20.01 ? 328 PRO A CA  1 
ATOM   609 C  C   . PRO A 1 87 ? 8.716   -1.154  7.576   1.00 18.77 ? 328 PRO A C   1 
ATOM   610 O  O   . PRO A 1 87 ? 8.103   -0.740  8.546   1.00 19.62 ? 328 PRO A O   1 
ATOM   611 C  CB  . PRO A 1 87 ? 10.413  -2.993  7.988   1.00 21.17 ? 328 PRO A CB  1 
ATOM   612 C  CG  . PRO A 1 87 ? 10.497  -3.105  9.498   1.00 22.94 ? 328 PRO A CG  1 
ATOM   613 C  CD  . PRO A 1 87 ? 11.133  -1.811  9.962   1.00 23.24 ? 328 PRO A CD  1 
ATOM   614 N  N   . ILE A 1 88 ? 8.198   -1.263  6.351   1.00 15.47 ? 329 ILE A N   1 
ATOM   615 C  CA  . ILE A 1 88 ? 6.757   -1.053  6.028   1.00 15.00 ? 329 ILE A CA  1 
ATOM   616 C  C   . ILE A 1 88 ? 6.168   -2.382  5.545   1.00 14.54 ? 329 ILE A C   1 
ATOM   617 O  O   . ILE A 1 88 ? 6.723   -2.966  4.595   1.00 15.68 ? 329 ILE A O   1 
ATOM   618 C  CB  . ILE A 1 88 ? 6.577   0.071   4.989   1.00 14.98 ? 329 ILE A CB  1 
ATOM   619 C  CG1 . ILE A 1 88 ? 7.153   1.398   5.491   1.00 15.78 ? 329 ILE A CG1 1 
ATOM   620 C  CG2 . ILE A 1 88 ? 5.115   0.202   4.590   1.00 15.51 ? 329 ILE A CG2 1 
ATOM   621 C  CD1 . ILE A 1 88 ? 7.121   2.510   4.468   1.00 16.14 ? 329 ILE A CD1 1 
ATOM   622 N  N   . THR A 1 89 ? 5.153   -2.881  6.254   1.00 14.21 ? 330 THR A N   1 
ATOM   623 C  CA  . THR A 1 89 ? 4.451   -4.147  5.922   1.00 14.23 ? 330 THR A CA  1 
ATOM   624 C  C   . THR A 1 89 ? 3.096   -3.818  5.290   1.00 13.54 ? 330 THR A C   1 
ATOM   625 O  O   . THR A 1 89 ? 2.292   -3.134  5.951   1.00 14.29 ? 330 THR A O   1 
ATOM   626 C  CB  . THR A 1 89 ? 4.297   -5.029  7.166   1.00 15.26 ? 330 THR A CB  1 
ATOM   627 O  OG1 . THR A 1 89 ? 5.603   -5.254  7.702   1.00 17.19 ? 330 THR A OG1 1 
ATOM   628 C  CG2 . THR A 1 89 ? 3.618   -6.349  6.871   1.00 16.06 ? 330 THR A CG2 1 
ATOM   629 N  N   . LEU A 1 90 ? 2.901   -4.212  4.029   1.00 13.84 ? 331 LEU A N   1 
ATOM   630 C  CA  . LEU A 1 90 ? 1.619   -4.047  3.292   1.00 14.00 ? 331 LEU A CA  1 
ATOM   631 C  C   . LEU A 1 90 ? 0.948   -5.413  3.139   1.00 13.60 ? 331 LEU A C   1 
ATOM   632 O  O   . LEU A 1 90 ? 1.627   -6.363  2.707   1.00 14.39 ? 331 LEU A O   1 
ATOM   633 C  CB  . LEU A 1 90 ? 1.896   -3.414  1.925   1.00 14.91 ? 331 LEU A CB  1 
ATOM   634 C  CG  . LEU A 1 90 ? 2.663   -2.092  1.954   1.00 15.82 ? 331 LEU A CG  1 
ATOM   635 C  CD1 . LEU A 1 90 ? 4.154   -2.327  1.776   1.00 16.39 ? 331 LEU A CD1 1 
ATOM   636 C  CD2 . LEU A 1 90 ? 2.140   -1.141  0.889   1.00 17.06 ? 331 LEU A CD2 1 
ATOM   637 N  N   . THR A 1 91 ? -0.337  -5.498  3.492   1.00 13.71 ? 332 THR A N   1 
ATOM   638 C  CA  . THR A 1 91 ? -1.210  -6.668  3.214   1.00 14.17 ? 332 THR A CA  1 
ATOM   639 C  C   . THR A 1 91 ? -2.242  -6.271  2.153   1.00 14.19 ? 332 THR A C   1 
ATOM   640 O  O   . THR A 1 91 ? -2.914  -5.242  2.352   1.00 14.14 ? 332 THR A O   1 
ATOM   641 C  CB  . THR A 1 91 ? -1.877  -7.171  4.500   1.00 14.97 ? 332 THR A CB  1 
ATOM   642 O  OG1 . THR A 1 91 ? -0.847  -7.407  5.461   1.00 15.36 ? 332 THR A OG1 1 
ATOM   643 C  CG2 . THR A 1 91 ? -2.686  -8.431  4.289   1.00 16.13 ? 332 THR A CG2 1 
ATOM   644 N  N   . VAL A 1 92 ? -2.252  -6.972  1.016   1.00 14.34 ? 333 VAL A N   1 
ATOM   645 C  CA  . VAL A 1 92 ? -3.153  -6.671  -0.137  1.00 15.35 ? 333 VAL A CA  1 
ATOM   646 C  C   . VAL A 1 92 ? -3.932  -7.936  -0.511  1.00 16.29 ? 333 VAL A C   1 
ATOM   647 O  O   . VAL A 1 92 ? -3.420  -9.049  -0.274  1.00 15.87 ? 333 VAL A O   1 
ATOM   648 C  CB  . VAL A 1 92 ? -2.376  -6.114  -1.344  1.00 16.03 ? 333 VAL A CB  1 
ATOM   649 C  CG1 . VAL A 1 92 ? -1.547  -4.896  -0.968  1.00 16.04 ? 333 VAL A CG1 1 
ATOM   650 C  CG2 . VAL A 1 92 ? -1.508  -7.174  -2.003  1.00 16.37 ? 333 VAL A CG2 1 
ATOM   651 N  N   . ALA A 1 93 ? -5.127  -7.750  -1.077  1.00 17.02 ? 334 ALA A N   1 
ATOM   652 C  CA  . ALA A 1 93 ? -5.885  -8.781  -1.823  1.00 18.33 ? 334 ALA A CA  1 
ATOM   653 C  C   . ALA A 1 93 ? -5.617  -8.614  -3.323  1.00 19.39 ? 334 ALA A C   1 
ATOM   654 O  O   . ALA A 1 93 ? -5.829  -7.498  -3.837  1.00 20.52 ? 334 ALA A O   1 
ATOM   655 C  CB  . ALA A 1 93 ? -7.354  -8.663  -1.502  1.00 18.95 ? 334 ALA A CB  1 
ATOM   656 N  N   . LYS A 1 94 ? -5.055  -9.646  -3.960  1.00 20.92 ? 335 LYS A N   1 
ATOM   657 C  CA  . LYS A 1 94 ? -4.673  -9.642  -5.398  1.00 22.83 ? 335 LYS A CA  1 
ATOM   658 C  C   . LYS A 1 94 ? -5.933  -9.476  -6.257  1.00 26.29 ? 335 LYS A C   1 
ATOM   659 O  O   . LYS A 1 94 ? -6.969  -10.074 -5.908  1.00 27.11 ? 335 LYS A O   1 
ATOM   660 C  CB  . LYS A 1 94 ? -3.930  -10.933 -5.758  1.00 23.19 ? 335 LYS A CB  1 
ATOM   661 C  CG  . LYS A 1 94 ? -2.588  -11.124 -5.065  1.00 23.12 ? 335 LYS A CG  1 
ATOM   662 C  CD  . LYS A 1 94 ? -1.584  -10.030 -5.365  1.00 22.95 ? 335 LYS A CD  1 
ATOM   663 C  CE  . LYS A 1 94 ? -1.192  -9.967  -6.826  1.00 22.76 ? 335 LYS A CE  1 
ATOM   664 N  NZ  . LYS A 1 94 ? -0.217  -8.881  -7.085  1.00 21.50 ? 335 LYS A NZ  1 
ATOM   665 N  N   . SER A 1 95 ? -5.833  -8.699  -7.339  1.00 29.56 ? 336 SER A N   1 
ATOM   666 C  CA  . SER A 1 95 ? -6.935  -8.445  -8.307  1.00 34.52 ? 336 SER A CA  1 
ATOM   667 C  C   . SER A 1 95 ? -7.290  -9.745  -9.039  1.00 38.71 ? 336 SER A C   1 
ATOM   668 O  O   . SER A 1 95 ? -8.422  -9.929  -9.489  1.00 42.86 ? 336 SER A O   1 
ATOM   669 C  CB  . SER A 1 95 ? -6.561  -7.354  -9.277  1.00 36.35 ? 336 SER A CB  1 
ATOM   670 O  OG  . SER A 1 95 ? -5.683  -7.846  -10.279 1.00 40.32 ? 336 SER A OG  1 
ATOM   671 O  OXT . SER A 1 95 ? -6.456  -10.637 -9.195  1.00 42.61 ? 336 SER A OXT 1 
HETATM 672 C  CAO . QEN B 2 .  ? 5.488   10.546  -1.902  1.00 27.85 ? 401 QEN A CAO 1 
HETATM 673 C  CAW . QEN B 2 .  ? 5.374   11.242  -3.102  1.00 31.70 ? 401 QEN A CAW 1 
HETATM 674 C  CAL . QEN B 2 .  ? 5.584   10.589  -4.310  1.00 34.39 ? 401 QEN A CAL 1 
HETATM 675 C  CAG . QEN B 2 .  ? 5.467   11.287  -5.507  1.00 35.33 ? 401 QEN A CAG 1 
HETATM 676 C  CAF . QEN B 2 .  ? 5.146   12.640  -5.498  1.00 35.89 ? 401 QEN A CAF 1 
HETATM 677 C  CAK . QEN B 2 .  ? 4.933   13.294  -4.290  1.00 36.73 ? 401 QEN A CAK 1 
HETATM 678 C  CAV . QEN B 2 .  ? 5.046   12.595  -3.093  1.00 33.48 ? 401 QEN A CAV 1 
HETATM 679 C  CAM . QEN B 2 .  ? 4.831   13.251  -1.889  1.00 34.70 ? 401 QEN A CAM 1 
HETATM 680 C  CAJ . QEN B 2 .  ? 4.943   12.556  -0.691  1.00 31.06 ? 401 QEN A CAJ 1 
HETATM 681 C  CAS . QEN B 2 .  ? 5.261   11.202  -0.698  1.00 26.88 ? 401 QEN A CAS 1 
HETATM 682 S  SAX . QEN B 2 .  ? 5.409   10.351  0.817   1.00 23.01 ? 401 QEN A SAX 1 
HETATM 683 O  OAB . QEN B 2 .  ? 6.850   10.325  1.230   1.00 23.12 ? 401 QEN A OAB 1 
HETATM 684 O  OAC . QEN B 2 .  ? 4.604   11.055  1.865   1.00 25.03 ? 401 QEN A OAC 1 
HETATM 685 N  NAP . QEN B 2 .  ? 4.878   8.813   0.666   1.00 20.63 ? 401 QEN A NAP 1 
HETATM 686 C  CAT . QEN B 2 .  ? 3.683   8.536   0.141   1.00 18.97 ? 401 QEN A CAT 1 
HETATM 687 C  CAI . QEN B 2 .  ? 2.528   9.128   0.643   1.00 19.42 ? 401 QEN A CAI 1 
HETATM 688 C  CAH . QEN B 2 .  ? 1.285   8.810   0.103   1.00 20.37 ? 401 QEN A CAH 1 
HETATM 689 C  CAR . QEN B 2 .  ? 1.194   7.883   -0.930  1.00 20.91 ? 401 QEN A CAR 1 
HETATM 690 BR BR1 . QEN B 2 .  ? -0.484  7.449   -1.695  1.00 27.83 ? 401 QEN A BR1 1 
HETATM 691 C  CAN . QEN B 2 .  ? 2.344   7.281   -1.420  1.00 18.73 ? 401 QEN A CAN 1 
HETATM 692 C  CAU . QEN B 2 .  ? 3.584   7.593   -0.877  1.00 17.49 ? 401 QEN A CAU 1 
HETATM 693 C  CAQ . QEN B 2 .  ? 4.830   6.906   -1.436  1.00 16.96 ? 401 QEN A CAQ 1 
HETATM 694 O  OAD . QEN B 2 .  ? 5.869   6.900   -0.741  1.00 17.49 ? 401 QEN A OAD 1 
HETATM 695 O  OAA . QEN B 2 .  ? 4.727   6.364   -2.557  1.00 15.88 ? 401 QEN A OAA 1 
HETATM 696 C  CAO . QEN C 2 .  ? 9.502   8.876   -8.286  1.00 15.75 ? 402 QEN A CAO 1 
HETATM 697 C  CAW . QEN C 2 .  ? 9.199   10.220  -8.468  1.00 16.63 ? 402 QEN A CAW 1 
HETATM 698 C  CAL . QEN C 2 .  ? 9.278   10.778  -9.739  1.00 18.31 ? 402 QEN A CAL 1 
HETATM 699 C  CAG . QEN C 2 .  ? 8.980   12.124  -9.920  1.00 19.90 ? 402 QEN A CAG 1 
HETATM 700 C  CAF . QEN C 2 .  ? 8.601   12.908  -8.836  1.00 19.27 ? 402 QEN A CAF 1 
HETATM 701 C  CAK . QEN C 2 .  ? 8.527   12.350  -7.565  1.00 18.41 ? 402 QEN A CAK 1 
HETATM 702 C  CAV . QEN C 2 .  ? 8.817   11.002  -7.383  1.00 16.85 ? 402 QEN A CAV 1 
HETATM 703 C  CAM . QEN C 2 .  ? 8.743   10.444  -6.113  1.00 16.72 ? 402 QEN A CAM 1 
HETATM 704 C  CAJ . QEN C 2 .  ? 9.040   9.100   -5.930  1.00 16.48 ? 402 QEN A CAJ 1 
HETATM 705 C  CAS . QEN C 2 .  ? 9.419   8.318   -7.017  1.00 15.32 ? 402 QEN A CAS 1 
HETATM 706 S  SAX . QEN C 2 .  ? 9.800   6.634   -6.774  1.00 14.31 ? 402 QEN A SAX 1 
HETATM 707 O  OAB . QEN C 2 .  ? 8.702   6.003   -5.978  1.00 14.46 ? 402 QEN A OAB 1 
HETATM 708 O  OAC . QEN C 2 .  ? 9.947   5.947   -8.097  1.00 14.77 ? 402 QEN A OAC 1 
HETATM 709 N  NAP . QEN C 2 .  ? 11.182  6.518   -5.896  1.00 14.54 ? 402 QEN A NAP 1 
HETATM 710 C  CAT . QEN C 2 .  ? 12.407  6.832   -6.352  1.00 14.38 ? 402 QEN A CAT 1 
HETATM 711 C  CAI . QEN C 2 .  ? 12.638  7.266   -7.655  1.00 14.83 ? 402 QEN A CAI 1 
HETATM 712 C  CAH . QEN C 2 .  ? 13.931  7.573   -8.082  1.00 15.44 ? 402 QEN A CAH 1 
HETATM 713 C  CAR . QEN C 2 .  ? 15.010  7.437   -7.211  1.00 16.08 ? 402 QEN A CAR 1 
HETATM 714 BR BR1 . QEN C 2 .  ? 16.782  7.848   -7.764  1.00 22.54 ? 402 QEN A BR1 1 
HETATM 715 C  CAN . QEN C 2 .  ? 14.781  7.010   -5.911  1.00 14.79 ? 402 QEN A CAN 1 
HETATM 716 C  CAU . QEN C 2 .  ? 13.491  6.701   -5.485  1.00 14.58 ? 402 QEN A CAU 1 
HETATM 717 C  CAQ . QEN C 2 .  ? 13.280  6.212   -4.048  1.00 14.76 ? 402 QEN A CAQ 1 
HETATM 718 O  OAD . QEN C 2 .  ? 12.111  6.011   -3.654  1.00 14.99 ? 402 QEN A OAD 1 
HETATM 719 O  OAA . QEN C 2 .  ? 14.296  6.031   -3.345  1.00 15.14 ? 402 QEN A OAA 1 
HETATM 720 C  C1  . EDO D 3 .  ? 9.416   15.107  -3.639  1.00 39.55 ? 403 EDO A C1  1 
HETATM 721 O  O1  . EDO D 3 .  ? 8.886   13.803  -3.755  1.00 35.57 ? 403 EDO A O1  1 
HETATM 722 C  C2  . EDO D 3 .  ? 8.871   15.845  -2.475  1.00 43.63 ? 403 EDO A C2  1 
HETATM 723 O  O2  . EDO D 3 .  ? 8.434   14.992  -1.436  1.00 48.32 ? 403 EDO A O2  1 
HETATM 724 C  C1  . EDO E 3 .  ? 0.868   10.085  -4.829  1.00 47.14 ? 404 EDO A C1  1 
HETATM 725 O  O1  . EDO E 3 .  ? 1.736   9.312   -5.634  1.00 48.85 ? 404 EDO A O1  1 
HETATM 726 C  C2  . EDO E 3 .  ? 1.418   10.355  -3.478  1.00 47.12 ? 404 EDO A C2  1 
HETATM 727 O  O2  . EDO E 3 .  ? 0.851   11.493  -2.861  1.00 46.72 ? 404 EDO A O2  1 
HETATM 728 C  C1  . EDO F 3 .  ? -8.439  -0.764  -9.977  1.00 50.26 ? 405 EDO A C1  1 
HETATM 729 O  O1  . EDO F 3 .  ? -9.211  0.285   -9.426  1.00 53.42 ? 405 EDO A O1  1 
HETATM 730 C  C2  . EDO F 3 .  ? -7.356  -0.282  -10.869 1.00 51.02 ? 405 EDO A C2  1 
HETATM 731 O  O2  . EDO F 3 .  ? -6.285  0.325   -10.170 1.00 48.89 ? 405 EDO A O2  1 
HETATM 732 O  O   . HOH G 4 .  ? -11.466 9.055   6.264   1.00 30.42 ? 501 HOH A O   1 
HETATM 733 O  O   . HOH G 4 .  ? 10.835  3.360   6.887   1.00 39.82 ? 502 HOH A O   1 
HETATM 734 O  O   . HOH G 4 .  ? 1.265   -4.804  9.153   1.00 19.17 ? 503 HOH A O   1 
HETATM 735 O  O   . HOH G 4 .  ? 13.907  -1.079  7.893   1.00 30.53 ? 504 HOH A O   1 
HETATM 736 O  O   . HOH G 4 .  ? 15.584  -1.667  0.424   1.00 16.75 ? 505 HOH A O   1 
HETATM 737 O  O   . HOH G 4 .  ? -3.908  -10.549 -9.523  1.00 45.52 ? 506 HOH A O   1 
HETATM 738 O  O   . HOH G 4 .  ? 6.283   15.524  -0.120  1.00 67.91 ? 507 HOH A O   1 
HETATM 739 O  O   . HOH G 4 .  ? -3.604  -6.439  -9.610  1.00 32.20 ? 508 HOH A O   1 
HETATM 740 O  O   . HOH G 4 .  ? -7.012  -12.542 -5.016  1.00 37.30 ? 509 HOH A O   1 
HETATM 741 O  O   . HOH G 4 .  ? 5.507   -4.132  -7.857  1.00 24.88 ? 510 HOH A O   1 
HETATM 742 O  O   . HOH G 4 .  ? 8.295   -4.121  -10.619 1.00 29.56 ? 511 HOH A O   1 
HETATM 743 O  O   . HOH G 4 .  ? -5.264  9.833   -4.389  1.00 34.01 ? 512 HOH A O   1 
HETATM 744 O  O   . HOH G 4 .  ? 19.944  -3.244  1.905   1.00 43.17 ? 513 HOH A O   1 
HETATM 745 O  O   . HOH G 4 .  ? -8.743  13.709  4.913   0.50 39.61 ? 514 HOH A O   1 
HETATM 746 O  O   . HOH G 4 .  ? 16.478  -3.673  -4.467  1.00 35.69 ? 515 HOH A O   1 
HETATM 747 O  O   . HOH G 4 .  ? -10.212 7.471   -5.787  1.00 40.02 ? 516 HOH A O   1 
HETATM 748 O  O   . HOH G 4 .  ? -21.920 1.578   1.128   1.00 48.08 ? 517 HOH A O   1 
HETATM 749 O  O   . HOH G 4 .  ? -15.134 9.330   0.752   1.00 42.28 ? 518 HOH A O   1 
HETATM 750 O  O   . HOH G 4 .  ? -13.713 2.185   -3.965  1.00 35.83 ? 519 HOH A O   1 
HETATM 751 O  O   . HOH G 4 .  ? 9.072   -9.026  2.220   1.00 57.47 ? 520 HOH A O   1 
HETATM 752 O  O   . HOH G 4 .  ? -4.836  1.567   -12.068 1.00 53.46 ? 521 HOH A O   1 
HETATM 753 O  O   . HOH G 4 .  ? 16.900  -5.152  7.069   1.00 59.72 ? 522 HOH A O   1 
HETATM 754 O  O   . HOH G 4 .  ? -16.300 -0.406  -1.320  1.00 63.08 ? 523 HOH A O   1 
HETATM 755 O  O   . HOH G 4 .  ? 11.708  -3.018  -1.951  1.00 19.88 ? 524 HOH A O   1 
HETATM 756 O  O   . HOH G 4 .  ? 15.465  3.876   -7.004  1.00 14.76 ? 525 HOH A O   1 
HETATM 757 O  O   . HOH G 4 .  ? 7.588   1.615   -6.504  1.00 13.79 ? 526 HOH A O   1 
HETATM 758 O  O   . HOH G 4 .  ? 12.410  0.369   -7.937  1.00 14.50 ? 527 HOH A O   1 
HETATM 759 O  O   . HOH G 4 .  ? 8.228   0.444   10.987  1.00 37.10 ? 528 HOH A O   1 
HETATM 760 O  O   . HOH G 4 .  ? 5.137   10.531  10.330  1.00 36.61 ? 529 HOH A O   1 
HETATM 761 O  O   . HOH G 4 .  ? 9.947   4.801   4.868   1.00 27.98 ? 530 HOH A O   1 
HETATM 762 O  O   . HOH G 4 .  ? -2.329  -4.867  -12.744 1.00 33.51 ? 531 HOH A O   1 
HETATM 763 O  O   . HOH G 4 .  ? 7.025   3.078   8.931   1.00 26.98 ? 532 HOH A O   1 
HETATM 764 O  O   . HOH G 4 .  ? 16.393  4.605   -4.400  1.00 14.63 ? 533 HOH A O   1 
HETATM 765 O  O   . HOH G 4 .  ? -9.381  -1.144  1.324   1.00 26.56 ? 534 HOH A O   1 
HETATM 766 O  O   . HOH G 4 .  ? -9.878  2.409   7.745   1.00 40.43 ? 535 HOH A O   1 
HETATM 767 O  O   . HOH G 4 .  ? 5.659   -0.243  -11.974 1.00 35.89 ? 536 HOH A O   1 
HETATM 768 O  O   . HOH G 4 .  ? -6.616  0.761   11.857  1.00 30.23 ? 537 HOH A O   1 
HETATM 769 O  O   . HOH G 4 .  ? 0.122   -5.177  6.814   1.00 17.90 ? 538 HOH A O   1 
HETATM 770 O  O   . HOH G 4 .  ? 5.589   -5.130  -4.162  1.00 15.46 ? 539 HOH A O   1 
HETATM 771 O  O   . HOH G 4 .  ? 6.832   -7.499  8.825   1.00 38.04 ? 540 HOH A O   1 
HETATM 772 O  O   . HOH G 4 .  ? -5.026  -16.019 0.232   1.00 34.13 ? 541 HOH A O   1 
HETATM 773 O  O   . HOH G 4 .  ? 0.536   -15.150 1.021   1.00 27.41 ? 542 HOH A O   1 
HETATM 774 O  O   . HOH G 4 .  ? 11.171  -1.000  -11.814 1.00 33.71 ? 543 HOH A O   1 
HETATM 775 O  O   . HOH G 4 .  ? 8.582   -10.155 -7.484  1.00 40.54 ? 544 HOH A O   1 
HETATM 776 O  O   . HOH G 4 .  ? -5.991  -13.048 -7.568  1.00 60.57 ? 545 HOH A O   1 
HETATM 777 O  O   . HOH G 4 .  ? 9.861   -9.972  -3.314  1.00 50.12 ? 546 HOH A O   1 
HETATM 778 O  O   . HOH G 4 .  ? 14.768  -5.517  -7.334  1.00 49.67 ? 547 HOH A O   1 
HETATM 779 O  O   . HOH G 4 .  ? 1.358   1.614   12.344  1.00 26.12 ? 548 HOH A O   1 
HETATM 780 O  O   . HOH G 4 .  ? 6.123   -10.358 5.033   1.00 44.20 ? 549 HOH A O   1 
HETATM 781 O  O   . HOH G 4 .  ? -2.825  8.565   -4.354  1.00 25.37 ? 550 HOH A O   1 
HETATM 782 O  O   . HOH G 4 .  ? 6.863   -3.269  9.639   1.00 35.38 ? 551 HOH A O   1 
HETATM 783 O  O   . HOH G 4 .  ? -11.127 11.733  -0.190  1.00 31.80 ? 552 HOH A O   1 
HETATM 784 O  O   . HOH G 4 .  ? -12.810 9.497   -0.832  1.00 29.60 ? 553 HOH A O   1 
HETATM 785 O  O   . HOH G 4 .  ? 12.726  -1.886  0.493   1.00 16.79 ? 554 HOH A O   1 
HETATM 786 O  O   . HOH G 4 .  ? 11.581  -6.762  -0.578  1.00 55.04 ? 555 HOH A O   1 
HETATM 787 O  O   . HOH G 4 .  ? 12.152  5.773   3.897   1.00 35.10 ? 556 HOH A O   1 
HETATM 788 O  O   . HOH G 4 .  ? 12.232  -6.861  4.476   1.00 44.59 ? 557 HOH A O   1 
HETATM 789 O  O   . HOH G 4 .  ? 14.550  -1.166  -8.355  1.00 43.69 ? 558 HOH A O   1 
HETATM 790 O  O   . HOH G 4 .  ? -5.738  -18.896 -2.261  1.00 52.39 ? 559 HOH A O   1 
HETATM 791 O  O   . HOH G 4 .  ? 11.749  8.080   5.088   1.00 52.33 ? 560 HOH A O   1 
HETATM 792 O  O   . HOH G 4 .  ? 3.415   3.059   11.262  1.00 38.81 ? 561 HOH A O   1 
HETATM 793 O  O   . HOH G 4 .  ? 12.849  -4.808  1.122   1.00 25.19 ? 562 HOH A O   1 
HETATM 794 O  O   . HOH G 4 .  ? -1.997  -15.948 -1.874  1.00 53.02 ? 563 HOH A O   1 
HETATM 795 O  O   . HOH G 4 .  ? 14.674  2.156   8.657   1.00 37.53 ? 564 HOH A O   1 
HETATM 796 O  O   . HOH G 4 .  ? 15.620  -6.873  5.402   1.00 53.11 ? 565 HOH A O   1 
HETATM 797 O  O   . HOH G 4 .  ? 10.974  -6.357  -9.561  1.00 56.26 ? 566 HOH A O   1 
HETATM 798 O  O   . HOH G 4 .  ? -8.507  -6.541  -5.506  1.00 62.04 ? 567 HOH A O   1 
HETATM 799 O  O   . HOH G 4 .  ? -5.344  -2.377  -12.804 1.00 57.19 ? 568 HOH A O   1 
HETATM 800 O  O   . HOH G 4 .  ? 3.493   -10.027 -9.667  1.00 49.87 ? 569 HOH A O   1 
HETATM 801 O  O   . HOH G 4 .  ? 17.677  -5.121  0.352   1.00 60.05 ? 570 HOH A O   1 
HETATM 802 O  O   . HOH G 4 .  ? 15.289  2.285   11.016  1.00 45.69 ? 571 HOH A O   1 
HETATM 803 O  O   . HOH G 4 .  ? 13.576  4.152   7.232   1.00 32.98 ? 572 HOH A O   1 
HETATM 804 O  O   . HOH G 4 .  ? -9.949  8.053   9.511   1.00 61.45 ? 573 HOH A O   1 
HETATM 805 O  O   . HOH G 4 .  ? 18.907  -3.384  -5.085  1.00 55.91 ? 574 HOH A O   1 
HETATM 806 O  O   . HOH G 4 .  ? -6.585  14.952  5.014   1.00 40.79 ? 575 HOH A O   1 
HETATM 807 O  O   . HOH G 4 .  ? 10.429  1.985   14.728  1.00 54.78 ? 576 HOH A O   1 
HETATM 808 O  O   . HOH G 4 .  ? 2.817   -1.138  -12.331 1.00 36.38 ? 577 HOH A O   1 
HETATM 809 O  O   . HOH G 4 .  ? 13.463  -4.766  -2.770  1.00 34.98 ? 578 HOH A O   1 
HETATM 810 O  O   . HOH G 4 .  ? -12.323 1.944   -7.580  1.00 63.89 ? 579 HOH A O   1 
HETATM 811 O  O   . HOH G 4 .  ? 4.864   14.026  7.689   1.00 63.56 ? 580 HOH A O   1 
HETATM 812 O  O   . HOH G 4 .  ? 7.172   -1.242  -13.917 1.00 42.52 ? 581 HOH A O   1 
HETATM 813 O  O   . HOH G 4 .  ? 1.524   5.889   11.711  1.00 53.06 ? 582 HOH A O   1 
HETATM 814 O  O   . HOH G 4 .  ? 12.386  -5.568  7.189   1.00 33.89 ? 583 HOH A O   1 
HETATM 815 O  O   . HOH G 4 .  ? 8.756   -5.933  10.531  0.50 28.65 ? 584 HOH A O   1 
HETATM 816 O  O   . HOH G 4 .  ? 5.659   -2.986  -10.402 1.00 35.88 ? 585 HOH A O   1 
HETATM 817 O  O   . HOH G 4 .  ? 9.130   -11.375 6.696   1.00 42.80 ? 586 HOH A O   1 
HETATM 818 O  O   . HOH G 4 .  ? 9.054   -2.251  -12.413 1.00 42.36 ? 587 HOH A O   1 
HETATM 819 O  O   . HOH G 4 .  ? 14.308  -4.086  8.478   1.00 45.21 ? 588 HOH A O   1 
HETATM 820 O  O   . HOH G 4 .  ? 16.695  -3.584  -1.622  1.00 32.17 ? 589 HOH A O   1 
HETATM 821 O  O   . HOH G 4 .  ? 13.891  6.646   7.078   1.00 43.27 ? 590 HOH A O   1 
HETATM 822 O  O   . HOH G 4 .  ? -10.832 -8.217  -3.503  1.00 47.83 ? 591 HOH A O   1 
HETATM 823 O  O   . HOH G 4 .  ? -14.355 -5.819  -1.198  1.00 56.99 ? 592 HOH A O   1 
HETATM 824 O  O   . HOH G 4 .  ? 1.716   -2.717  -14.124 1.00 42.34 ? 593 HOH A O   1 
HETATM 825 O  O   . HOH G 4 .  ? -13.750 -15.815 -0.425  1.00 51.87 ? 594 HOH A O   1 
HETATM 826 O  O   . HOH G 4 .  ? 11.652  14.452  -8.063  0.25 38.08 ? 595 HOH A O   1 
HETATM 827 O  O   . HOH G 4 .  ? 11.999  -4.410  13.106  1.00 48.79 ? 596 HOH A O   1 
HETATM 828 O  O   . HOH G 4 .  ? 9.284   -4.953  13.064  1.00 35.71 ? 597 HOH A O   1 
HETATM 829 O  O   . HOH G 4 .  ? -13.295 -8.989  -2.630  1.00 62.75 ? 598 HOH A O   1 
HETATM 830 O  O   . HOH G 4 .  ? 12.799  12.780  -9.329  0.25 32.39 ? 599 HOH A O   1 
HETATM 831 O  O   . HOH G 4 .  ? 14.552  10.223  -11.265 0.25 47.29 ? 600 HOH A O   1 
HETATM 832 O  O   . HOH G 4 .  ? 20.740  9.514   -12.102 1.00 33.00 ? 601 HOH A O   1 
HETATM 833 O  O   . HOH G 4 .  ? 23.555  8.457   -10.087 1.00 35.06 ? 602 HOH A O   1 
HETATM 834 O  O   . HOH G 4 .  ? 19.539  10.570  -14.896 1.00 43.40 ? 603 HOH A O   1 
# 
loop_
_atom_site_anisotrop.id 
_atom_site_anisotrop.type_symbol 
_atom_site_anisotrop.pdbx_label_atom_id 
_atom_site_anisotrop.pdbx_label_alt_id 
_atom_site_anisotrop.pdbx_label_comp_id 
_atom_site_anisotrop.pdbx_label_asym_id 
_atom_site_anisotrop.pdbx_label_seq_id 
_atom_site_anisotrop.pdbx_PDB_ins_code 
_atom_site_anisotrop.U[1][1] 
_atom_site_anisotrop.U[2][2] 
_atom_site_anisotrop.U[3][3] 
_atom_site_anisotrop.U[1][2] 
_atom_site_anisotrop.U[1][3] 
_atom_site_anisotrop.U[2][3] 
_atom_site_anisotrop.pdbx_auth_seq_id 
_atom_site_anisotrop.pdbx_auth_comp_id 
_atom_site_anisotrop.pdbx_auth_asym_id 
_atom_site_anisotrop.pdbx_auth_atom_id 
1   N  N   . MET A 2  ? 0.5493 0.6495 0.7318 -0.2155 -0.1197 0.0648  243 MET A N   
2   C  CA  . MET A 2  ? 0.5170 0.6025 0.6688 -0.1745 -0.1325 0.0686  243 MET A CA  
3   C  C   . MET A 2  ? 0.4912 0.5884 0.6445 -0.1606 -0.1046 0.0735  243 MET A C   
4   O  O   . MET A 2  ? 0.4575 0.5783 0.6685 -0.1846 -0.1105 0.0917  243 MET A O   
5   C  CB  . MET A 2  ? 0.5243 0.6235 0.6571 -0.1489 -0.1296 0.0756  243 MET A CB  
6   C  CG  . MET A 2  ? 0.4857 0.5976 0.6410 -0.1515 -0.1504 0.1032  243 MET A CG  
7   S  SD  . MET A 2  ? 0.5002 0.5606 0.6180 -0.1572 -0.1721 0.1035  243 MET A SD  
8   C  CE  . MET A 2  ? 0.4978 0.6171 0.5988 -0.1457 -0.1693 0.1342  243 MET A CE  
9   N  N   . SER A 3  ? 0.4853 0.5603 0.6002 -0.1564 -0.1194 0.0556  244 SER A N   
10  C  CA  . SER A 3  ? 0.4902 0.4877 0.5890 -0.1373 -0.1176 0.0355  244 SER A CA  
11  C  C   . SER A 3  ? 0.4704 0.4771 0.5159 -0.1205 -0.1097 0.0420  244 SER A C   
12  O  O   . SER A 3  ? 0.5326 0.4551 0.5668 -0.1205 -0.0911 0.0558  244 SER A O   
13  C  CB  . SER A 3  ? 0.5237 0.5466 0.6352 -0.1086 -0.1007 0.0167  244 SER A CB  
14  O  OG  . SER A 3  ? 0.5674 0.5510 0.6891 -0.0580 -0.0958 0.0421  244 SER A OG  
15  N  N   . LEU A 4  ? 0.4158 0.3863 0.5113 -0.1305 -0.0931 0.0226  245 LEU A N   
16  C  CA  . LEU A 4  ? 0.3703 0.3903 0.4707 -0.1106 -0.1078 0.0229  245 LEU A CA  
17  C  C   . LEU A 4  ? 0.3697 0.3322 0.4236 -0.1043 -0.0956 0.0294  245 LEU A C   
18  O  O   . LEU A 4  ? 0.3291 0.3123 0.4485 -0.1350 -0.1191 0.0329  245 LEU A O   
19  C  CB  . LEU A 4  ? 0.3935 0.4403 0.5055 -0.1029 -0.0751 0.0227  245 LEU A CB  
20  C  CG  . LEU A 4  ? 0.4404 0.4561 0.5132 -0.0860 -0.0538 -0.0108 245 LEU A CG  
21  C  CD1 . LEU A 4  ? 0.4662 0.4604 0.5262 -0.0831 -0.0574 0.0005  245 LEU A CD1 
22  C  CD2 . LEU A 4  ? 0.4691 0.5310 0.5345 -0.0687 -0.0377 -0.0217 245 LEU A CD2 
23  N  N   . ASN A 5  ? 0.3652 0.3222 0.3516 -0.0906 -0.0914 0.0117  246 ASN A N   
24  C  CA  . ASN A 5  ? 0.3684 0.3006 0.3176 -0.0770 -0.0802 0.0055  246 ASN A CA  
25  C  C   . ASN A 5  ? 0.3088 0.2819 0.2516 -0.0704 -0.0649 0.0360  246 ASN A C   
26  O  O   . ASN A 5  ? 0.3337 0.2821 0.2106 -0.0700 -0.0830 0.0266  246 ASN A O   
27  C  CB  . ASN A 5  ? 0.4333 0.3475 0.3355 -0.0683 -0.0558 -0.0167 246 ASN A CB  
28  C  CG  . ASN A 5  ? 0.5248 0.3744 0.3800 -0.0722 -0.0696 -0.0509 246 ASN A CG  
29  O  OD1 . ASN A 5  ? 0.6105 0.4109 0.3883 -0.0353 -0.0582 -0.0289 246 ASN A OD1 
30  N  ND2 . ASN A 5  ? 0.5734 0.4710 0.4006 -0.0716 -0.0986 -0.0523 246 ASN A ND2 
31  N  N   . ILE A 6  ? 0.2709 0.2590 0.2479 -0.0741 -0.0421 0.0426  247 ILE A N   
32  C  CA  . ILE A 6  ? 0.2522 0.2600 0.2415 -0.0531 -0.0351 0.0328  247 ILE A CA  
33  C  C   . ILE A 6  ? 0.2491 0.2348 0.2325 -0.0566 -0.0445 0.0230  247 ILE A C   
34  O  O   . ILE A 6  ? 0.2607 0.2485 0.2675 -0.0369 -0.0540 0.0186  247 ILE A O   
35  C  CB  . ILE A 6  ? 0.2608 0.2849 0.2457 -0.0560 -0.0298 0.0321  247 ILE A CB  
36  C  CG1 . ILE A 6  ? 0.2619 0.2955 0.2666 -0.0657 -0.0342 0.0319  247 ILE A CG1 
37  C  CG2 . ILE A 6  ? 0.2478 0.2774 0.2468 -0.0444 -0.0293 0.0308  247 ILE A CG2 
38  C  CD1 . ILE A 6  ? 0.2606 0.3035 0.2619 -0.0594 -0.0355 0.0279  247 ILE A CD1 
39  N  N   . ILE A 7  ? 0.2208 0.2272 0.2020 -0.0381 -0.0346 0.0220  248 ILE A N   
40  C  CA  . ILE A 7  ? 0.2210 0.2140 0.2150 -0.0331 -0.0393 0.0067  248 ILE A CA  
41  C  C   . ILE A 7  ? 0.1903 0.1934 0.1883 -0.0200 -0.0257 0.0215  248 ILE A C   
42  O  O   . ILE A 7  ? 0.1855 0.1995 0.1827 -0.0167 -0.0380 0.0087  248 ILE A O   
43  C  CB  . ILE A 7  ? 0.2444 0.2385 0.2230 -0.0313 -0.0265 -0.0066 248 ILE A CB  
44  C  CG1 . ILE A 7  ? 0.2549 0.2398 0.2367 -0.0279 -0.0226 -0.0058 248 ILE A CG1 
45  C  CG2 . ILE A 7  ? 0.2672 0.2448 0.2521 -0.0424 -0.0290 -0.0188 248 ILE A CG2 
46  C  CD1 . ILE A 7  ? 0.2630 0.2586 0.2577 -0.0368 -0.0121 -0.0023 248 ILE A CD1 
47  N  N   . THR A 8  ? 0.1823 0.1935 0.1752 -0.0253 -0.0183 0.0222  249 THR A N   
48  C  CA  . THR A 8  ? 0.1783 0.1883 0.1779 -0.0260 -0.0102 0.0204  249 THR A CA  
49  C  C   . THR A 8  ? 0.1819 0.1784 0.1884 -0.0172 0.0016  0.0178  249 THR A C   
50  O  O   . THR A 8  ? 0.1742 0.1750 0.2251 -0.0238 0.0099  0.0104  249 THR A O   
51  C  CB  . THR A 8  ? 0.1781 0.2078 0.1817 -0.0220 -0.0099 0.0325  249 THR A CB  
52  O  OG1 . THR A 8  ? 0.1804 0.2568 0.1971 -0.0156 -0.0022 0.0367  249 THR A OG1 
53  C  CG2 . THR A 8  ? 0.1869 0.2091 0.1866 -0.0184 -0.0074 0.0241  249 THR A CG2 
54  N  N   . VAL A 9  ? 0.1804 0.1771 0.1731 -0.0169 -0.0031 0.0166  250 VAL A N   
55  C  CA  . VAL A 9  ? 0.1861 0.1837 0.1873 -0.0197 0.0042  0.0142  250 VAL A CA  
56  C  C   . VAL A 9  ? 0.1745 0.1877 0.1858 -0.0216 -0.0016 0.0197  250 VAL A C   
57  O  O   . VAL A 9  ? 0.1671 0.2233 0.2060 -0.0237 -0.0002 -0.0250 250 VAL A O   
58  C  CB  . VAL A 9  ? 0.2270 0.2148 0.1713 -0.0262 0.0078  0.0104  250 VAL A CB  
59  C  CG1 . VAL A 9  ? 0.2381 0.2265 0.1908 -0.0317 0.0211  0.0120  250 VAL A CG1 
60  C  CG2 . VAL A 9  ? 0.2524 0.2165 0.1698 -0.0341 0.0121  0.0096  250 VAL A CG2 
61  N  N   . THR A 10 ? 0.1844 0.1766 0.1988 -0.0163 -0.0038 0.0308  251 THR A N   
62  C  CA  . THR A 10 ? 0.1647 0.1886 0.2150 -0.0268 -0.0057 0.0360  251 THR A CA  
63  C  C   . THR A 10 ? 0.1666 0.1755 0.2096 -0.0161 0.0030  0.0309  251 THR A C   
64  O  O   . THR A 10 ? 0.1899 0.1654 0.2584 -0.0158 0.0283  0.0315  251 THR A O   
65  C  CB  . THR A 10 ? 0.1830 0.2152 0.2273 -0.0200 -0.0075 0.0524  251 THR A CB  
66  O  OG1 . THR A 10 ? 0.2017 0.2457 0.2498 -0.0406 -0.0069 0.0721  251 THR A OG1 
67  C  CG2 . THR A 10 ? 0.1837 0.2261 0.2373 -0.0269 -0.0083 0.0486  251 THR A CG2 
68  N  N   . LEU A 11 ? 0.1595 0.1743 0.2069 -0.0175 -0.0016 0.0276  252 LEU A N   
69  C  CA  . LEU A 11 ? 0.1600 0.1799 0.2116 -0.0219 0.0041  0.0229  252 LEU A CA  
70  C  C   . LEU A 11 ? 0.1798 0.1879 0.1940 -0.0239 -0.0042 0.0342  252 LEU A C   
71  O  O   . LEU A 11 ? 0.1641 0.1989 0.1908 -0.0384 0.0000  0.0269  252 LEU A O   
72  C  CB  . LEU A 11 ? 0.1720 0.1775 0.2155 -0.0222 -0.0009 0.0229  252 LEU A CB  
73  C  CG  . LEU A 11 ? 0.1721 0.1867 0.2215 -0.0277 0.0056  0.0121  252 LEU A CG  
74  C  CD1 . LEU A 11 ? 0.1698 0.2140 0.2171 -0.0238 -0.0051 0.0208  252 LEU A CD1 
75  C  CD2 . LEU A 11 ? 0.1704 0.1919 0.2232 -0.0353 0.0195  0.0099  252 LEU A CD2 
76  N  N   . ASN A 12 ? 0.1858 0.1987 0.2171 -0.0170 -0.0096 0.0410  253 ASN A N   
77  C  CA  . ASN A 12 ? 0.2024 0.2007 0.2414 -0.0319 -0.0254 0.0433  253 ASN A CA  
78  C  C   . ASN A 12 ? 0.2095 0.1964 0.2134 -0.0315 -0.0359 0.0367  253 ASN A C   
79  O  O   . ASN A 12 ? 0.2449 0.2247 0.2253 -0.0474 -0.0641 0.0364  253 ASN A O   
80  C  CB  . ASN A 12 ? 0.2201 0.2111 0.2835 -0.0154 -0.0222 0.0522  253 ASN A CB  
81  C  CG  . ASN A 12 ? 0.2454 0.2165 0.3023 -0.0039 -0.0042 0.0504  253 ASN A CG  
82  O  OD1 . ASN A 12 ? 0.2357 0.2213 0.3094 -0.0348 -0.0095 0.0520  253 ASN A OD1 
83  N  ND2 . ASN A 12 ? 0.2849 0.2383 0.3755 0.0151  0.0046  0.0260  253 ASN A ND2 
84  N  N   . MET A 13 ? 0.1830 0.1810 0.2097 -0.0298 -0.0389 0.0243  254 MET A N   
85  C  CA  . MET A 13 ? 0.1993 0.1826 0.2119 -0.0243 -0.0363 0.0290  254 MET A CA  
86  C  C   . MET A 13 ? 0.2049 0.2030 0.2320 -0.0308 -0.0490 0.0331  254 MET A C   
87  O  O   . MET A 13 ? 0.2440 0.2112 0.2977 -0.0320 -0.0634 0.0148  254 MET A O   
88  C  CB  . MET A 13 ? 0.2142 0.1743 0.2073 -0.0294 -0.0328 0.0223  254 MET A CB  
89  C  CG  . MET A 13 ? 0.2042 0.1707 0.1892 -0.0148 -0.0237 0.0204  254 MET A CG  
90  S  SD  . MET A 13 ? 0.2021 0.1838 0.1914 -0.0164 -0.0241 0.0228  254 MET A SD  
91  C  CE  . MET A 13 ? 0.2152 0.1827 0.1834 -0.0148 -0.0213 0.0200  254 MET A CE  
92  N  N   . GLU A 14 ? 0.1786 0.2181 0.2233 -0.0372 -0.0471 0.0486  255 GLU A N   
93  C  CA  . GLU A 14 ? 0.1826 0.2332 0.2441 -0.0449 -0.0575 0.0600  255 GLU A CA  
94  C  C   . GLU A 14 ? 0.1675 0.2170 0.2410 -0.0457 -0.0598 0.0543  255 GLU A C   
95  O  O   . GLU A 14 ? 0.1683 0.2170 0.2413 -0.0496 -0.0583 0.0632  255 GLU A O   
96  C  CB  . GLU A 14 ? 0.1951 0.2519 0.2913 -0.0309 -0.0628 0.0750  255 GLU A CB  
97  C  CG  . GLU A 14 ? 0.2410 0.2945 0.2972 -0.0345 -0.0534 0.0808  255 GLU A CG  
98  C  CD  . GLU A 14 ? 0.2832 0.3426 0.3645 0.0048  -0.0653 0.1135  255 GLU A CD  
99  O  OE1 . GLU A 14 ? 0.3551 0.3813 0.4134 0.0343  -0.0314 0.1048  255 GLU A OE1 
100 O  OE2 . GLU A 14 ? 0.4122 0.4249 0.3703 0.0022  -0.0410 0.1272  255 GLU A OE2 
101 N  N   . LYS A 15 ? 0.1824 0.2327 0.2337 -0.0498 -0.0513 0.0516  256 LYS A N   
102 C  CA  . LYS A 15 ? 0.1848 0.2443 0.2390 -0.0506 -0.0450 0.0599  256 LYS A CA  
103 C  C   . LYS A 15 ? 0.1795 0.2313 0.2177 -0.0579 -0.0379 0.0564  256 LYS A C   
104 O  O   . LYS A 15 ? 0.1860 0.2390 0.2017 -0.0443 -0.0399 0.0415  256 LYS A O   
105 C  CB  . LYS A 15 ? 0.2308 0.2714 0.2734 -0.0266 -0.0307 0.0444  256 LYS A CB  
106 C  CG  . LYS A 15 ? 0.2623 0.3192 0.3407 0.0079  -0.0267 0.0602  256 LYS A CG  
107 C  CD  . LYS A 15 ? 0.3326 0.3650 0.3776 0.0238  -0.0023 0.0359  256 LYS A CD  
108 C  CE  . LYS A 15 ? 0.3814 0.3839 0.4485 0.0446  -0.0096 0.0471  256 LYS A CE  
109 N  NZ  . LYS A 15 ? 0.3845 0.4547 0.4941 0.0442  -0.0280 0.0355  256 LYS A NZ  
110 N  N   . TYR A 16 ? 0.1809 0.2250 0.2083 -0.0470 -0.0461 0.0522  257 TYR A N   
111 C  CA  . TYR A 16 ? 0.1746 0.2294 0.2086 -0.0513 -0.0494 0.0465  257 TYR A CA  
112 C  C   . TYR A 16 ? 0.1998 0.2504 0.2007 -0.0437 -0.0456 0.0451  257 TYR A C   
113 O  O   . TYR A 16 ? 0.2186 0.2845 0.2028 -0.0426 -0.0282 0.0530  257 TYR A O   
114 C  CB  . TYR A 16 ? 0.1706 0.2245 0.2051 -0.0441 -0.0531 0.0439  257 TYR A CB  
115 C  CG  . TYR A 16 ? 0.1740 0.2177 0.2311 -0.0488 -0.0568 0.0321  257 TYR A CG  
116 C  CD1 . TYR A 16 ? 0.1965 0.2069 0.2388 -0.0559 -0.0416 0.0369  257 TYR A CD1 
117 C  CD2 . TYR A 16 ? 0.1742 0.2089 0.2369 -0.0553 -0.0585 0.0294  257 TYR A CD2 
118 C  CE1 . TYR A 16 ? 0.2126 0.2168 0.2659 -0.0449 -0.0465 0.0223  257 TYR A CE1 
119 C  CE2 . TYR A 16 ? 0.1950 0.2119 0.2661 -0.0483 -0.0533 0.0168  257 TYR A CE2 
120 C  CZ  . TYR A 16 ? 0.2026 0.2075 0.2703 -0.0505 -0.0437 0.0191  257 TYR A CZ  
121 O  OH  . TYR A 16 ? 0.2632 0.2477 0.3093 -0.0182 -0.0255 -0.0009 257 TYR A OH  
122 N  N   . ASN A 17 ? 0.2075 0.2502 0.2003 -0.0452 -0.0389 0.0466  258 ASN A N   
123 C  CA  . ASN A 17 ? 0.2451 0.2687 0.2017 -0.0398 -0.0451 0.0255  258 ASN A CA  
124 C  C   . ASN A 17 ? 0.2435 0.2418 0.1900 -0.0406 -0.0254 0.0193  258 ASN A C   
125 O  O   . ASN A 17 ? 0.2683 0.2860 0.2265 -0.0471 -0.0028 -0.0194 258 ASN A O   
126 C  CB  . ASN A 17 ? 0.2779 0.2816 0.2576 -0.0539 -0.0470 0.0350  258 ASN A CB  
127 C  CG  . ASN A 17 ? 0.3748 0.3174 0.2890 -0.0240 -0.0330 0.0145  258 ASN A CG  
128 O  OD1 . ASN A 17 ? 0.4190 0.3539 0.3161 -0.0416 -0.0844 0.0197  258 ASN A OD1 
129 N  ND2 . ASN A 17 ? 0.4716 0.3653 0.3809 0.0337  -0.0351 0.0469  258 ASN A ND2 
130 N  N   . PHE A 18 ? 0.2225 0.2041 0.1801 -0.0261 -0.0027 0.0069  259 PHE A N   
131 C  CA  . PHE A 18 ? 0.2200 0.1724 0.1726 -0.0164 0.0033  0.0047  259 PHE A CA  
132 C  C   . PHE A 18 ? 0.1897 0.1639 0.1570 -0.0061 0.0047  0.0150  259 PHE A C   
133 O  O   . PHE A 18 ? 0.1899 0.1623 0.1333 -0.0100 0.0027  0.0109  259 PHE A O   
134 C  CB  . PHE A 18 ? 0.2285 0.1625 0.1853 -0.0092 0.0074  0.0073  259 PHE A CB  
135 C  CG  . PHE A 18 ? 0.2599 0.1641 0.2264 -0.0171 0.0037  0.0061  259 PHE A CG  
136 C  CD1 . PHE A 18 ? 0.2841 0.1772 0.2769 -0.0197 0.0242  -0.0158 259 PHE A CD1 
137 C  CD2 . PHE A 18 ? 0.2634 0.1733 0.2452 -0.0275 0.0014  0.0103  259 PHE A CD2 
138 C  CE1 . PHE A 18 ? 0.3070 0.1749 0.3140 -0.0307 0.0301  -0.0008 259 PHE A CE1 
139 C  CE2 . PHE A 18 ? 0.2925 0.1729 0.2717 -0.0307 0.0070  0.0048  259 PHE A CE2 
140 C  CZ  . PHE A 18 ? 0.3037 0.1745 0.2991 -0.0303 0.0231  0.0019  259 PHE A CZ  
141 N  N   . LEU A 19 ? 0.1902 0.1678 0.1597 -0.0041 0.0077  0.0166  260 LEU A N   
142 C  CA  . LEU A 19 ? 0.1815 0.1772 0.1766 -0.0066 0.0012  0.0104  260 LEU A CA  
143 C  C   . LEU A 19 ? 0.1690 0.1698 0.1758 -0.0057 0.0073  0.0062  260 LEU A C   
144 O  O   . LEU A 19 ? 0.1608 0.1808 0.1843 0.0035  0.0170  0.0018  260 LEU A O   
145 C  CB  . LEU A 19 ? 0.1872 0.1875 0.1744 -0.0008 0.0085  0.0053  260 LEU A CB  
146 C  CG  . LEU A 19 ? 0.2015 0.1962 0.1774 0.0010  -0.0007 0.0123  260 LEU A CG  
147 C  CD1 . LEU A 19 ? 0.2050 0.2096 0.1867 0.0060  0.0065  0.0115  260 LEU A CD1 
148 C  CD2 . LEU A 19 ? 0.1820 0.2005 0.1844 0.0015  -0.0043 0.0077  260 LEU A CD2 
149 N  N   . GLY A 20 ? 0.1858 0.1689 0.1775 -0.0027 -0.0006 0.0033  261 GLY A N   
150 C  CA  . GLY A 20 ? 0.1897 0.1688 0.1782 0.0046  -0.0007 0.0097  261 GLY A CA  
151 C  C   . GLY A 20 ? 0.1988 0.1820 0.1781 -0.0052 -0.0010 0.0047  261 GLY A C   
152 O  O   . GLY A 20 ? 0.2010 0.2253 0.1685 -0.0151 -0.0091 -0.0030 261 GLY A O   
153 N  N   . ILE A 21 ? 0.1864 0.2029 0.1998 -0.0005 -0.0104 -0.0076 262 ILE A N   
154 C  CA  . ILE A 21 ? 0.1794 0.2165 0.2014 0.0035  -0.0035 -0.0030 262 ILE A CA  
155 C  C   . ILE A 21 ? 0.2093 0.2198 0.2130 0.0152  -0.0071 0.0086  262 ILE A C   
156 O  O   . ILE A 21 ? 0.2339 0.2189 0.2451 0.0237  -0.0107 -0.0078 262 ILE A O   
157 C  CB  . ILE A 21 ? 0.1785 0.2138 0.2040 0.0030  -0.0041 -0.0042 262 ILE A CB  
158 C  CG1 . ILE A 21 ? 0.1914 0.2074 0.2061 0.0096  0.0177  -0.0005 262 ILE A CG1 
159 C  CG2 . ILE A 21 ? 0.1837 0.2102 0.2091 0.0017  0.0031  -0.0088 262 ILE A CG2 
160 C  CD1 . ILE A 21 ? 0.1806 0.2098 0.2112 0.0070  0.0150  0.0004  262 ILE A CD1 
161 N  N   . SER A 22 ? 0.2260 0.2388 0.2139 0.0324  -0.0164 0.0184  263 SER A N   
162 C  CA  . SER A 22 ? 0.2370 0.2599 0.2465 0.0478  -0.0078 0.0307  263 SER A CA  
163 C  C   . SER A 22 ? 0.2340 0.2627 0.2385 0.0492  -0.0104 0.0310  263 SER A C   
164 O  O   . SER A 22 ? 0.2219 0.2628 0.2274 0.0449  -0.0103 0.0262  263 SER A O   
165 C  CB  . SER A 22 ? 0.2697 0.2800 0.2536 0.0485  -0.0066 0.0475  263 SER A CB  
166 O  OG  . SER A 22 ? 0.2980 0.3300 0.2747 0.0346  -0.0156 0.0287  263 SER A OG  
167 N  N   . ILE A 23 ? 0.2468 0.2828 0.2389 0.0480  0.0002  0.0271  264 ILE A N   
168 C  CA  . ILE A 23 ? 0.2356 0.3028 0.2538 0.0457  -0.0037 0.0302  264 ILE A CA  
169 C  C   . ILE A 23 ? 0.2484 0.3208 0.2713 0.0595  -0.0090 0.0358  264 ILE A C   
170 O  O   . ILE A 23 ? 0.2464 0.3251 0.2967 0.0494  -0.0203 0.0456  264 ILE A O   
171 C  CB  . ILE A 23 ? 0.2564 0.3155 0.2546 0.0460  -0.0040 0.0292  264 ILE A CB  
172 C  CG1 . ILE A 23 ? 0.2789 0.3131 0.2760 0.0391  0.0051  0.0260  264 ILE A CG1 
173 C  CG2 . ILE A 23 ? 0.2593 0.3138 0.2379 0.0399  -0.0150 0.0334  264 ILE A CG2 
174 C  CD1 . ILE A 23 ? 0.3076 0.3355 0.2814 0.0360  0.0142  0.0189  264 ILE A CD1 
175 N  N   . VAL A 24 ? 0.2313 0.3371 0.2838 0.0652  -0.0145 0.0378  265 VAL A N   
176 C  CA  . VAL A 24 ? 0.2325 0.3803 0.3349 0.0707  -0.0221 0.0595  265 VAL A CA  
177 C  C   . VAL A 24 ? 0.2320 0.3839 0.3233 0.0738  -0.0281 0.0639  265 VAL A C   
178 O  O   . VAL A 24 ? 0.1984 0.3826 0.3212 0.0513  -0.0311 0.0698  265 VAL A O   
179 C  CB  . VAL A 24 ? 0.2740 0.4225 0.3426 0.0576  -0.0243 0.0478  265 VAL A CB  
180 C  CG1 . VAL A 24 ? 0.2768 0.4429 0.3631 0.0601  -0.0115 0.0483  265 VAL A CG1 
181 C  CG2 . VAL A 24 ? 0.2608 0.4244 0.3553 0.0738  -0.0344 0.0507  265 VAL A CG2 
182 N  N   . GLY A 25 ? 0.2359 0.4082 0.3484 0.0841  -0.0189 0.0533  266 GLY A N   
183 C  CA  . GLY A 25 ? 0.2586 0.4312 0.3694 0.0678  -0.0057 0.0550  266 GLY A CA  
184 C  C   . GLY A 25 ? 0.2592 0.4411 0.3803 0.0890  -0.0025 0.0395  266 GLY A C   
185 O  O   . GLY A 25 ? 0.2750 0.4075 0.3737 0.0854  0.0056  0.0351  266 GLY A O   
186 N  N   . GLN A 26 ? 0.2727 0.4784 0.4333 0.0765  0.0223  0.0279  267 GLN A N   
187 C  CA  . GLN A 26 ? 0.2966 0.5042 0.4343 0.0899  0.0249  0.0271  267 GLN A CA  
188 C  C   . GLN A 26 ? 0.3047 0.5166 0.4532 0.0658  0.0200  0.0187  267 GLN A C   
189 O  O   . GLN A 26 ? 0.2859 0.5642 0.4272 0.0166  0.0416  0.0252  267 GLN A O   
190 C  CB  . GLN A 26 ? 0.3594 0.5297 0.4931 0.1257  0.0471  0.0179  267 GLN A CB  
191 C  CG  . GLN A 26 ? 0.3715 0.5891 0.5492 0.1376  0.0246  0.0119  267 GLN A CG  
192 C  CD  . GLN A 26 ? 0.4288 0.6477 0.5690 0.1499  0.0449  0.0274  267 GLN A CD  
193 O  OE1 . GLN A 26 ? 0.4382 0.6872 0.6498 0.2001  0.0574  -0.0204 267 GLN A OE1 
194 N  NE2 . GLN A 26 ? 0.5085 0.6617 0.7204 0.1921  0.0330  0.0033  267 GLN A NE2 
195 N  N   . SER A 27 ? 0.3224 0.5222 0.4532 0.0576  0.0216  0.0222  268 SER A N   
196 C  CA  . SER A 27 ? 0.3389 0.5105 0.4969 0.0436  0.0237  0.0215  268 SER A CA  
197 C  C   . SER A 27 ? 0.3493 0.5564 0.5424 0.0545  0.0531  0.0221  268 SER A C   
198 O  O   . SER A 27 ? 0.3838 0.5328 0.5665 0.0365  0.0624  0.0135  268 SER A O   
199 C  CB  . SER A 27 ? 0.3286 0.4936 0.4929 0.0322  0.0182  0.0104  268 SER A CB  
200 O  OG  . SER A 27 ? 0.3755 0.4666 0.4752 0.0394  0.0029  0.0054  268 SER A OG  
201 N  N   . ASN A 28 ? 0.4026 0.5772 0.6271 0.0891  0.0677  0.0323  269 ASN A N   
202 C  CA  . ASN A 28 ? 0.4733 0.6685 0.6640 0.1170  0.1178  0.0307  269 ASN A CA  
203 C  C   . ASN A 28 ? 0.5134 0.7464 0.7289 0.1394  0.0817  0.0518  269 ASN A C   
204 O  O   . ASN A 28 ? 0.5868 0.8076 0.7750 0.1777  0.1230  0.0364  269 ASN A O   
205 C  CB  . ASN A 28 ? 0.4782 0.6540 0.6838 0.1297  0.1246  0.0271  269 ASN A CB  
206 C  CG  . ASN A 28 ? 0.4912 0.6669 0.7172 0.1484  0.1227  0.0459  269 ASN A CG  
207 O  OD1 . ASN A 28 ? 0.4362 0.6742 0.7095 0.1395  0.1509  0.1078  269 ASN A OD1 
208 N  ND2 . ASN A 28 ? 0.5226 0.6562 0.7854 0.1527  0.1234  0.0426  269 ASN A ND2 
209 N  N   . GLU A 29 ? 0.6175 0.8109 0.7452 0.1095  0.0400  0.0414  270 GLU A N   
210 C  CA  . GLU A 29 ? 0.6015 0.8724 0.7801 0.0981  0.0452  0.0599  270 GLU A CA  
211 C  C   . GLU A 29 ? 0.6433 0.8899 0.7944 0.0933  0.0672  0.0874  270 GLU A C   
212 O  O   . GLU A 29 ? 0.6348 0.8943 0.8314 0.1008  0.0892  0.0987  270 GLU A O   
213 C  CB  . GLU A 29 ? 0.6268 0.8905 0.7698 0.0786  0.0307  0.0630  270 GLU A CB  
214 N  N   . GLY A 34 ? 0.3040 0.4807 0.4701 0.1064  -0.0161 0.0742  275 GLY A N   
215 C  CA  . GLY A 34 ? 0.2813 0.4530 0.4192 0.0586  0.0157  0.0677  275 GLY A CA  
216 C  C   . GLY A 34 ? 0.2577 0.4395 0.3712 0.0655  0.0013  0.0535  275 GLY A C   
217 O  O   . GLY A 34 ? 0.2575 0.4592 0.3542 0.0644  0.0333  0.0615  275 GLY A O   
218 N  N   . ILE A 35 ? 0.2461 0.3821 0.3118 0.0554  0.0254  0.0638  276 ILE A N   
219 C  CA  . ILE A 35 ? 0.2278 0.3677 0.2889 0.0532  0.0043  0.0402  276 ILE A CA  
220 C  C   . ILE A 35 ? 0.2196 0.3322 0.2401 0.0256  -0.0040 0.0429  276 ILE A C   
221 O  O   . ILE A 35 ? 0.2121 0.3463 0.2139 0.0418  -0.0221 0.0358  276 ILE A O   
222 C  CB  . ILE A 35 ? 0.2729 0.3746 0.3085 0.0426  0.0135  0.0118  276 ILE A CB  
223 C  CG1 . ILE A 35 ? 0.2872 0.4065 0.3414 0.0655  0.0116  0.0014  276 ILE A CG1 
224 C  CG2 . ILE A 35 ? 0.2815 0.3590 0.3049 0.0393  0.0151  0.0072  276 ILE A CG2 
225 C  CD1 . ILE A 35 ? 0.3207 0.4281 0.3434 0.0654  0.0132  -0.0118 276 ILE A CD1 
226 N  N   . TYR A 36 ? 0.2026 0.3105 0.2347 0.0237  -0.0181 0.0428  277 TYR A N   
227 C  CA  . TYR A 36 ? 0.1894 0.3011 0.2211 0.0087  -0.0181 0.0444  277 TYR A CA  
228 C  C   . TYR A 36 ? 0.1859 0.2822 0.2067 0.0161  -0.0174 0.0364  277 TYR A C   
229 O  O   . TYR A 36 ? 0.1887 0.2815 0.2310 0.0265  -0.0029 0.0558  277 TYR A O   
230 C  CB  . TYR A 36 ? 0.1911 0.3334 0.2404 -0.0042 -0.0324 0.0445  277 TYR A CB  
231 C  CG  . TYR A 36 ? 0.1978 0.3561 0.2769 -0.0194 -0.0434 0.0452  277 TYR A CG  
232 C  CD1 . TYR A 36 ? 0.2084 0.3792 0.3175 -0.0101 -0.0319 0.0368  277 TYR A CD1 
233 C  CD2 . TYR A 36 ? 0.2184 0.3593 0.3036 -0.0266 -0.0472 0.0463  277 TYR A CD2 
234 C  CE1 . TYR A 36 ? 0.2179 0.4117 0.3618 -0.0213 -0.0203 0.0479  277 TYR A CE1 
235 C  CE2 . TYR A 36 ? 0.2245 0.3843 0.3434 -0.0380 -0.0468 0.0580  277 TYR A CE2 
236 C  CZ  . TYR A 36 ? 0.2383 0.4121 0.3670 -0.0234 -0.0329 0.0594  277 TYR A CZ  
237 O  OH  . TYR A 36 ? 0.2521 0.4855 0.4061 -0.0486 -0.0251 0.0681  277 TYR A OH  
238 N  N   . ILE A 37 ? 0.2010 0.2617 0.1890 0.0117  -0.0054 0.0293  278 ILE A N   
239 C  CA  . ILE A 37 ? 0.2089 0.2590 0.1967 0.0048  0.0023  0.0245  278 ILE A CA  
240 C  C   . ILE A 37 ? 0.2183 0.2819 0.1958 0.0119  0.0040  0.0272  278 ILE A C   
241 O  O   . ILE A 37 ? 0.2247 0.2699 0.2171 0.0070  -0.0034 0.0314  278 ILE A O   
242 C  CB  . ILE A 37 ? 0.2048 0.2540 0.1947 0.0013  -0.0138 0.0196  278 ILE A CB  
243 C  CG1 . ILE A 37 ? 0.2089 0.2492 0.1943 0.0034  -0.0121 0.0155  278 ILE A CG1 
244 C  CG2 . ILE A 37 ? 0.2064 0.2551 0.1945 0.0073  -0.0068 0.0209  278 ILE A CG2 
245 C  CD1 . ILE A 37 ? 0.2299 0.2479 0.2049 0.0130  -0.0112 0.0047  278 ILE A CD1 
246 N  N   . GLY A 38 ? 0.2512 0.2752 0.2246 0.0109  0.0096  0.0125  279 GLY A N   
247 C  CA  . GLY A 38 ? 0.2808 0.3147 0.2227 0.0127  0.0044  0.0186  279 GLY A CA  
248 C  C   . GLY A 38 ? 0.2897 0.3470 0.2563 -0.0241 0.0231  -0.0039 279 GLY A C   
249 O  O   . GLY A 38 ? 0.3778 0.3666 0.3244 -0.0353 0.0264  -0.0589 279 GLY A O   
250 N  N   . SER A 39 ? 0.2288 0.3915 0.1989 0.0294  -0.0472 -0.0220 280 SER A N   
251 C  CA  . SER A 39 ? 0.2223 0.3420 0.2025 0.0299  -0.0508 -0.0111 280 SER A CA  
252 C  C   . SER A 39 ? 0.2123 0.2989 0.1910 0.0363  -0.0259 -0.0060 280 SER A C   
253 O  O   . SER A 39 ? 0.2321 0.3190 0.1984 0.0525  -0.0161 -0.0313 280 SER A O   
254 C  CB  . SER A 39 ? 0.2410 0.3491 0.2276 0.0256  -0.0478 -0.0031 280 SER A CB  
255 O  OG  . SER A 39 ? 0.2832 0.3948 0.2024 0.0180  -0.0616 -0.0047 280 SER A OG  
256 N  N   . ILE A 40 ? 0.1840 0.2438 0.1657 0.0088  -0.0311 0.0153  281 ILE A N   
257 C  CA  . ILE A 40 ? 0.1798 0.2181 0.1688 0.0048  -0.0266 0.0157  281 ILE A CA  
258 C  C   . ILE A 40 ? 0.1827 0.2110 0.1707 0.0075  -0.0212 0.0149  281 ILE A C   
259 O  O   . ILE A 40 ? 0.2071 0.2186 0.1758 -0.0045 -0.0082 0.0069  281 ILE A O   
260 C  CB  . ILE A 40 ? 0.1936 0.2137 0.1764 -0.0042 -0.0274 0.0122  281 ILE A CB  
261 C  CG1 . ILE A 40 ? 0.1983 0.2225 0.1900 -0.0029 -0.0194 0.0133  281 ILE A CG1 
262 C  CG2 . ILE A 40 ? 0.1868 0.2161 0.1965 -0.0047 -0.0213 0.0182  281 ILE A CG2 
263 C  CD1 . ILE A 40 ? 0.2108 0.2216 0.1941 -0.0095 -0.0162 0.0172  281 ILE A CD1 
264 N  N   . MET A 41 ? 0.1951 0.1991 0.1712 0.0041  -0.0206 0.0223  282 MET A N   
265 C  CA  . MET A 41 ? 0.2008 0.2227 0.1854 0.0008  -0.0089 0.0285  282 MET A CA  
266 C  C   . MET A 41 ? 0.2005 0.2178 0.1808 -0.0007 0.0020  0.0229  282 MET A C   
267 O  O   . MET A 41 ? 0.2117 0.2085 0.1897 -0.0017 0.0169  0.0293  282 MET A O   
268 C  CB  . MET A 41 ? 0.2123 0.2166 0.2116 0.0027  -0.0138 0.0263  282 MET A CB  
269 C  CG  . MET A 41 ? 0.2373 0.2347 0.2676 0.0190  -0.0293 0.0264  282 MET A CG  
270 S  SD  . MET A 41 ? 0.2874 0.2491 0.3926 0.0020  -0.0485 -0.0024 282 MET A SD  
271 C  CE  . MET A 41 ? 0.2934 0.2285 0.3884 0.0058  -0.0397 0.0002  282 MET A CE  
272 N  N   . LYS A 42 ? 0.2128 0.2316 0.1656 -0.0063 -0.0022 0.0298  283 LYS A N   
273 C  CA  . LYS A 42 ? 0.2117 0.2473 0.1919 -0.0006 -0.0086 0.0127  283 LYS A CA  
274 C  C   . LYS A 42 ? 0.2013 0.2270 0.1797 0.0029  0.0003  0.0168  283 LYS A C   
275 O  O   . LYS A 42 ? 0.1975 0.2145 0.2093 -0.0036 0.0014  0.0133  283 LYS A O   
276 C  CB  . LYS A 42 ? 0.2559 0.2775 0.1905 0.0044  -0.0075 0.0209  283 LYS A CB  
277 C  CG  . LYS A 42 ? 0.2746 0.3207 0.2177 0.0026  -0.0263 0.0090  283 LYS A CG  
278 C  CD  . LYS A 42 ? 0.3278 0.3726 0.2329 0.0130  -0.0051 0.0015  283 LYS A CD  
279 C  CE  . LYS A 42 ? 0.3503 0.4167 0.2817 0.0036  -0.0361 -0.0005 283 LYS A CE  
280 N  NZ  . LYS A 42 ? 0.4213 0.4623 0.3577 0.0328  -0.0041 -0.0327 283 LYS A NZ  
281 N  N   . GLY A 43 ? 0.1776 0.2183 0.1861 0.0020  -0.0015 0.0213  284 GLY A N   
282 C  CA  . GLY A 43 ? 0.1744 0.2036 0.1853 0.0056  -0.0029 0.0290  284 GLY A CA  
283 C  C   . GLY A 43 ? 0.1675 0.1930 0.1835 -0.0051 -0.0015 0.0213  284 GLY A C   
284 O  O   . GLY A 43 ? 0.1507 0.2007 0.1922 -0.0188 0.0061  0.0328  284 GLY A O   
285 N  N   . GLY A 44 ? 0.1640 0.1835 0.1743 0.0021  0.0005  0.0134  285 GLY A N   
286 C  CA  . GLY A 44 ? 0.1646 0.1704 0.1710 -0.0028 -0.0026 0.0061  285 GLY A CA  
287 C  C   . GLY A 44 ? 0.1527 0.1687 0.1557 -0.0055 -0.0059 0.0023  285 GLY A C   
288 O  O   . GLY A 44 ? 0.1464 0.1610 0.1585 0.0078  0.0034  0.0157  285 GLY A O   
289 N  N   . ALA A 45 ? 0.1585 0.1571 0.1573 -0.0167 -0.0089 0.0045  286 ALA A N   
290 C  CA  . ALA A 45 ? 0.1468 0.1589 0.1647 -0.0112 -0.0063 0.0092  286 ALA A CA  
291 C  C   . ALA A 45 ? 0.1502 0.1581 0.1716 -0.0085 -0.0083 0.0038  286 ALA A C   
292 O  O   . ALA A 45 ? 0.1518 0.1629 0.1979 -0.0026 0.0006  -0.0072 286 ALA A O   
293 C  CB  . ALA A 45 ? 0.1472 0.1594 0.1631 -0.0183 -0.0126 0.0069  286 ALA A CB  
294 N  N   . VAL A 46 ? 0.1495 0.1443 0.1859 -0.0091 -0.0035 0.0042  287 VAL A N   
295 C  CA  . VAL A 46 ? 0.1525 0.1592 0.1840 -0.0157 -0.0075 0.0039  287 VAL A CA  
296 C  C   . VAL A 46 ? 0.1610 0.1652 0.1813 -0.0155 -0.0041 0.0061  287 VAL A C   
297 O  O   . VAL A 46 ? 0.1895 0.1645 0.1832 0.0042  0.0005  -0.0098 287 VAL A O   
298 C  CB  . VAL A 46 ? 0.1501 0.1574 0.1944 -0.0198 -0.0048 0.0010  287 VAL A CB  
299 C  CG1 . VAL A 46 ? 0.1602 0.1654 0.1966 -0.0293 -0.0031 -0.0017 287 VAL A CG1 
300 C  CG2 . VAL A 46 ? 0.1566 0.1643 0.1958 -0.0274 -0.0040 -0.0014 287 VAL A CG2 
301 N  N   . ALA A 47 ? 0.1676 0.1623 0.1808 -0.0193 -0.0043 0.0034  288 ALA A N   
302 C  CA  . ALA A 47 ? 0.1788 0.1745 0.1838 -0.0143 -0.0041 -0.0022 288 ALA A CA  
303 C  C   . ALA A 47 ? 0.1780 0.1781 0.1940 -0.0125 -0.0029 -0.0057 288 ALA A C   
304 O  O   . ALA A 47 ? 0.2050 0.1904 0.2140 0.0025  0.0001  -0.0196 288 ALA A O   
305 C  CB  . ALA A 47 ? 0.1876 0.1819 0.1736 -0.0110 -0.0029 0.0009  288 ALA A CB  
306 N  N   . ALA A 48 ? 0.1674 0.1670 0.2011 -0.0040 -0.0020 -0.0095 289 ALA A N   
307 C  CA  . ALA A 48 ? 0.1791 0.1771 0.2247 0.0070  -0.0091 -0.0117 289 ALA A CA  
308 C  C   . ALA A 48 ? 0.1855 0.1772 0.2304 0.0082  -0.0058 -0.0123 289 ALA A C   
309 O  O   . ALA A 48 ? 0.2041 0.1910 0.2626 0.0286  0.0044  -0.0107 289 ALA A O   
310 C  CB  . ALA A 48 ? 0.1702 0.1787 0.2435 0.0022  -0.0098 -0.0161 289 ALA A CB  
311 N  N   . ASP A 49 ? 0.1829 0.1781 0.2192 0.0056  -0.0126 -0.0050 290 ASP A N   
312 C  CA  . ASP A 49 ? 0.1981 0.1913 0.2283 0.0090  -0.0094 0.0115  290 ASP A CA  
313 C  C   . ASP A 49 ? 0.2034 0.1950 0.2401 0.0063  0.0004  -0.0059 290 ASP A C   
314 O  O   . ASP A 49 ? 0.2277 0.1989 0.2744 0.0195  0.0066  -0.0019 290 ASP A O   
315 C  CB  . ASP A 49 ? 0.2002 0.1963 0.2165 0.0130  -0.0154 0.0194  290 ASP A CB  
316 C  CG  . ASP A 49 ? 0.2317 0.1954 0.2203 0.0168  -0.0119 0.0289  290 ASP A CG  
317 O  OD1 . ASP A 49 ? 0.2616 0.2360 0.2517 0.0271  -0.0337 0.0480  290 ASP A OD1 
318 O  OD2 . ASP A 49 ? 0.2331 0.2221 0.1925 0.0193  -0.0154 0.0329  290 ASP A OD2 
319 N  N   . GLY A 50 ? 0.2129 0.1990 0.2173 0.0012  -0.0001 0.0018  291 GLY A N   
320 C  CA  . GLY A 50 ? 0.2267 0.2163 0.2126 -0.0100 0.0076  -0.0038 291 GLY A CA  
321 C  C   . GLY A 50 ? 0.2436 0.2260 0.2111 -0.0271 0.0011  -0.0045 291 GLY A C   
322 O  O   . GLY A 50 ? 0.2842 0.2654 0.2134 -0.0483 -0.0021 -0.0191 291 GLY A O   
323 N  N   . ARG A 51 ? 0.2321 0.2247 0.2104 -0.0262 -0.0089 0.0006  292 ARG A N   
324 C  CA  . ARG A 51 ? 0.2447 0.2141 0.2289 -0.0281 -0.0019 0.0075  292 ARG A CA  
325 C  C   . ARG A 51 ? 0.2333 0.2074 0.2311 -0.0422 -0.0120 0.0034  292 ARG A C   
326 O  O   . ARG A 51 ? 0.2200 0.2380 0.2826 -0.0419 -0.0217 -0.0058 292 ARG A O   
327 C  CB  . ARG A 51 ? 0.2671 0.2202 0.2407 -0.0256 0.0027  0.0211  292 ARG A CB  
328 C  CG  . ARG A 51 ? 0.2969 0.2148 0.2746 -0.0145 0.0167  0.0289  292 ARG A CG  
329 C  CD  . ARG A 51 ? 0.3324 0.2368 0.2858 -0.0027 0.0247  0.0492  292 ARG A CD  
330 N  NE  . ARG A 51 ? 0.3374 0.2354 0.2971 -0.0249 0.0225  0.0680  292 ARG A NE  
331 C  CZ  . ARG A 51 ? 0.3699 0.2527 0.3045 -0.0077 0.0156  0.0761  292 ARG A CZ  
332 N  NH1 . ARG A 51 ? 0.4020 0.2664 0.3326 0.0018  0.0339  0.1007  292 ARG A NH1 
333 N  NH2 . ARG A 51 ? 0.3719 0.2734 0.3003 0.0019  0.0061  0.0648  292 ARG A NH2 
334 N  N   . ILE A 52 ? 0.2097 0.2055 0.2173 -0.0343 -0.0068 0.0119  293 ILE A N   
335 C  CA  . ILE A 52 ? 0.2088 0.2143 0.2103 -0.0317 -0.0005 0.0182  293 ILE A CA  
336 C  C   . ILE A 52 ? 0.2168 0.2303 0.2069 -0.0318 -0.0024 0.0176  293 ILE A C   
337 O  O   . ILE A 52 ? 0.2164 0.2408 0.2140 -0.0285 -0.0026 0.0320  293 ILE A O   
338 C  CB  . ILE A 52 ? 0.2073 0.2121 0.2125 -0.0268 -0.0076 0.0168  293 ILE A CB  
339 C  CG1 . ILE A 52 ? 0.2261 0.2182 0.2104 -0.0151 0.0006  0.0162  293 ILE A CG1 
340 C  CG2 . ILE A 52 ? 0.2101 0.2126 0.2185 -0.0262 -0.0119 0.0206  293 ILE A CG2 
341 C  CD1 . ILE A 52 ? 0.2325 0.2323 0.2155 -0.0103 -0.0054 0.0070  293 ILE A CD1 
342 N  N   . GLU A 53 ? 0.2203 0.2393 0.1960 -0.0342 -0.0026 0.0198  294 GLU A N   
343 C  CA  . GLU A 53 ? 0.2525 0.2557 0.1989 -0.0354 -0.0027 0.0327  294 GLU A CA  
344 C  C   . GLU A 53 ? 0.2547 0.2559 0.1783 -0.0321 -0.0168 0.0391  294 GLU A C   
345 O  O   . GLU A 53 ? 0.2361 0.2509 0.1640 -0.0233 -0.0345 0.0540  294 GLU A O   
346 C  CB  . GLU A 53 ? 0.3079 0.2777 0.2156 -0.0467 0.0061  0.0130  294 GLU A CB  
347 C  CG  . GLU A 53 ? 0.3377 0.3060 0.2471 -0.0237 0.0180  0.0164  294 GLU A CG  
348 C  CD  . GLU A 53 ? 0.4120 0.3343 0.2830 -0.0397 0.0257  -0.0144 294 GLU A CD  
349 O  OE1 . GLU A 53 ? 0.4281 0.3501 0.3293 -0.0536 0.0344  -0.0021 294 GLU A OE1 
350 O  OE2 . GLU A 53 ? 0.5098 0.4089 0.3014 -0.0364 0.0580  -0.0427 294 GLU A OE2 
351 N  N   . PRO A 54 ? 0.2568 0.2652 0.1794 -0.0412 -0.0189 0.0446  295 PRO A N   
352 C  CA  . PRO A 54 ? 0.2684 0.2678 0.1756 -0.0335 -0.0301 0.0453  295 PRO A CA  
353 C  C   . PRO A 54 ? 0.2636 0.2794 0.1753 -0.0358 -0.0511 0.0416  295 PRO A C   
354 O  O   . PRO A 54 ? 0.2839 0.2762 0.2036 -0.0479 -0.0436 0.0363  295 PRO A O   
355 C  CB  . PRO A 54 ? 0.2888 0.2855 0.1783 -0.0261 -0.0279 0.0521  295 PRO A CB  
356 C  CG  . PRO A 54 ? 0.2904 0.2799 0.1900 -0.0365 -0.0136 0.0472  295 PRO A CG  
357 C  CD  . PRO A 54 ? 0.2767 0.2802 0.1793 -0.0304 -0.0117 0.0386  295 PRO A CD  
358 N  N   . GLY A 55 ? 0.2518 0.2843 0.1747 -0.0258 -0.0672 0.0365  296 GLY A N   
359 C  CA  . GLY A 55 ? 0.2554 0.3165 0.2060 -0.0329 -0.0631 0.0514  296 GLY A CA  
360 C  C   . GLY A 55 ? 0.2311 0.3191 0.2174 -0.0309 -0.0651 0.0591  296 GLY A C   
361 O  O   . GLY A 55 ? 0.2386 0.3586 0.2104 -0.0453 -0.0573 0.0700  296 GLY A O   
362 N  N   . ASP A 56 ? 0.2281 0.2801 0.2135 -0.0248 -0.0558 0.0576  297 ASP A N   
363 C  CA  . ASP A 56 ? 0.2217 0.2735 0.2051 -0.0279 -0.0422 0.0501  297 ASP A CA  
364 C  C   . ASP A 56 ? 0.1968 0.2650 0.2133 -0.0214 -0.0382 0.0610  297 ASP A C   
365 O  O   . ASP A 56 ? 0.2148 0.2604 0.2048 -0.0070 -0.0260 0.0548  297 ASP A O   
366 C  CB  . ASP A 56 ? 0.2267 0.2471 0.2064 -0.0189 -0.0407 0.0609  297 ASP A CB  
367 C  CG  . ASP A 56 ? 0.2538 0.2348 0.2077 -0.0282 -0.0307 0.0633  297 ASP A CG  
368 O  OD1 . ASP A 56 ? 0.2707 0.2506 0.2286 -0.0382 -0.0326 0.0469  297 ASP A OD1 
369 O  OD2 . ASP A 56 ? 0.2559 0.2396 0.2401 -0.0231 -0.0251 0.0734  297 ASP A OD2 
370 N  N   . MET A 57 ? 0.1911 0.2792 0.2232 -0.0245 -0.0320 0.0565  298 MET A N   
371 C  CA  . MET A 57 ? 0.1949 0.2910 0.2178 -0.0197 -0.0329 0.0555  298 MET A CA  
372 C  C   . MET A 57 ? 0.1914 0.2661 0.2139 -0.0068 -0.0296 0.0521  298 MET A C   
373 O  O   . MET A 57 ? 0.1964 0.2509 0.2287 -0.0191 -0.0359 0.0512  298 MET A O   
374 C  CB  . MET A 57 ? 0.1941 0.3318 0.2477 -0.0341 -0.0353 0.0548  298 MET A CB  
375 C  CG  . MET A 57 ? 0.2277 0.3646 0.2968 -0.0124 -0.0214 0.0322  298 MET A CG  
376 S  SD  . MET A 57 ? 0.2634 0.4755 0.4239 -0.0692 0.0094  0.0146  298 MET A SD  
377 C  CE  . MET A 57 ? 0.3007 0.4877 0.4011 -0.0202 0.0045  0.0562  298 MET A CE  
378 N  N   . LEU A 58 ? 0.1880 0.2650 0.2018 0.0003  -0.0214 0.0529  299 LEU A N   
379 C  CA  . LEU A 58 ? 0.1974 0.2616 0.2102 0.0009  -0.0268 0.0411  299 LEU A CA  
380 C  C   . LEU A 58 ? 0.1987 0.2682 0.2156 0.0108  -0.0232 0.0466  299 LEU A C   
381 O  O   . LEU A 58 ? 0.2263 0.2987 0.2484 0.0398  -0.0153 0.0483  299 LEU A O   
382 C  CB  . LEU A 58 ? 0.2327 0.2561 0.2262 0.0061  -0.0265 0.0399  299 LEU A CB  
383 C  CG  . LEU A 58 ? 0.2435 0.2729 0.2475 -0.0052 -0.0329 0.0266  299 LEU A CG  
384 C  CD1 . LEU A 58 ? 0.2335 0.2780 0.2332 -0.0119 -0.0355 0.0185  299 LEU A CD1 
385 C  CD2 . LEU A 58 ? 0.2648 0.2755 0.2907 -0.0081 -0.0277 0.0390  299 LEU A CD2 
386 N  N   . LEU A 59 ? 0.1856 0.2507 0.2139 -0.0016 -0.0256 0.0389  300 LEU A N   
387 C  CA  . LEU A 59 ? 0.1821 0.2688 0.2120 -0.0016 -0.0238 0.0348  300 LEU A CA  
388 C  C   . LEU A 59 ? 0.1792 0.2588 0.2042 0.0071  -0.0172 0.0345  300 LEU A C   
389 O  O   . LEU A 59 ? 0.1880 0.2750 0.1957 0.0105  -0.0181 0.0328  300 LEU A O   
390 C  CB  . LEU A 59 ? 0.1921 0.2675 0.2211 -0.0235 -0.0220 0.0350  300 LEU A CB  
391 C  CG  . LEU A 59 ? 0.2137 0.2892 0.2354 -0.0343 -0.0394 0.0331  300 LEU A CG  
392 C  CD1 . LEU A 59 ? 0.2234 0.2846 0.2529 -0.0602 -0.0467 0.0279  300 LEU A CD1 
393 C  CD2 . LEU A 59 ? 0.2213 0.3210 0.2701 -0.0227 -0.0373 0.0310  300 LEU A CD2 
394 N  N   . GLN A 60 ? 0.1818 0.2524 0.1899 0.0073  -0.0190 0.0258  301 GLN A N   
395 C  CA  . GLN A 60 ? 0.1780 0.2467 0.1929 0.0003  -0.0202 0.0303  301 GLN A CA  
396 C  C   . GLN A 60 ? 0.1791 0.2141 0.1863 0.0080  -0.0170 0.0319  301 GLN A C   
397 O  O   . GLN A 60 ? 0.1610 0.2181 0.1755 -0.0055 -0.0177 0.0290  301 GLN A O   
398 C  CB  . GLN A 60 ? 0.1961 0.2490 0.2026 -0.0022 -0.0277 0.0367  301 GLN A CB  
399 C  CG  . GLN A 60 ? 0.2151 0.2647 0.2040 -0.0008 -0.0214 0.0272  301 GLN A CG  
400 C  CD  . GLN A 60 ? 0.2154 0.2718 0.2072 0.0008  -0.0276 0.0335  301 GLN A CD  
401 O  OE1 . GLN A 60 ? 0.2062 0.2953 0.2200 -0.0093 -0.0297 0.0486  301 GLN A OE1 
402 N  NE2 . GLN A 60 ? 0.2112 0.2677 0.1995 0.0023  -0.0218 0.0280  301 GLN A NE2 
403 N  N   . VAL A 61 ? 0.1790 0.2138 0.1933 0.0090  -0.0172 0.0309  302 VAL A N   
404 C  CA  . VAL A 61 ? 0.1804 0.2156 0.1893 0.0050  -0.0198 0.0263  302 VAL A CA  
405 C  C   . VAL A 61 ? 0.1847 0.2118 0.1851 -0.0059 -0.0095 0.0240  302 VAL A C   
406 O  O   . VAL A 61 ? 0.1919 0.2133 0.1734 -0.0073 -0.0041 0.0274  302 VAL A O   
407 C  CB  . VAL A 61 ? 0.2023 0.2142 0.2122 0.0067  -0.0129 0.0315  302 VAL A CB  
408 C  CG1 . VAL A 61 ? 0.2040 0.2220 0.2145 0.0015  -0.0100 0.0237  302 VAL A CG1 
409 C  CG2 . VAL A 61 ? 0.2119 0.2166 0.2186 0.0185  -0.0274 0.0381  302 VAL A CG2 
410 N  N   . ASN A 62 ? 0.1831 0.2294 0.1915 -0.0062 -0.0151 0.0260  303 ASN A N   
411 C  CA  . ASN A 62 ? 0.2139 0.2377 0.1897 -0.0058 -0.0187 0.0226  303 ASN A CA  
412 C  C   . ASN A 62 ? 0.2245 0.2706 0.2000 0.0043  -0.0082 0.0289  303 ASN A C   
413 O  O   . ASN A 62 ? 0.2365 0.2796 0.2198 -0.0152 0.0085  0.0269  303 ASN A O   
414 C  CB  . ASN A 62 ? 0.2403 0.2374 0.1995 -0.0088 -0.0123 0.0097  303 ASN A CB  
415 C  CG  . ASN A 62 ? 0.2420 0.2368 0.2114 -0.0213 -0.0118 -0.0041 303 ASN A CG  
416 O  OD1 . ASN A 62 ? 0.2121 0.2594 0.2369 -0.0199 0.0152  -0.0132 303 ASN A OD1 
417 N  ND2 . ASN A 62 ? 0.2667 0.2510 0.2284 -0.0454 -0.0066 0.0006  303 ASN A ND2 
418 N  N   . GLU A 63 ? 0.2686 0.3029 0.2246 0.0246  0.0037  0.0161  304 GLU A N   
419 C  CA  . GLU A 63 ? 0.2836 0.3625 0.2535 0.0307  0.0232  0.0215  304 GLU A CA  
420 C  C   . GLU A 63 ? 0.2932 0.3600 0.2426 0.0451  0.0286  0.0159  304 GLU A C   
421 O  O   . GLU A 63 ? 0.3081 0.4069 0.2444 0.0579  0.0392  0.0370  304 GLU A O   
422 C  CB  . GLU A 63 ? 0.3650 0.4071 0.2610 0.0189  0.0183  0.0080  304 GLU A CB  
423 C  CG  . GLU A 63 ? 0.3632 0.4267 0.3364 0.0293  0.0186  0.0157  304 GLU A CG  
424 C  CD  . GLU A 63 ? 0.4131 0.4310 0.4103 0.0077  0.0486  0.0263  304 GLU A CD  
425 O  OE1 . GLU A 63 ? 0.4853 0.4712 0.4129 -0.0274 0.0808  0.0466  304 GLU A OE1 
426 O  OE2 . GLU A 63 ? 0.4393 0.4147 0.5195 0.0534  0.0493  0.0364  304 GLU A OE2 
427 N  N   . ILE A 64 ? 0.2658 0.3446 0.2427 0.0455  0.0327  0.0104  305 ILE A N   
428 C  CA  . ILE A 64 ? 0.2779 0.3421 0.2432 0.0495  0.0211  0.0069  305 ILE A CA  
429 C  C   . ILE A 64 ? 0.2540 0.3148 0.2349 0.0481  0.0334  0.0231  305 ILE A C   
430 O  O   . ILE A 64 ? 0.2125 0.2922 0.2037 0.0391  0.0055  0.0352  305 ILE A O   
431 C  CB  . ILE A 64 ? 0.3100 0.3436 0.2899 0.0352  0.0181  0.0066  305 ILE A CB  
432 C  CG1 . ILE A 64 ? 0.3441 0.3682 0.3140 0.0247  0.0065  -0.0087 305 ILE A CG1 
433 C  CG2 . ILE A 64 ? 0.3204 0.3426 0.3349 0.0497  0.0220  0.0073  305 ILE A CG2 
434 C  CD1 . ILE A 64 ? 0.3750 0.3945 0.3167 0.0257  0.0105  -0.0173 305 ILE A CD1 
435 N  N   . ASN A 65 ? 0.2514 0.3399 0.2617 0.0441  0.0280  0.0238  306 ASN A N   
436 C  CA  . ASN A 65 ? 0.2478 0.3526 0.2878 0.0411  0.0090  0.0415  306 ASN A CA  
437 C  C   . ASN A 65 ? 0.2550 0.3406 0.3026 0.0364  0.0133  0.0469  306 ASN A C   
438 O  O   . ASN A 65 ? 0.2947 0.3537 0.2937 0.0553  0.0156  0.0414  306 ASN A O   
439 C  CB  . ASN A 65 ? 0.2728 0.3872 0.3251 0.0317  0.0206  0.0663  306 ASN A CB  
440 C  CG  . ASN A 65 ? 0.2823 0.4111 0.3885 0.0136  0.0125  0.0473  306 ASN A CG  
441 O  OD1 . ASN A 65 ? 0.3594 0.4627 0.4983 0.0808  -0.0097 0.0582  306 ASN A OD1 
442 N  ND2 . ASN A 65 ? 0.3197 0.4213 0.4213 0.0491  0.0334  0.0474  306 ASN A ND2 
443 N  N   . PHE A 66 ? 0.2708 0.3369 0.3088 0.0344  -0.0073 0.0560  307 PHE A N   
444 C  CA  . PHE A 66 ? 0.3230 0.3393 0.3368 0.0299  -0.0003 0.0777  307 PHE A CA  
445 C  C   . PHE A 66 ? 0.3414 0.3792 0.4041 0.0252  -0.0316 0.0743  307 PHE A C   
446 O  O   . PHE A 66 ? 0.4005 0.3643 0.4201 0.0204  -0.0461 0.0926  307 PHE A O   
447 C  CB  . PHE A 66 ? 0.3358 0.3307 0.3152 0.0313  -0.0083 0.0804  307 PHE A CB  
448 C  CG  . PHE A 66 ? 0.3270 0.3155 0.3076 0.0391  0.0050  0.0913  307 PHE A CG  
449 C  CD1 . PHE A 66 ? 0.3182 0.3042 0.3322 0.0528  0.0063  0.0890  307 PHE A CD1 
450 C  CD2 . PHE A 66 ? 0.3431 0.3105 0.3215 0.0414  -0.0061 0.0971  307 PHE A CD2 
451 C  CE1 . PHE A 66 ? 0.3291 0.2911 0.3489 0.0498  0.0064  0.0758  307 PHE A CE1 
452 C  CE2 . PHE A 66 ? 0.3447 0.3157 0.3148 0.0374  0.0035  0.0856  307 PHE A CE2 
453 C  CZ  . PHE A 66 ? 0.3328 0.3003 0.3311 0.0464  0.0071  0.0765  307 PHE A CZ  
454 N  N   . GLU A 67 ? 0.3636 0.3835 0.4798 0.0037  -0.0118 0.0920  308 GLU A N   
455 C  CA  . GLU A 67 ? 0.3896 0.4326 0.5395 -0.0187 -0.0343 0.0712  308 GLU A CA  
456 C  C   . GLU A 67 ? 0.4311 0.4381 0.5650 -0.0122 -0.0048 0.0596  308 GLU A C   
457 O  O   . GLU A 67 ? 0.4432 0.5248 0.6113 -0.0108 -0.0462 0.0383  308 GLU A O   
458 C  CB  . GLU A 67 ? 0.4573 0.4276 0.5916 -0.0047 -0.0491 0.0789  308 GLU A CB  
459 C  CG  . GLU A 67 ? 0.4925 0.4363 0.6082 -0.0064 -0.0597 0.0444  308 GLU A CG  
460 C  CD  . GLU A 67 ? 0.5402 0.4443 0.6413 -0.0257 -0.0755 0.0542  308 GLU A CD  
461 O  OE1 . GLU A 67 ? 0.6179 0.5187 0.6650 -0.0446 -0.1303 0.0330  308 GLU A OE1 
462 O  OE2 . GLU A 67 ? 0.5591 0.4805 0.6600 -0.0084 -0.0982 0.0413  308 GLU A OE2 
463 N  N   . ASN A 68 ? 0.4372 0.4213 0.5234 -0.0501 0.0285  0.0908  309 ASN A N   
464 C  CA  . ASN A 68 ? 0.4678 0.4508 0.5134 -0.0251 0.0358  0.0767  309 ASN A CA  
465 C  C   . ASN A 68 ? 0.4562 0.4540 0.4707 -0.0258 0.0569  0.0618  309 ASN A C   
466 O  O   . ASN A 68 ? 0.4964 0.4515 0.5243 -0.0316 0.0667  0.0251  309 ASN A O   
467 C  CB  . ASN A 68 ? 0.4961 0.5379 0.5213 -0.0230 0.0482  0.0746  309 ASN A CB  
468 C  CG  . ASN A 68 ? 0.5286 0.5858 0.5672 0.0190  0.0403  0.0787  309 ASN A CG  
469 O  OD1 . ASN A 68 ? 0.5618 0.6277 0.5879 0.0153  0.0179  0.0982  309 ASN A OD1 
470 N  ND2 . ASN A 68 ? 0.5911 0.6300 0.5996 0.0319  0.0546  0.0333  309 ASN A ND2 
471 N  N   . MET A 69 ? 0.4366 0.3745 0.4506 0.0091  0.0245  0.0720  310 MET A N   
472 C  CA  . MET A 69 ? 0.4000 0.3593 0.4281 0.0345  0.0394  0.0676  310 MET A CA  
473 C  C   . MET A 69 ? 0.3717 0.2952 0.4181 0.0315  0.0557  0.0579  310 MET A C   
474 O  O   . MET A 69 ? 0.3839 0.3147 0.3942 0.0073  0.0621  0.0664  310 MET A O   
475 C  CB  . MET A 69 ? 0.4072 0.3965 0.4716 0.0634  0.0231  0.0716  310 MET A CB  
476 C  CG  . MET A 69 ? 0.4312 0.4605 0.4985 0.0708  0.0037  0.0530  310 MET A CG  
477 S  SD  . MET A 69 ? 0.4264 0.5432 0.5713 0.1100  -0.0106 0.0730  310 MET A SD  
478 C  CE  . MET A 69 ? 0.4858 0.5150 0.5573 0.0858  0.0037  0.0764  310 MET A CE  
479 N  N   . SER A 70 ? 0.3628 0.2954 0.3701 0.0474  0.0762  0.0658  311 SER A N   
480 C  CA  . SER A 70 ? 0.3403 0.2748 0.3601 0.0634  0.0870  0.0551  311 SER A CA  
481 C  C   . SER A 70 ? 0.3389 0.2424 0.3290 0.0692  0.0787  0.0576  311 SER A C   
482 O  O   . SER A 70 ? 0.3427 0.2096 0.3042 0.0638  0.0875  0.0539  311 SER A O   
483 C  CB  . SER A 70 ? 0.3496 0.2771 0.3786 0.0737  0.0880  0.0586  311 SER A CB  
484 O  OG  . SER A 70 ? 0.3595 0.2588 0.3769 0.0698  0.0954  0.0443  311 SER A OG  
485 N  N   . ASN A 71 ? 0.3124 0.2642 0.3204 0.1005  0.0848  0.0459  312 ASN A N   
486 C  CA  . ASN A 71 ? 0.3012 0.2845 0.3242 0.0957  0.0763  0.0554  312 ASN A CA  
487 C  C   . ASN A 71 ? 0.3103 0.2669 0.3149 0.1111  0.0771  0.0383  312 ASN A C   
488 O  O   . ASN A 71 ? 0.3013 0.2730 0.3094 0.1003  0.0778  0.0418  312 ASN A O   
489 C  CB  . ASN A 71 ? 0.3136 0.3149 0.3281 0.0917  0.0690  0.0634  312 ASN A CB  
490 C  CG  . ASN A 71 ? 0.3064 0.3258 0.3390 0.0846  0.0689  0.0585  312 ASN A CG  
491 O  OD1 . ASN A 71 ? 0.3578 0.3267 0.3679 0.0523  0.0444  0.0672  312 ASN A OD1 
492 N  ND2 . ASN A 71 ? 0.3063 0.3228 0.3514 0.0796  0.0284  0.0586  312 ASN A ND2 
493 N  N   . ASP A 72 ? 0.3263 0.2790 0.3410 0.1310  0.0814  0.0371  313 ASP A N   
494 C  CA  . ASP A 72 ? 0.3513 0.2881 0.3687 0.1177  0.0870  0.0260  313 ASP A CA  
495 C  C   . ASP A 72 ? 0.3614 0.2687 0.3520 0.1282  0.0942  0.0045  313 ASP A C   
496 O  O   . ASP A 72 ? 0.3691 0.2765 0.3779 0.1255  0.0798  -0.0136 313 ASP A O   
497 C  CB  . ASP A 72 ? 0.3818 0.2953 0.4036 0.1318  0.0930  0.0278  313 ASP A CB  
498 C  CG  . ASP A 72 ? 0.4202 0.3360 0.4238 0.1251  0.0857  0.0533  313 ASP A CG  
499 O  OD1 . ASP A 72 ? 0.4483 0.4119 0.4158 0.1061  0.0986  0.0616  313 ASP A OD1 
500 O  OD2 . ASP A 72 ? 0.4618 0.3447 0.4870 0.1480  0.0629  0.0840  313 ASP A OD2 
501 N  N   . ASP A 73 ? 0.3627 0.2797 0.3522 0.1352  0.0904  0.0088  314 ASP A N   
502 C  CA  . ASP A 73 ? 0.3732 0.3085 0.3441 0.1284  0.0854  0.0008  314 ASP A CA  
503 C  C   . ASP A 73 ? 0.3338 0.3043 0.2911 0.1108  0.0895  -0.0009 314 ASP A C   
504 O  O   . ASP A 73 ? 0.3562 0.3239 0.2831 0.1079  0.0743  -0.0378 314 ASP A O   
505 C  CB  . ASP A 73 ? 0.3858 0.3563 0.3655 0.1225  0.0988  -0.0012 314 ASP A CB  
506 C  CG  . ASP A 73 ? 0.4267 0.3685 0.4325 0.1405  0.1137  -0.0199 314 ASP A CG  
507 O  OD1 . ASP A 73 ? 0.5038 0.3947 0.4816 0.1019  0.1103  -0.0558 314 ASP A OD1 
508 O  OD2 . ASP A 73 ? 0.4189 0.4626 0.5051 0.1074  0.1106  -0.0180 314 ASP A OD2 
509 N  N   . ALA A 74 ? 0.3101 0.2915 0.2810 0.1036  0.0770  0.0172  315 ALA A N   
510 C  CA  . ALA A 74 ? 0.3193 0.2835 0.2563 0.1024  0.0696  0.0205  315 ALA A CA  
511 C  C   . ALA A 74 ? 0.3187 0.2649 0.2506 0.0951  0.0538  0.0227  315 ALA A C   
512 O  O   . ALA A 74 ? 0.3106 0.2872 0.2550 0.1055  0.0638  0.0127  315 ALA A O   
513 C  CB  . ALA A 74 ? 0.3153 0.2879 0.2587 0.0914  0.0671  0.0266  315 ALA A CB  
514 N  N   . VAL A 75 ? 0.3140 0.2438 0.2878 0.1051  0.0541  0.0215  316 VAL A N   
515 C  CA  . VAL A 75 ? 0.3281 0.2449 0.2912 0.0881  0.0471  0.0218  316 VAL A CA  
516 C  C   . VAL A 75 ? 0.3450 0.2429 0.2983 0.0867  0.0561  0.0002  316 VAL A C   
517 O  O   . VAL A 75 ? 0.3426 0.2618 0.2839 0.0663  0.0391  -0.0219 316 VAL A O   
518 C  CB  . VAL A 75 ? 0.3407 0.2566 0.3173 0.0853  0.0487  0.0407  316 VAL A CB  
519 C  CG1 . VAL A 75 ? 0.3503 0.2596 0.3352 0.0775  0.0443  0.0416  316 VAL A CG1 
520 C  CG2 . VAL A 75 ? 0.3318 0.2701 0.3167 0.0789  0.0364  0.0557  316 VAL A CG2 
521 N  N   . ARG A 76 ? 0.3593 0.2735 0.3025 0.1003  0.0553  -0.0086 317 ARG A N   
522 C  CA  . ARG A 76 ? 0.3874 0.2892 0.3252 0.0904  0.0561  -0.0336 317 ARG A CA  
523 C  C   . ARG A 76 ? 0.3747 0.2989 0.3009 0.0919  0.0556  -0.0436 317 ARG A C   
524 O  O   . ARG A 76 ? 0.3884 0.2983 0.3419 0.0786  0.0428  -0.0523 317 ARG A O   
525 C  CB  . ARG A 76 ? 0.4048 0.3076 0.3651 0.1018  0.0695  -0.0434 317 ARG A CB  
526 C  CG  . ARG A 76 ? 0.4522 0.3099 0.4065 0.1063  0.0630  -0.0354 317 ARG A CG  
527 N  N   . VAL A 77 ? 0.3515 0.3151 0.2938 0.0909  0.0506  -0.0281 318 VAL A N   
528 C  CA  . VAL A 77 ? 0.3642 0.3342 0.2949 0.0856  0.0426  -0.0152 318 VAL A CA  
529 C  C   . VAL A 77 ? 0.3383 0.3035 0.2486 0.0687  0.0193  -0.0096 318 VAL A C   
530 O  O   . VAL A 77 ? 0.3132 0.2950 0.2763 0.0700  0.0199  -0.0213 318 VAL A O   
531 C  CB  . VAL A 77 ? 0.4062 0.3749 0.3552 0.0551  0.0308  0.0125  318 VAL A CB  
532 C  CG1 . VAL A 77 ? 0.4084 0.3924 0.3581 0.0553  0.0505  -0.0026 318 VAL A CG1 
533 C  CG2 . VAL A 77 ? 0.4368 0.4118 0.3934 0.0596  0.0015  0.0343  318 VAL A CG2 
534 N  N   . LEU A 78 ? 0.2892 0.2684 0.2463 0.0644  0.0174  -0.0022 319 LEU A N   
535 C  CA  . LEU A 78 ? 0.2877 0.2477 0.2234 0.0491  0.0176  0.0015  319 LEU A CA  
536 C  C   . LEU A 78 ? 0.3069 0.2383 0.2349 0.0435  0.0210  -0.0150 319 LEU A C   
537 O  O   . LEU A 78 ? 0.2883 0.2567 0.2329 0.0174  0.0134  -0.0261 319 LEU A O   
538 C  CB  . LEU A 78 ? 0.2846 0.2563 0.2372 0.0483  0.0016  -0.0065 319 LEU A CB  
539 C  CG  . LEU A 78 ? 0.2874 0.2629 0.2532 0.0368  -0.0004 0.0072  319 LEU A CG  
540 C  CD1 . LEU A 78 ? 0.3028 0.2694 0.2588 0.0354  -0.0105 0.0021  319 LEU A CD1 
541 C  CD2 . LEU A 78 ? 0.2807 0.2636 0.2614 0.0303  -0.0093 0.0066  319 LEU A CD2 
542 N  N   . ARG A 79 ? 0.3166 0.2411 0.2540 0.0465  0.0308  -0.0200 320 ARG A N   
543 C  CA  . ARG A 79 ? 0.3574 0.2389 0.2766 0.0309  0.0268  -0.0215 320 ARG A CA  
544 C  C   . ARG A 79 ? 0.3608 0.2266 0.2763 0.0291  0.0258  -0.0244 320 ARG A C   
545 O  O   . ARG A 79 ? 0.3629 0.2457 0.2847 0.0147  0.0082  -0.0304 320 ARG A O   
546 C  CB  . ARG A 79 ? 0.4051 0.2657 0.3241 0.0676  0.0380  -0.0171 320 ARG A CB  
547 C  CG  . ARG A 79 ? 0.4517 0.3207 0.3757 0.0304  0.0293  -0.0312 320 ARG A CG  
548 C  CD  . ARG A 79 ? 0.5324 0.3624 0.4468 0.0720  0.0281  0.0004  320 ARG A CD  
549 N  NE  . ARG A 79 ? 0.5788 0.4966 0.4661 0.0698  0.0057  0.0006  320 ARG A NE  
550 C  CZ  . ARG A 79 ? 0.5690 0.5919 0.5233 0.0763  0.0154  -0.0078 320 ARG A CZ  
551 N  NH1 . ARG A 79 ? 0.6350 0.6177 0.5467 0.0826  0.0560  -0.0197 320 ARG A NH1 
552 N  NH2 . ARG A 79 ? 0.6182 0.6442 0.5245 0.0371  0.0090  -0.0087 320 ARG A NH2 
553 N  N   . GLU A 80 ? 0.3684 0.2414 0.2785 0.0154  0.0284  -0.0284 321 GLU A N   
554 C  CA  . GLU A 80 ? 0.3896 0.2674 0.2796 0.0095  0.0247  -0.0367 321 GLU A CA  
555 C  C   . GLU A 80 ? 0.3591 0.2528 0.2410 -0.0048 0.0337  -0.0502 321 GLU A C   
556 O  O   . GLU A 80 ? 0.3695 0.2463 0.2584 -0.0060 0.0217  -0.0604 321 GLU A O   
557 C  CB  . GLU A 80 ? 0.4174 0.3145 0.3161 0.0169  0.0548  -0.0409 321 GLU A CB  
558 C  CG  . GLU A 80 ? 0.4860 0.3301 0.3847 0.0401  0.0727  -0.0467 321 GLU A CG  
559 C  CD  . GLU A 80 ? 0.5142 0.4078 0.4462 0.0457  0.1105  -0.0380 321 GLU A CD  
560 O  OE1 . GLU A 80 ? 0.5572 0.4333 0.5136 0.0292  0.1443  -0.0203 321 GLU A OE1 
561 O  OE2 . GLU A 80 ? 0.6187 0.4335 0.5434 0.0902  0.1196  -0.0444 321 GLU A OE2 
562 N  N   . ILE A 81 ? 0.3235 0.2437 0.2323 -0.0020 0.0218  -0.0308 322 ILE A N   
563 C  CA  . ILE A 81 ? 0.3044 0.2511 0.2361 -0.0014 0.0116  -0.0215 322 ILE A CA  
564 C  C   . ILE A 81 ? 0.2921 0.2378 0.2357 -0.0185 -0.0030 -0.0221 322 ILE A C   
565 O  O   . ILE A 81 ? 0.2608 0.2697 0.2620 -0.0434 -0.0125 -0.0203 322 ILE A O   
566 C  CB  . ILE A 81 ? 0.2986 0.2467 0.2465 0.0046  0.0099  -0.0206 322 ILE A CB  
567 C  CG1 . ILE A 81 ? 0.3074 0.2656 0.2588 0.0153  0.0219  -0.0129 322 ILE A CG1 
568 C  CG2 . ILE A 81 ? 0.3116 0.2514 0.2636 0.0103  0.0119  -0.0205 322 ILE A CG2 
569 C  CD1 . ILE A 81 ? 0.2984 0.2738 0.2770 0.0118  0.0243  -0.0123 322 ILE A CD1 
570 N  N   . VAL A 82 ? 0.2687 0.2361 0.2420 -0.0170 0.0000  -0.0205 323 VAL A N   
571 C  CA  . VAL A 82 ? 0.2685 0.2399 0.2518 -0.0083 0.0042  -0.0341 323 VAL A CA  
572 C  C   . VAL A 82 ? 0.2869 0.2531 0.2798 -0.0185 -0.0020 -0.0478 323 VAL A C   
573 O  O   . VAL A 82 ? 0.2867 0.2410 0.2926 -0.0088 -0.0183 -0.0639 323 VAL A O   
574 C  CB  . VAL A 82 ? 0.2695 0.2336 0.2613 0.0058  0.0089  -0.0221 323 VAL A CB  
575 C  CG1 . VAL A 82 ? 0.2779 0.2595 0.2706 0.0062  0.0164  -0.0238 323 VAL A CG1 
576 C  CG2 . VAL A 82 ? 0.2564 0.2342 0.2402 0.0205  0.0112  -0.0251 323 VAL A CG2 
577 N  N   . HIS A 83 ? 0.3157 0.2760 0.3002 -0.0121 0.0034  -0.0651 324 HIS A N   
578 C  CA  . HIS A 83 ? 0.3441 0.3112 0.3384 -0.0392 -0.0089 -0.0743 324 HIS A CA  
579 C  C   . HIS A 83 ? 0.3437 0.3273 0.3388 -0.0399 -0.0261 -0.0878 324 HIS A C   
580 O  O   . HIS A 83 ? 0.3634 0.3533 0.4017 -0.0527 -0.0641 -0.0832 324 HIS A O   
581 C  CB  . HIS A 83 ? 0.3976 0.3083 0.3609 -0.0317 -0.0077 -0.0789 324 HIS A CB  
582 C  CG  . HIS A 83 ? 0.4374 0.3521 0.3867 -0.0373 0.0016  -0.0489 324 HIS A CG  
583 N  ND1 . HIS A 83 ? 0.4959 0.3830 0.4290 -0.0783 -0.0003 -0.0398 324 HIS A ND1 
584 C  CD2 . HIS A 83 ? 0.4463 0.3604 0.3969 -0.0436 -0.0086 -0.0447 324 HIS A CD2 
585 C  CE1 . HIS A 83 ? 0.5084 0.4056 0.4454 -0.0625 -0.0135 -0.0219 324 HIS A CE1 
586 N  NE2 . HIS A 83 ? 0.5060 0.3915 0.4272 -0.0579 -0.0105 -0.0143 324 HIS A NE2 
587 N  N   . LYS A 84 ? 0.3399 0.3284 0.3244 -0.0412 -0.0260 -0.0951 325 LYS A N   
588 C  CA  . LYS A 84 ? 0.3886 0.3786 0.3199 -0.0375 -0.0172 -0.0838 325 LYS A CA  
589 C  C   . LYS A 84 ? 0.3575 0.3753 0.3218 -0.0560 -0.0071 -0.0645 325 LYS A C   
590 O  O   . LYS A 84 ? 0.3412 0.3649 0.3157 -0.0620 0.0174  -0.0545 325 LYS A O   
591 C  CB  . LYS A 84 ? 0.4076 0.3999 0.3298 -0.0447 -0.0103 -0.0732 325 LYS A CB  
592 C  CG  . LYS A 84 ? 0.4681 0.4418 0.3975 -0.0019 0.0020  -0.0918 325 LYS A CG  
593 C  CD  . LYS A 84 ? 0.5560 0.5201 0.4208 -0.0176 0.0147  -0.0631 325 LYS A CD  
594 C  CE  . LYS A 84 ? 0.5963 0.5431 0.5044 -0.0433 0.0035  -0.0705 325 LYS A CE  
595 N  NZ  . LYS A 84 ? 0.6734 0.6278 0.5049 -0.0277 0.0078  -0.0714 325 LYS A NZ  
596 N  N   . PRO A 85 ? 0.3413 0.4286 0.3301 -0.0605 -0.0048 -0.0597 326 PRO A N   
597 C  CA  . PRO A 85 ? 0.3377 0.4165 0.3433 -0.0645 -0.0105 -0.0430 326 PRO A CA  
598 C  C   . PRO A 85 ? 0.3001 0.4186 0.3560 -0.0628 -0.0067 -0.0278 326 PRO A C   
599 O  O   . PRO A 85 ? 0.3141 0.4078 0.4101 -0.0823 0.0108  -0.0192 326 PRO A O   
600 C  CB  . PRO A 85 ? 0.3437 0.4740 0.3523 -0.0662 -0.0176 -0.0429 326 PRO A CB  
601 C  CG  . PRO A 85 ? 0.3897 0.4784 0.3371 -0.0609 -0.0207 -0.0646 326 PRO A CG  
602 C  CD  . PRO A 85 ? 0.3855 0.4496 0.3368 -0.0579 -0.0104 -0.0694 326 PRO A CD  
603 N  N   . GLY A 86 ? 0.3025 0.3754 0.3694 -0.0740 -0.0141 -0.0213 327 GLY A N   
604 C  CA  . GLY A 86 ? 0.3003 0.3734 0.3053 -0.0705 -0.0423 -0.0150 327 GLY A CA  
605 C  C   . GLY A 86 ? 0.3084 0.3204 0.2930 -0.0588 -0.0330 -0.0086 327 GLY A C   
606 O  O   . GLY A 86 ? 0.2983 0.3026 0.2754 -0.0784 -0.0248 -0.0145 327 GLY A O   
607 N  N   . PRO A 87 ? 0.2737 0.3157 0.2339 -0.0599 -0.0378 0.0010  328 PRO A N   
608 C  CA  . PRO A 87 ? 0.2426 0.2947 0.2229 -0.0416 -0.0388 0.0132  328 PRO A CA  
609 C  C   . PRO A 87 ? 0.2423 0.2684 0.2023 -0.0408 -0.0263 0.0125  328 PRO A C   
610 O  O   . PRO A 87 ? 0.2228 0.3061 0.2166 -0.0299 -0.0469 -0.0221 328 PRO A O   
611 C  CB  . PRO A 87 ? 0.2612 0.3004 0.2427 -0.0412 -0.0463 0.0230  328 PRO A CB  
612 C  CG  . PRO A 87 ? 0.3052 0.3211 0.2450 -0.0344 -0.0458 0.0278  328 PRO A CG  
613 C  CD  . PRO A 87 ? 0.2894 0.3462 0.2472 -0.0469 -0.0506 0.0149  328 PRO A CD  
614 N  N   . ILE A 88 ? 0.1915 0.1990 0.1971 -0.0375 -0.0099 0.0129  329 ILE A N   
615 C  CA  . ILE A 88 ? 0.1902 0.1856 0.1940 -0.0271 -0.0029 0.0143  329 ILE A CA  
616 C  C   . ILE A 88 ? 0.1707 0.1885 0.1930 -0.0215 -0.0111 0.0124  329 ILE A C   
617 O  O   . ILE A 88 ? 0.1742 0.1897 0.2317 -0.0186 -0.0083 -0.0126 329 ILE A O   
618 C  CB  . ILE A 88 ? 0.1875 0.1801 0.2016 -0.0231 0.0055  0.0176  329 ILE A CB  
619 C  CG1 . ILE A 88 ? 0.1927 0.1861 0.2205 -0.0299 0.0063  0.0156  329 ILE A CG1 
620 C  CG2 . ILE A 88 ? 0.1900 0.1884 0.2108 -0.0164 0.0066  0.0209  329 ILE A CG2 
621 C  CD1 . ILE A 88 ? 0.1933 0.1870 0.2329 -0.0354 0.0067  0.0219  329 ILE A CD1 
622 N  N   . THR A 89 ? 0.1735 0.1780 0.1883 -0.0106 -0.0097 0.0202  330 THR A N   
623 C  CA  . THR A 89 ? 0.1561 0.1837 0.2005 -0.0129 -0.0164 0.0240  330 THR A CA  
624 C  C   . THR A 89 ? 0.1629 0.1770 0.1746 -0.0085 -0.0149 0.0262  330 THR A C   
625 O  O   . THR A 89 ? 0.1751 0.1883 0.1795 0.0023  -0.0249 0.0116  330 THR A O   
626 C  CB  . THR A 89 ? 0.1737 0.1974 0.2085 -0.0112 -0.0255 0.0367  330 THR A CB  
627 O  OG1 . THR A 89 ? 0.1898 0.2198 0.2436 0.0061  -0.0402 0.0505  330 THR A OG1 
628 C  CG2 . THR A 89 ? 0.1684 0.2022 0.2393 -0.0168 -0.0171 0.0336  330 THR A CG2 
629 N  N   . LEU A 90 ? 0.1666 0.1807 0.1785 -0.0124 -0.0119 0.0183  331 LEU A N   
630 C  CA  . LEU A 90 ? 0.1658 0.1830 0.1831 -0.0132 -0.0138 0.0194  331 LEU A CA  
631 C  C   . LEU A 90 ? 0.1614 0.1779 0.1773 -0.0088 -0.0159 0.0250  331 LEU A C   
632 O  O   . LEU A 90 ? 0.1782 0.1755 0.1927 -0.0106 -0.0187 0.0111  331 LEU A O   
633 C  CB  . LEU A 90 ? 0.1870 0.2005 0.1790 -0.0091 -0.0095 0.0191  331 LEU A CB  
634 C  CG  . LEU A 90 ? 0.2071 0.2030 0.1910 -0.0155 -0.0007 0.0191  331 LEU A CG  
635 C  CD1 . LEU A 90 ? 0.2132 0.2135 0.1958 -0.0091 0.0099  0.0254  331 LEU A CD1 
636 C  CD2 . LEU A 90 ? 0.2160 0.2215 0.2107 -0.0075 -0.0019 0.0308  331 LEU A CD2 
637 N  N   . THR A 91 ? 0.1563 0.1853 0.1792 -0.0086 -0.0264 0.0321  332 THR A N   
638 C  CA  . THR A 91 ? 0.1496 0.1937 0.1948 -0.0134 -0.0325 0.0370  332 THR A CA  
639 C  C   . THR A 91 ? 0.1486 0.2000 0.1905 -0.0130 -0.0306 0.0364  332 THR A C   
640 O  O   . THR A 91 ? 0.1472 0.2031 0.1868 -0.0069 -0.0425 0.0387  332 THR A O   
641 C  CB  . THR A 91 ? 0.1605 0.2087 0.1995 -0.0187 -0.0331 0.0464  332 THR A CB  
642 O  OG1 . THR A 91 ? 0.1582 0.2160 0.2092 -0.0335 -0.0409 0.0457  332 THR A OG1 
643 C  CG2 . THR A 91 ? 0.1749 0.2130 0.2247 -0.0264 -0.0388 0.0446  332 THR A CG2 
644 N  N   . VAL A 92 ? 0.1449 0.1999 0.1998 -0.0187 -0.0251 0.0313  333 VAL A N   
645 C  CA  . VAL A 92 ? 0.1633 0.2202 0.1995 -0.0284 -0.0383 0.0263  333 VAL A CA  
646 C  C   . VAL A 92 ? 0.1813 0.2227 0.2148 -0.0368 -0.0420 0.0298  333 VAL A C   
647 O  O   . VAL A 92 ? 0.1749 0.2231 0.2048 -0.0457 -0.0631 0.0353  333 VAL A O   
648 C  CB  . VAL A 92 ? 0.1740 0.2239 0.2111 -0.0245 -0.0254 0.0273  333 VAL A CB  
649 C  CG1 . VAL A 92 ? 0.1677 0.2296 0.2119 -0.0298 -0.0151 0.0298  333 VAL A CG1 
650 C  CG2 . VAL A 92 ? 0.1865 0.2240 0.2114 -0.0295 -0.0104 0.0253  333 VAL A CG2 
651 N  N   . ALA A 93 ? 0.1928 0.2507 0.2033 -0.0452 -0.0542 0.0351  334 ALA A N   
652 C  CA  . ALA A 93 ? 0.2139 0.2682 0.2144 -0.0604 -0.0638 0.0330  334 ALA A CA  
653 C  C   . ALA A 93 ? 0.2268 0.2920 0.2178 -0.0771 -0.0556 0.0324  334 ALA A C   
654 O  O   . ALA A 93 ? 0.2628 0.3012 0.2153 -0.0588 -0.0519 0.0364  334 ALA A O   
655 C  CB  . ALA A 93 ? 0.2163 0.2853 0.2183 -0.0636 -0.0542 0.0538  334 ALA A CB  
656 N  N   . LYS A 94 ? 0.2534 0.3038 0.2375 -0.0740 -0.0442 0.0252  335 LYS A N   
657 C  CA  . LYS A 94 ? 0.2960 0.3341 0.2371 -0.0886 -0.0414 0.0202  335 LYS A CA  
658 C  C   . LYS A 94 ? 0.3117 0.3986 0.2886 -0.0815 -0.0660 0.0283  335 LYS A C   
659 O  O   . LYS A 94 ? 0.3299 0.4194 0.2805 -0.1110 -0.0726 0.0232  335 LYS A O   
660 C  CB  . LYS A 94 ? 0.3147 0.3272 0.2391 -0.0957 -0.0361 0.0098  335 LYS A CB  
661 C  CG  . LYS A 94 ? 0.3101 0.3177 0.2505 -0.0870 -0.0289 0.0077  335 LYS A CG  
662 C  CD  . LYS A 94 ? 0.3142 0.3109 0.2466 -0.0886 -0.0272 -0.0039 335 LYS A CD  
663 C  CE  . LYS A 94 ? 0.3141 0.3034 0.2472 -0.0954 -0.0256 -0.0006 335 LYS A CE  
664 N  NZ  . LYS A 94 ? 0.3047 0.2895 0.2227 -0.0838 -0.0198 -0.0038 335 LYS A NZ  
665 N  N   . SER A 95 ? 0.3874 0.4360 0.2995 -0.0678 -0.0748 0.0469  336 SER A N   
666 C  CA  . SER A 95 ? 0.4126 0.5302 0.3689 -0.0449 -0.1144 0.0423  336 SER A CA  
667 C  C   . SER A 95 ? 0.4796 0.5689 0.4220 -0.0398 -0.1303 -0.0033 336 SER A C   
668 O  O   . SER A 95 ? 0.5089 0.6708 0.4486 -0.0262 -0.1832 -0.0023 336 SER A O   
669 C  CB  . SER A 95 ? 0.4446 0.5396 0.3968 -0.0417 -0.0819 0.0534  336 SER A CB  
670 O  OG  . SER A 95 ? 0.4997 0.5979 0.4341 -0.0113 -0.0622 0.0264  336 SER A OG  
671 O  OXT . SER A 95 ? 0.5441 0.6179 0.4569 0.0127  -0.1272 -0.0180 336 SER A OXT 
672 C  CAO . QEN B .  ? 0.4118 0.3286 0.3177 -0.0340 -0.0027 0.0444  401 QEN A CAO 
673 C  CAW . QEN B .  ? 0.4637 0.4170 0.3236 -0.0280 0.0027  0.0735  401 QEN A CAW 
674 C  CAL . QEN B .  ? 0.4886 0.4715 0.3464 -0.0051 0.0499  0.0589  401 QEN A CAL 
675 C  CAG . QEN B .  ? 0.4987 0.4882 0.3555 0.0148  0.0271  0.0673  401 QEN A CAG 
676 C  CAF . QEN B .  ? 0.5222 0.4930 0.3485 0.0259  0.0279  0.0847  401 QEN A CAF 
677 C  CAK . QEN B .  ? 0.5652 0.4835 0.3468 0.0132  -0.0013 0.0831  401 QEN A CAK 
678 C  CAV . QEN B .  ? 0.4986 0.4216 0.3515 -0.0110 -0.0003 0.0730  401 QEN A CAV 
679 C  CAM . QEN B .  ? 0.5426 0.4082 0.3676 -0.0019 0.0041  0.0700  401 QEN A CAM 
680 C  CAJ . QEN B .  ? 0.4896 0.3129 0.3776 0.0098  0.0091  0.0521  401 QEN A CAJ 
681 C  CAS . QEN B .  ? 0.3815 0.2908 0.3490 -0.0344 0.0169  0.0235  401 QEN A CAS 
682 S  SAX . QEN B .  ? 0.3374 0.2433 0.2934 -0.0200 0.0276  -0.0386 401 QEN A SAX 
683 O  OAB . QEN B .  ? 0.3487 0.2346 0.2949 -0.0645 0.0069  -0.0507 401 QEN A OAB 
684 O  OAC . QEN B .  ? 0.3774 0.2227 0.3510 -0.0214 0.0492  -0.0672 401 QEN A OAC 
685 N  NAP . QEN B .  ? 0.2933 0.2263 0.2641 -0.0054 -0.0057 0.0040  401 QEN A NAP 
686 C  CAT . QEN B .  ? 0.2878 0.2051 0.2277 0.0106  -0.0016 0.0047  401 QEN A CAT 
687 C  CAI . QEN B .  ? 0.2903 0.2119 0.2354 0.0139  -0.0033 -0.0018 401 QEN A CAI 
688 C  CAH . QEN B .  ? 0.2796 0.2347 0.2594 0.0128  0.0131  -0.0009 401 QEN A CAH 
689 C  CAR . QEN B .  ? 0.3091 0.2082 0.2772 0.0265  0.0233  0.0003  401 QEN A CAR 
690 BR BR1 . QEN B .  ? 0.3031 0.3760 0.3780 0.0446  0.0047  -0.0024 401 QEN A BR1 
691 C  CAN . QEN B .  ? 0.2739 0.2029 0.2348 0.0076  0.0016  0.0075  401 QEN A CAN 
692 C  CAU . QEN B .  ? 0.2609 0.1898 0.2138 0.0198  0.0108  0.0153  401 QEN A CAU 
693 C  CAQ . QEN B .  ? 0.2502 0.1892 0.2048 0.0149  -0.0053 -0.0032 401 QEN A CAQ 
694 O  OAD . QEN B .  ? 0.2499 0.2039 0.2107 0.0228  -0.0076 -0.0093 401 QEN A OAD 
695 O  OAA . QEN B .  ? 0.2223 0.1778 0.2031 0.0178  -0.0093 -0.0032 401 QEN A OAA 
696 C  CAO . QEN C .  ? 0.1875 0.2002 0.2105 -0.0086 -0.0205 0.0249  402 QEN A CAO 
697 C  CAW . QEN C .  ? 0.2062 0.1938 0.2317 -0.0260 -0.0265 0.0327  402 QEN A CAW 
698 C  CAL . QEN C .  ? 0.2465 0.2226 0.2263 -0.0151 -0.0314 0.0325  402 QEN A CAL 
699 C  CAG . QEN C .  ? 0.2749 0.2306 0.2505 0.0011  -0.0297 0.0446  402 QEN A CAG 
700 C  CAF . QEN C .  ? 0.2505 0.2209 0.2608 -0.0072 -0.0302 0.0390  402 QEN A CAF 
701 C  CAK . QEN C .  ? 0.2321 0.2147 0.2524 0.0001  -0.0316 0.0276  402 QEN A CAK 
702 C  CAV . QEN C .  ? 0.2014 0.2066 0.2321 -0.0179 -0.0288 0.0289  402 QEN A CAV 
703 C  CAM . QEN C .  ? 0.2071 0.2001 0.2278 -0.0155 -0.0250 0.0197  402 QEN A CAM 
704 C  CAJ . QEN C .  ? 0.2062 0.2032 0.2166 -0.0073 -0.0110 0.0158  402 QEN A CAJ 
705 C  CAS . QEN C .  ? 0.1899 0.1854 0.2065 -0.0092 -0.0269 0.0177  402 QEN A CAS 
706 S  SAX . QEN C .  ? 0.1815 0.1762 0.1859 -0.0256 -0.0190 0.0134  402 QEN A SAX 
707 O  OAB . QEN C .  ? 0.1705 0.1834 0.1953 -0.0099 -0.0077 0.0032  402 QEN A OAB 
708 O  OAC . QEN C .  ? 0.2014 0.1607 0.1989 -0.0106 -0.0410 0.0032  402 QEN A OAC 
709 N  NAP . QEN C .  ? 0.1748 0.1798 0.1978 -0.0196 -0.0226 0.0298  402 QEN A NAP 
710 C  CAT . QEN C .  ? 0.1787 0.1761 0.1916 -0.0214 -0.0280 0.0317  402 QEN A CAT 
711 C  CAI . QEN C .  ? 0.1877 0.1894 0.1861 -0.0136 -0.0349 0.0330  402 QEN A CAI 
712 C  CAH . QEN C .  ? 0.1964 0.1951 0.1951 -0.0282 -0.0371 0.0424  402 QEN A CAH 
713 C  CAR . QEN C .  ? 0.2144 0.1917 0.2047 -0.0348 -0.0522 0.0366  402 QEN A CAR 
714 BR BR1 . QEN C .  ? 0.2483 0.3220 0.2860 -0.0592 -0.0212 0.0407  402 QEN A BR1 
715 C  CAN . QEN C .  ? 0.1779 0.1827 0.2011 -0.0239 -0.0449 0.0291  402 QEN A CAN 
716 C  CAU . QEN C .  ? 0.1798 0.1810 0.1931 -0.0198 -0.0330 0.0220  402 QEN A CAU 
717 C  CAQ . QEN C .  ? 0.1731 0.1895 0.1979 -0.0175 -0.0368 0.0325  402 QEN A CAQ 
718 O  OAD . QEN C .  ? 0.1777 0.2174 0.1743 -0.0017 -0.0263 0.0416  402 QEN A OAD 
719 O  OAA . QEN C .  ? 0.1865 0.2110 0.1775 -0.0279 -0.0438 0.0393  402 QEN A OAA 
720 C  C1  . EDO D .  ? 0.4836 0.4868 0.5319 0.0857  -0.0114 0.0343  403 EDO A C1  
721 O  O1  . EDO D .  ? 0.4459 0.4794 0.4261 0.0849  0.0089  0.0488  403 EDO A O1  
722 C  C2  . EDO D .  ? 0.5570 0.5648 0.5356 0.0889  -0.0034 0.0189  403 EDO A C2  
723 O  O2  . EDO D .  ? 0.6321 0.5764 0.6271 0.0553  -0.0043 0.0623  403 EDO A O2  
724 C  C1  . EDO E .  ? 0.8061 0.6110 0.3740 0.0418  0.1694  0.0215  404 EDO A C1  
725 O  O1  . EDO E .  ? 0.8517 0.6230 0.3812 0.0437  0.2061  0.0282  404 EDO A O1  
726 C  C2  . EDO E .  ? 0.7577 0.6054 0.4273 0.0465  0.0956  0.0640  404 EDO A C2  
727 O  O2  . EDO E .  ? 0.7208 0.6033 0.4510 0.0656  0.0723  0.0752  404 EDO A O2  
728 C  C1  . EDO F .  ? 0.5813 0.6559 0.6723 0.0936  -0.0990 0.1399  405 EDO A C1  
729 O  O1  . EDO F .  ? 0.6043 0.7098 0.7154 0.0917  -0.0479 0.1054  405 EDO A O1  
730 C  C2  . EDO F .  ? 0.5997 0.6496 0.6890 0.0516  -0.1149 0.1634  405 EDO A C2  
731 O  O2  . EDO F .  ? 0.5911 0.6054 0.6611 0.0488  -0.1348 0.2451  405 EDO A O2  
732 O  O   . HOH G .  ? 0.4439 0.3465 0.3655 0.1247  0.0223  -0.0585 501 HOH A O   
733 O  O   . HOH G .  ? 0.4950 0.4031 0.6147 -0.0659 0.0215  -0.2082 502 HOH A O   
734 O  O   . HOH G .  ? 0.2955 0.2451 0.1877 -0.0298 -0.0107 0.0166  503 HOH A O   
735 O  O   . HOH G .  ? 0.4081 0.4504 0.3014 -0.0714 -0.0500 0.0356  504 HOH A O   
736 O  O   . HOH G .  ? 0.1789 0.1909 0.2666 -0.0307 -0.0570 0.0176  505 HOH A O   
737 O  O   . HOH G .  ? 0.8491 0.4840 0.3964 -0.1716 -0.0954 -0.0056 506 HOH A O   
738 O  O   . HOH G .  ? 0.9154 0.7154 0.9494 0.1023  -0.1276 -0.1476 507 HOH A O   
739 O  O   . HOH G .  ? 0.5310 0.3847 0.3076 -0.0201 -0.0693 0.0025  508 HOH A O   
740 O  O   . HOH G .  ? 0.3897 0.5484 0.4791 -0.0975 -0.1884 0.0757  509 HOH A O   
741 O  O   . HOH G .  ? 0.2450 0.3316 0.3688 -0.0777 0.0049  -0.0790 510 HOH A O   
742 O  O   . HOH G .  ? 0.4161 0.3508 0.3560 0.0087  -0.0195 -0.0795 511 HOH A O   
743 O  O   . HOH G .  ? 0.4661 0.4553 0.3708 0.0545  0.0415  0.0528  512 HOH A O   
744 O  O   . HOH G .  ? 0.5836 0.5751 0.4812 0.1515  0.0201  0.0248  513 HOH A O   
745 O  O   . HOH G .  ? 0.4790 0.4425 0.5832 -0.0165 0.0767  -0.0255 514 HOH A O   
746 O  O   . HOH G .  ? 0.5826 0.3106 0.4629 -0.0016 -0.0286 0.0538  515 HOH A O   
747 O  O   . HOH G .  ? 0.5439 0.4221 0.5543 0.0888  -0.1347 0.0787  516 HOH A O   
748 O  O   . HOH G .  ? 0.3328 0.7044 0.7894 0.0303  0.0668  0.0222  517 HOH A O   
749 O  O   . HOH G .  ? 0.3594 0.6650 0.5819 0.0361  0.1336  -0.0504 518 HOH A O   
750 O  O   . HOH G .  ? 0.3871 0.5523 0.4218 0.0180  -0.0929 -0.0650 519 HOH A O   
751 O  O   . HOH G .  ? 0.9073 0.7916 0.4845 0.0022  -0.0862 -0.1758 520 HOH A O   
752 O  O   . HOH G .  ? 0.5166 0.8967 0.6178 -0.0559 -0.0845 -0.0576 521 HOH A O   
753 O  O   . HOH G .  ? 0.9166 0.5414 0.8108 -0.0794 -0.0269 0.2733  522 HOH A O   
754 O  O   . HOH G .  ? 1.1005 0.5369 0.7592 -0.0608 -0.1742 -0.0641 523 HOH A O   
755 O  O   . HOH G .  ? 0.2343 0.2701 0.2507 -0.0058 -0.0106 -0.0034 524 HOH A O   
756 O  O   . HOH G .  ? 0.1685 0.1689 0.2235 -0.0178 0.0023  -0.0071 525 HOH A O   
757 O  O   . HOH G .  ? 0.1695 0.1569 0.1977 0.0006  0.0152  -0.0053 526 HOH A O   
758 O  O   . HOH G .  ? 0.1886 0.1678 0.1944 0.0238  0.0211  -0.0014 527 HOH A O   
759 O  O   . HOH G .  ? 0.3600 0.6809 0.3685 -0.0600 0.0420  -0.1550 528 HOH A O   
760 O  O   . HOH G .  ? 0.6132 0.3454 0.4323 -0.0072 0.0011  -0.0978 529 HOH A O   
761 O  O   . HOH G .  ? 0.2962 0.3499 0.4169 -0.0612 0.0425  -0.0975 530 HOH A O   
762 O  O   . HOH G .  ? 0.3890 0.5213 0.3627 -0.0705 0.0257  -0.0737 531 HOH A O   
763 O  O   . HOH G .  ? 0.2717 0.4832 0.2702 -0.0417 -0.0125 0.0701  532 HOH A O   
764 O  O   . HOH G .  ? 0.1797 0.1775 0.1984 -0.0460 -0.0275 0.0286  533 HOH A O   
765 O  O   . HOH G .  ? 0.2439 0.4407 0.3244 0.0108  0.0207  0.0609  534 HOH A O   
766 O  O   . HOH G .  ? 0.6410 0.4354 0.4595 0.1089  0.0323  0.0151  535 HOH A O   
767 O  O   . HOH G .  ? 0.4975 0.5007 0.3654 0.1181  -0.0170 0.0254  536 HOH A O   
768 O  O   . HOH G .  ? 0.3452 0.5128 0.2904 0.0040  0.0321  -0.0643 537 HOH A O   
769 O  O   . HOH G .  ? 0.2106 0.2610 0.2082 -0.0492 -0.0361 0.0449  538 HOH A O   
770 O  O   . HOH G .  ? 0.2270 0.1570 0.2031 0.0291  -0.0106 -0.0025 539 HOH A O   
771 O  O   . HOH G .  ? 0.4768 0.4064 0.5620 0.0597  -0.0062 -0.0083 540 HOH A O   
772 O  O   . HOH G .  ? 0.4696 0.4081 0.4188 -0.0902 -0.0723 0.0698  541 HOH A O   
773 O  O   . HOH G .  ? 0.4051 0.3311 0.3051 -0.1226 -0.0762 -0.0184 542 HOH A O   
774 O  O   . HOH G .  ? 0.5488 0.4177 0.3143 -0.0396 0.0209  -0.0245 543 HOH A O   
775 O  O   . HOH G .  ? 0.6200 0.4126 0.5075 -0.0531 0.0002  -0.1022 544 HOH A O   
776 O  O   . HOH G .  ? 0.8382 0.8459 0.6172 0.0399  -0.0292 0.0309  545 HOH A O   
777 O  O   . HOH G .  ? 0.6264 0.5974 0.6803 0.3215  0.0933  -0.0455 546 HOH A O   
778 O  O   . HOH G .  ? 0.5015 0.6790 0.7068 0.2604  0.1343  0.0004  547 HOH A O   
779 O  O   . HOH G .  ? 0.3940 0.3028 0.2956 -0.0380 0.0030  -0.1000 548 HOH A O   
780 O  O   . HOH G .  ? 0.2880 0.6353 0.7560 -0.0155 -0.0148 -0.0291 549 HOH A O   
781 O  O   . HOH G .  ? 0.3921 0.2822 0.2896 0.0752  0.0479  0.0225  550 HOH A O   
782 O  O   . HOH G .  ? 0.4921 0.3938 0.4583 0.0419  0.0524  0.1643  551 HOH A O   
783 O  O   . HOH G .  ? 0.3531 0.3862 0.4689 0.1285  0.1036  0.1943  552 HOH A O   
784 O  O   . HOH G .  ? 0.3409 0.3714 0.4123 0.1240  0.0128  0.0478  553 HOH A O   
785 O  O   . HOH G .  ? 0.2053 0.2311 0.2016 -0.0180 -0.0089 0.0104  554 HOH A O   
786 O  O   . HOH G .  ? 0.6452 0.6997 0.7460 0.0333  -0.1575 -0.0485 555 HOH A O   
787 O  O   . HOH G .  ? 0.6570 0.5596 0.1170 -0.1190 0.0070  0.1246  556 HOH A O   
788 O  O   . HOH G .  ? 0.4566 0.5197 0.7179 0.0281  -0.0526 0.0105  557 HOH A O   
789 O  O   . HOH G .  ? 0.5294 0.6011 0.5292 0.1622  0.0926  0.1166  558 HOH A O   
790 O  O   . HOH G .  ? 1.0004 0.5281 0.4619 0.0793  -0.0896 0.1478  559 HOH A O   
791 O  O   . HOH G .  ? 0.5830 0.8188 0.5865 -0.2539 -0.3846 0.1039  560 HOH A O   
792 O  O   . HOH G .  ? 0.6056 0.4534 0.4154 0.0025  -0.1306 -0.0945 561 HOH A O   
793 O  O   . HOH G .  ? 0.2972 0.2977 0.3622 -0.1205 0.0343  -0.0132 562 HOH A O   
794 O  O   . HOH G .  ? 0.6924 0.5573 0.7647 -0.0422 -0.1533 -0.0926 563 HOH A O   
795 O  O   . HOH G .  ? 0.3612 0.5650 0.4999 -0.0269 -0.0534 -0.0710 564 HOH A O   
796 O  O   . HOH G .  ? 0.5983 0.7284 0.6911 0.0229  0.1218  0.3857  565 HOH A O   
797 O  O   . HOH G .  ? 0.8081 0.6406 0.6888 0.2291  -0.0746 -0.0793 566 HOH A O   
798 O  O   . HOH G .  ? 1.0139 0.4930 0.8501 0.1293  -0.1272 -0.1340 567 HOH A O   
799 O  O   . HOH G .  ? 0.6402 0.8064 0.7262 0.0159  0.1297  0.1472  568 HOH A O   
800 O  O   . HOH G .  ? 0.5505 0.7975 0.5467 0.0146  -0.1883 -0.0974 569 HOH A O   
801 O  O   . HOH G .  ? 0.7361 0.5670 0.9785 0.0089  0.0390  0.0569  570 HOH A O   
802 O  O   . HOH G .  ? 0.5325 0.5732 0.6302 -0.1065 -0.0017 -0.0196 571 HOH A O   
803 O  O   . HOH G .  ? 0.4187 0.3960 0.4383 -0.1192 -0.0206 0.0762  572 HOH A O   
804 O  O   . HOH G .  ? 0.8027 0.6918 0.8403 0.1219  0.0253  0.1177  573 HOH A O   
805 O  O   . HOH G .  ? 0.9869 0.4535 0.6836 0.0973  -0.0823 -0.0927 574 HOH A O   
806 O  O   . HOH G .  ? 0.6751 0.5323 0.3423 -0.0321 0.1217  -0.0904 575 HOH A O   
807 O  O   . HOH G .  ? 0.8388 0.6727 0.5697 0.0034  -0.0505 -0.0062 576 HOH A O   
808 O  O   . HOH G .  ? 0.4213 0.4232 0.5377 -0.0093 -0.0147 -0.0524 577 HOH A O   
809 O  O   . HOH G .  ? 0.5378 0.3501 0.4411 0.1217  -0.0019 -0.0235 578 HOH A O   
810 O  O   . HOH G .  ? 0.8067 0.7757 0.8450 0.1645  -0.1092 0.0356  579 HOH A O   
811 O  O   . HOH G .  ? 0.9016 0.4510 1.0622 0.1117  0.2938  -0.3011 580 HOH A O   
812 O  O   . HOH G .  ? 0.5939 0.4740 0.5474 -0.0008 0.1218  0.0023  581 HOH A O   
813 O  O   . HOH G .  ? 0.8063 0.5797 0.6300 -0.1602 0.0378  -0.0327 582 HOH A O   
814 O  O   . HOH G .  ? 0.3435 0.5316 0.4125 0.0163  -0.0007 0.0638  583 HOH A O   
815 O  O   . HOH G .  ? 0.3924 0.2942 0.4017 -0.0959 0.0628  0.0448  584 HOH A O   
816 O  O   . HOH G .  ? 0.4242 0.6139 0.3249 0.0089  -0.0427 -0.0341 585 HOH A O   
817 O  O   . HOH G .  ? 0.3904 0.5411 0.6944 -0.0368 -0.0615 0.1860  586 HOH A O   
818 O  O   . HOH G .  ? 0.7628 0.6076 0.2391 -0.3227 -0.0572 -0.0130 587 HOH A O   
819 O  O   . HOH G .  ? 0.5091 0.6857 0.5228 -0.1089 -0.1057 0.2122  588 HOH A O   
820 O  O   . HOH G .  ? 0.3601 0.4147 0.4474 0.0922  0.0774  -0.0094 589 HOH A O   
821 O  O   . HOH G .  ? 0.6361 0.5474 0.4602 -0.2782 -0.0340 -0.0207 590 HOH A O   
822 O  O   . HOH G .  ? 0.5794 0.5764 0.6614 0.0348  -0.1574 0.0349  591 HOH A O   
823 O  O   . HOH G .  ? 0.7561 0.6791 0.7301 -0.0358 0.0026  0.1784  592 HOH A O   
824 O  O   . HOH G .  ? 0.6679 0.4536 0.4872 -0.0434 0.1333  -0.0735 593 HOH A O   
825 O  O   . HOH G .  ? 0.5840 0.6803 0.7064 -0.1450 -0.1841 -0.0524 594 HOH A O   
826 O  O   . HOH G .  ? 0.4723 0.4974 0.4772 -0.0324 -0.0245 0.0358  595 HOH A O   
827 O  O   . HOH G .  ? 0.5929 0.5614 0.6996 -0.0547 -0.0822 0.0265  596 HOH A O   
828 O  O   . HOH G .  ? 0.4543 0.4804 0.4220 -0.0305 -0.0839 0.0836  597 HOH A O   
829 O  O   . HOH G .  ? 0.7784 0.7862 0.8194 0.1143  -0.2260 -0.1045 598 HOH A O   
830 O  O   . HOH G .  ? 0.3715 0.4687 0.3904 -0.1258 -0.0953 0.1389  599 HOH A O   
831 O  O   . HOH G .  ? 0.5632 0.6525 0.5809 -0.1151 -0.0873 0.1268  600 HOH A O   
832 O  O   . HOH G .  ? 0.4800 0.2720 0.5018 -0.0254 -0.1132 -0.0098 601 HOH A O   
833 O  O   . HOH G .  ? 0.4607 0.4082 0.4630 -0.0620 0.0132  -0.0107 602 HOH A O   
834 O  O   . HOH G .  ? 0.6514 0.4728 0.5248 -0.0649 -0.0052 -0.0181 603 HOH A O   
# 
